data_4EGF
#
_entry.id   4EGF
#
_cell.length_a   73.800
_cell.length_b   130.750
_cell.length_c   114.970
_cell.angle_alpha   90.000
_cell.angle_beta   103.740
_cell.angle_gamma   90.000
#
_symmetry.space_group_name_H-M   'P 1 21 1'
#
loop_
_entity.id
_entity.type
_entity.pdbx_description
1 polymer 'L-xylulose reductase'
2 water water
#
_entity_poly.entity_id   1
_entity_poly.type   'polypeptide(L)'
_entity_poly.pdbx_seq_one_letter_code
;GPGSMTTTDDRYAGVLRLDGKRALITGATKGIGADIARAFAAAGARLVLSGRDVSELDAARRALGEQFGTDVHTVAIDLA
EPDAPAELARRAAEAFGGLDVLVNNAGISHPQPVVDTDPQLFDATIAVNLRAPALLASAVGKAMVAAGEGGAIITVASAA
ALAPLPDHYAYCTSKAGLVMATKVLARELGPHGIRANSVCPTVVLTEMGQRVWGDEAKSAPMIARIPLGRFAVPHEVSDA
VVWLASDAASMINGVDIPVDGGYTMG
;
_entity_poly.pdbx_strand_id   A,B,C,D,E,F,G,H
#
# COMPACT_ATOMS: atom_id res chain seq x y z
N ASP A 10 -21.45 -1.40 -27.48
CA ASP A 10 -20.91 -1.77 -28.84
C ASP A 10 -21.20 -0.78 -30.07
N ARG A 11 -21.45 -1.29 -31.31
CA ARG A 11 -21.64 -0.50 -32.65
C ARG A 11 -22.63 0.69 -32.79
N TYR A 12 -22.11 1.71 -33.49
CA TYR A 12 -22.69 3.02 -33.48
C TYR A 12 -23.34 3.38 -34.82
N ALA A 13 -24.67 3.35 -34.85
CA ALA A 13 -25.47 3.61 -36.06
C ALA A 13 -26.69 4.46 -35.71
N GLY A 14 -27.44 4.86 -36.72
CA GLY A 14 -28.61 5.73 -36.52
C GLY A 14 -28.26 7.01 -35.79
N VAL A 15 -28.97 7.27 -34.70
CA VAL A 15 -28.80 8.55 -33.95
C VAL A 15 -27.39 8.62 -33.32
N LEU A 16 -26.77 7.47 -33.06
CA LEU A 16 -25.38 7.44 -32.55
C LEU A 16 -24.27 7.63 -33.59
N ARG A 17 -24.62 7.83 -34.85
CA ARG A 17 -23.59 8.31 -35.80
C ARG A 17 -23.06 9.67 -35.33
N LEU A 18 -21.75 9.88 -35.51
CA LEU A 18 -21.13 11.18 -35.31
C LEU A 18 -20.42 11.62 -36.62
N ASP A 19 -21.03 11.34 -37.78
CA ASP A 19 -20.46 11.67 -39.08
C ASP A 19 -20.16 13.13 -39.21
N GLY A 20 -18.92 13.47 -39.54
CA GLY A 20 -18.54 14.87 -39.72
C GLY A 20 -18.46 15.70 -38.43
N LYS A 21 -18.51 15.06 -37.28
CA LYS A 21 -18.41 15.78 -36.02
C LYS A 21 -16.94 15.82 -35.69
N ARG A 22 -16.49 17.01 -35.33
CA ARG A 22 -15.08 17.27 -35.06
C ARG A 22 -14.85 17.25 -33.58
N ALA A 23 -14.01 16.33 -33.12
CA ALA A 23 -13.92 16.02 -31.72
C ALA A 23 -12.48 16.01 -31.29
N LEU A 24 -12.16 16.81 -30.28
CA LEU A 24 -10.85 16.79 -29.63
C LEU A 24 -10.88 15.80 -28.46
N ILE A 25 -10.00 14.82 -28.47
CA ILE A 25 -9.93 13.81 -27.38
C ILE A 25 -8.53 13.82 -26.72
N THR A 26 -8.44 14.24 -25.46
CA THR A 26 -7.12 14.26 -24.77
C THR A 26 -6.83 12.89 -24.08
N GLY A 27 -5.56 12.60 -23.82
CA GLY A 27 -5.16 11.28 -23.25
C GLY A 27 -5.51 10.16 -24.21
N ALA A 28 -5.46 10.48 -25.51
CA ALA A 28 -6.01 9.64 -26.58
C ALA A 28 -5.14 8.44 -27.01
N THR A 29 -3.95 8.25 -26.43
CA THR A 29 -3.01 7.24 -26.98
C THR A 29 -3.02 5.92 -26.24
N LYS A 30 -3.76 5.88 -25.13
CA LYS A 30 -3.74 4.74 -24.21
C LYS A 30 -5.13 4.65 -23.53
N GLY A 31 -5.39 3.51 -22.87
CA GLY A 31 -6.56 3.31 -22.06
C GLY A 31 -7.87 3.95 -22.55
N ILE A 32 -8.61 4.53 -21.60
CA ILE A 32 -9.96 4.99 -21.87
C ILE A 32 -9.96 5.91 -23.10
N GLY A 33 -8.98 6.80 -23.19
CA GLY A 33 -8.94 7.76 -24.30
C GLY A 33 -8.77 7.05 -25.64
N ALA A 34 -7.91 6.04 -25.67
CA ALA A 34 -7.71 5.30 -26.93
C ALA A 34 -9.01 4.60 -27.31
N ASP A 35 -9.72 4.06 -26.32
CA ASP A 35 -10.99 3.38 -26.63
C ASP A 35 -12.09 4.32 -27.11
N ILE A 36 -12.16 5.52 -26.55
CA ILE A 36 -13.14 6.56 -27.00
C ILE A 36 -12.85 7.01 -28.43
N ALA A 37 -11.56 7.16 -28.73
CA ALA A 37 -11.09 7.53 -30.07
C ALA A 37 -11.50 6.46 -31.09
N ARG A 38 -11.26 5.19 -30.75
CA ARG A 38 -11.81 4.07 -31.56
C ARG A 38 -13.34 4.17 -31.77
N ALA A 39 -14.10 4.38 -30.71
CA ALA A 39 -15.56 4.53 -30.82
C ALA A 39 -15.97 5.73 -31.70
N PHE A 40 -15.42 6.88 -31.39
CA PHE A 40 -15.71 8.05 -32.19
C PHE A 40 -15.36 7.82 -33.66
N ALA A 41 -14.22 7.17 -33.88
CA ALA A 41 -13.81 6.81 -35.27
C ALA A 41 -14.84 5.88 -35.92
N ALA A 42 -15.18 4.74 -35.29
CA ALA A 42 -16.26 3.88 -35.78
C ALA A 42 -17.57 4.67 -36.04
N ALA A 43 -17.87 5.62 -35.17
CA ALA A 43 -19.08 6.46 -35.28
C ALA A 43 -19.04 7.50 -36.40
N GLY A 44 -17.88 7.63 -37.04
CA GLY A 44 -17.72 8.46 -38.24
C GLY A 44 -17.28 9.85 -37.94
N ALA A 45 -16.69 10.02 -36.75
CA ALA A 45 -16.20 11.32 -36.30
C ALA A 45 -14.88 11.66 -36.95
N ARG A 46 -14.57 12.95 -36.94
CA ARG A 46 -13.25 13.42 -37.31
C ARG A 46 -12.49 13.80 -36.04
N LEU A 47 -11.25 13.37 -35.93
CA LEU A 47 -10.57 13.38 -34.68
C LEU A 47 -9.35 14.32 -34.62
N VAL A 48 -9.24 15.05 -33.49
CA VAL A 48 -8.01 15.70 -33.09
C VAL A 48 -7.67 15.01 -31.80
N LEU A 49 -6.50 14.35 -31.77
CA LEU A 49 -6.02 13.59 -30.60
C LEU A 49 -4.79 14.30 -29.97
N SER A 50 -4.75 14.39 -28.65
CA SER A 50 -3.60 14.98 -27.99
C SER A 50 -2.94 13.92 -27.14
N GLY A 51 -1.65 14.11 -26.93
CA GLY A 51 -0.89 13.22 -26.10
C GLY A 51 0.54 13.67 -25.94
N ARG A 52 1.22 13.01 -25.02
CA ARG A 52 2.55 13.38 -24.61
C ARG A 52 3.61 12.91 -25.60
N ASP A 53 3.48 11.69 -26.13
CA ASP A 53 4.50 11.08 -26.97
C ASP A 53 4.13 11.21 -28.45
N VAL A 54 5.03 11.77 -29.26
CA VAL A 54 4.79 11.90 -30.70
C VAL A 54 4.73 10.51 -31.33
N SER A 55 5.52 9.58 -30.78
CA SER A 55 5.61 8.22 -31.31
C SER A 55 4.34 7.41 -31.02
N GLU A 56 3.72 7.62 -29.85
CA GLU A 56 2.47 6.95 -29.51
C GLU A 56 1.28 7.56 -30.30
N LEU A 57 1.32 8.87 -30.53
CA LEU A 57 0.30 9.56 -31.30
C LEU A 57 0.21 9.11 -32.75
N ASP A 58 1.34 8.93 -33.43
CA ASP A 58 1.28 8.53 -34.84
C ASP A 58 0.87 7.05 -34.96
N ALA A 59 1.16 6.27 -33.93
CA ALA A 59 0.68 4.89 -33.85
C ALA A 59 -0.83 4.84 -33.69
N ALA A 60 -1.40 5.88 -33.08
CA ALA A 60 -2.86 6.06 -33.00
C ALA A 60 -3.45 6.48 -34.33
N ARG A 61 -2.88 7.50 -34.97
CA ARG A 61 -3.34 7.93 -36.30
C ARG A 61 -3.34 6.74 -37.25
N ARG A 62 -2.30 5.90 -37.16
CA ARG A 62 -2.13 4.75 -38.04
C ARG A 62 -3.20 3.71 -37.78
N ALA A 63 -3.32 3.27 -36.53
CA ALA A 63 -4.29 2.21 -36.17
C ALA A 63 -5.70 2.66 -36.48
N LEU A 64 -5.99 3.95 -36.31
CA LEU A 64 -7.35 4.48 -36.57
C LEU A 64 -7.61 4.69 -38.06
N GLY A 65 -6.62 5.20 -38.77
CA GLY A 65 -6.70 5.31 -40.22
C GLY A 65 -6.89 3.94 -40.85
N GLU A 66 -6.17 2.95 -40.32
CA GLU A 66 -6.20 1.58 -40.81
C GLU A 66 -7.57 0.87 -40.58
N GLN A 67 -8.11 0.97 -39.35
CA GLN A 67 -9.38 0.30 -39.02
C GLN A 67 -10.61 1.02 -39.61
N PHE A 68 -10.58 2.34 -39.68
CA PHE A 68 -11.76 3.11 -40.02
C PHE A 68 -11.59 4.19 -41.09
N GLY A 69 -10.42 4.35 -41.68
CA GLY A 69 -10.19 5.40 -42.70
C GLY A 69 -10.43 6.85 -42.24
N THR A 70 -10.32 7.08 -40.93
CA THR A 70 -10.67 8.34 -40.27
C THR A 70 -9.72 9.51 -40.49
N ASP A 71 -10.29 10.73 -40.55
CA ASP A 71 -9.50 11.97 -40.45
C ASP A 71 -8.92 12.09 -39.04
N VAL A 72 -7.61 11.93 -38.88
CA VAL A 72 -6.98 12.16 -37.57
C VAL A 72 -5.87 13.17 -37.68
N HIS A 73 -5.95 14.23 -36.88
CA HIS A 73 -4.87 15.20 -36.71
C HIS A 73 -4.40 15.10 -35.29
N THR A 74 -3.09 15.15 -35.07
CA THR A 74 -2.56 14.98 -33.73
C THR A 74 -1.85 16.25 -33.26
N VAL A 75 -1.89 16.47 -31.94
CA VAL A 75 -1.05 17.46 -31.28
C VAL A 75 -0.25 16.82 -30.13
N ALA A 76 1.08 16.86 -30.22
CA ALA A 76 1.96 16.36 -29.15
C ALA A 76 2.19 17.48 -28.15
N ILE A 77 1.73 17.28 -26.92
CA ILE A 77 1.81 18.32 -25.92
C ILE A 77 1.74 17.75 -24.50
N ASP A 78 2.37 18.44 -23.56
CA ASP A 78 2.30 18.09 -22.15
C ASP A 78 1.33 19.04 -21.45
N LEU A 79 0.10 18.59 -21.19
CA LEU A 79 -0.88 19.42 -20.47
C LEU A 79 -0.48 19.84 -19.04
N ALA A 80 0.42 19.10 -18.38
CA ALA A 80 1.02 19.59 -17.13
C ALA A 80 1.56 21.05 -17.21
N GLU A 81 1.90 21.51 -18.42
CA GLU A 81 2.52 22.85 -18.63
C GLU A 81 1.47 23.93 -18.60
N PRO A 82 1.76 25.07 -17.98
CA PRO A 82 0.81 26.17 -17.86
C PRO A 82 0.25 26.67 -19.18
N ASP A 83 1.09 26.83 -20.17
CA ASP A 83 0.65 27.33 -21.48
C ASP A 83 -0.08 26.30 -22.38
N ALA A 84 -0.04 25.02 -22.01
CA ALA A 84 -0.52 23.92 -22.88
C ALA A 84 -2.02 23.99 -23.29
N PRO A 85 -2.94 24.14 -22.32
CA PRO A 85 -4.35 24.12 -22.67
C PRO A 85 -4.72 25.15 -23.74
N ALA A 86 -4.20 26.37 -23.59
CA ALA A 86 -4.45 27.46 -24.58
C ALA A 86 -3.86 27.12 -25.96
N GLU A 87 -2.67 26.50 -25.97
CA GLU A 87 -2.07 26.02 -27.23
C GLU A 87 -2.95 24.89 -27.86
N LEU A 88 -3.35 23.91 -27.07
CA LEU A 88 -4.11 22.78 -27.60
C LEU A 88 -5.47 23.24 -28.19
N ALA A 89 -6.14 24.17 -27.51
CA ALA A 89 -7.39 24.72 -28.00
C ALA A 89 -7.21 25.39 -29.35
N ARG A 90 -6.19 26.24 -29.42
CA ARG A 90 -5.86 26.91 -30.67
C ARG A 90 -5.53 25.87 -31.75
N ARG A 91 -4.69 24.91 -31.43
CA ARG A 91 -4.18 24.01 -32.42
C ARG A 91 -5.29 23.09 -32.84
N ALA A 92 -6.09 22.63 -31.88
CA ALA A 92 -7.27 21.79 -32.19
C ALA A 92 -8.26 22.49 -33.11
N ALA A 93 -8.44 23.80 -32.91
CA ALA A 93 -9.34 24.64 -33.73
C ALA A 93 -8.88 24.75 -35.17
N GLU A 94 -7.57 24.77 -35.39
CA GLU A 94 -7.04 24.87 -36.74
C GLU A 94 -7.19 23.58 -37.56
N ALA A 95 -7.34 22.42 -36.93
CA ALA A 95 -7.32 21.17 -37.69
C ALA A 95 -8.47 21.11 -38.68
N PHE A 96 -9.69 21.41 -38.19
CA PHE A 96 -10.92 21.31 -38.99
C PHE A 96 -11.79 22.54 -38.93
N GLY A 97 -11.21 23.68 -38.53
CA GLY A 97 -11.91 24.96 -38.56
C GLY A 97 -13.02 25.11 -37.51
N GLY A 98 -12.91 24.35 -36.42
CA GLY A 98 -13.85 24.46 -35.31
C GLY A 98 -13.99 23.14 -34.56
N LEU A 99 -14.76 23.13 -33.45
CA LEU A 99 -15.01 21.88 -32.71
C LEU A 99 -16.49 21.70 -32.41
N ASP A 100 -16.92 20.47 -32.48
CA ASP A 100 -18.25 20.09 -32.12
C ASP A 100 -18.27 19.38 -30.76
N VAL A 101 -17.22 18.62 -30.45
CA VAL A 101 -17.19 17.78 -29.26
C VAL A 101 -15.82 17.84 -28.62
N LEU A 102 -15.77 18.12 -27.32
CA LEU A 102 -14.55 18.03 -26.57
C LEU A 102 -14.68 16.87 -25.62
N VAL A 103 -13.70 15.95 -25.59
CA VAL A 103 -13.68 14.86 -24.61
C VAL A 103 -12.48 15.04 -23.74
N ASN A 104 -12.70 15.49 -22.49
CA ASN A 104 -11.64 15.79 -21.54
C ASN A 104 -11.26 14.54 -20.79
N ASN A 105 -10.15 13.95 -21.17
CA ASN A 105 -9.71 12.68 -20.63
C ASN A 105 -8.26 12.90 -20.19
N ALA A 106 -8.06 12.85 -18.92
CA ALA A 106 -6.74 13.13 -18.37
C ALA A 106 -6.63 12.25 -17.19
N GLY A 107 -5.43 11.88 -16.84
CA GLY A 107 -5.30 11.14 -15.62
C GLY A 107 -3.89 10.82 -15.31
N ILE A 108 -3.42 11.38 -14.22
CA ILE A 108 -2.34 10.76 -13.51
C ILE A 108 -2.97 10.41 -12.19
N SER A 109 -2.43 9.36 -11.57
CA SER A 109 -2.85 8.95 -10.27
C SER A 109 -1.62 8.59 -9.43
N HIS A 110 -1.48 9.29 -8.31
CA HIS A 110 -0.38 9.11 -7.39
C HIS A 110 -0.89 8.72 -6.05
N PRO A 111 -1.33 7.45 -5.94
CA PRO A 111 -1.97 7.09 -4.70
C PRO A 111 -1.02 7.09 -3.53
N GLN A 112 -1.50 7.49 -2.36
CA GLN A 112 -0.74 7.46 -1.08
C GLN A 112 -1.67 7.81 0.07
N PRO A 113 -1.45 7.19 1.25
CA PRO A 113 -2.31 7.60 2.35
C PRO A 113 -2.39 9.12 2.47
N VAL A 114 -3.54 9.62 2.91
CA VAL A 114 -3.72 11.06 3.05
C VAL A 114 -2.72 11.67 4.05
N VAL A 115 -2.38 10.95 5.12
CA VAL A 115 -1.40 11.46 6.11
C VAL A 115 -0.04 11.70 5.49
N ASP A 116 0.31 10.96 4.43
CA ASP A 116 1.59 11.12 3.72
C ASP A 116 1.53 11.91 2.37
N THR A 117 0.50 12.73 2.17
CA THR A 117 0.34 13.43 0.88
C THR A 117 1.58 14.29 0.53
N ASP A 118 2.14 14.05 -0.64
CA ASP A 118 3.26 14.81 -1.13
C ASP A 118 2.79 16.05 -1.89
N PRO A 119 3.29 17.22 -1.52
CA PRO A 119 2.90 18.46 -2.20
C PRO A 119 3.10 18.46 -3.72
N GLN A 120 4.24 17.95 -4.19
CA GLN A 120 4.52 17.93 -5.63
C GLN A 120 3.49 17.05 -6.33
N LEU A 121 3.26 15.86 -5.77
CA LEU A 121 2.37 14.87 -6.39
C LEU A 121 0.93 15.41 -6.44
N PHE A 122 0.50 16.01 -5.33
CA PHE A 122 -0.76 16.70 -5.26
C PHE A 122 -0.84 17.76 -6.32
N ASP A 123 0.21 18.58 -6.43
CA ASP A 123 0.22 19.68 -7.40
C ASP A 123 0.14 19.20 -8.85
N ALA A 124 0.82 18.09 -9.14
CA ALA A 124 0.87 17.57 -10.52
C ALA A 124 -0.52 17.04 -10.90
N THR A 125 -1.13 16.33 -9.93
CA THR A 125 -2.48 15.82 -10.09
C THR A 125 -3.46 16.95 -10.36
N ILE A 126 -3.46 17.95 -9.50
CA ILE A 126 -4.30 19.13 -9.76
C ILE A 126 -4.04 19.73 -11.14
N ALA A 127 -2.74 19.84 -11.51
CA ALA A 127 -2.41 20.50 -12.80
C ALA A 127 -2.98 19.71 -13.99
N VAL A 128 -2.90 18.37 -13.92
CA VAL A 128 -3.31 17.55 -15.05
C VAL A 128 -4.75 17.13 -14.99
N ASN A 129 -5.26 16.88 -13.78
CA ASN A 129 -6.63 16.34 -13.65
C ASN A 129 -7.73 17.37 -13.55
N LEU A 130 -7.41 18.60 -13.13
CA LEU A 130 -8.43 19.60 -12.88
C LEU A 130 -8.18 20.90 -13.68
N ARG A 131 -6.99 21.48 -13.51
CA ARG A 131 -6.64 22.73 -14.15
C ARG A 131 -6.54 22.65 -15.67
N ALA A 132 -5.82 21.67 -16.19
CA ALA A 132 -5.65 21.62 -17.66
C ALA A 132 -7.03 21.44 -18.37
N PRO A 133 -7.82 20.47 -17.90
CA PRO A 133 -9.13 20.27 -18.53
C PRO A 133 -10.10 21.46 -18.45
N ALA A 134 -10.07 22.17 -17.31
CA ALA A 134 -10.97 23.29 -17.04
C ALA A 134 -10.65 24.45 -17.94
N LEU A 135 -9.36 24.78 -18.01
CA LEU A 135 -8.88 25.82 -18.92
C LEU A 135 -8.97 25.44 -20.41
N LEU A 136 -8.75 24.17 -20.76
CA LEU A 136 -9.04 23.71 -22.15
C LEU A 136 -10.51 23.88 -22.47
N ALA A 137 -11.36 23.49 -21.53
CA ALA A 137 -12.80 23.59 -21.71
C ALA A 137 -13.32 25.04 -21.85
N SER A 138 -12.83 25.98 -21.04
CA SER A 138 -13.32 27.35 -21.13
C SER A 138 -12.92 27.96 -22.48
N ALA A 139 -11.72 27.59 -22.92
CA ALA A 139 -11.18 28.00 -24.22
C ALA A 139 -11.95 27.39 -25.42
N VAL A 140 -12.20 26.10 -25.37
CA VAL A 140 -12.97 25.46 -26.45
C VAL A 140 -14.41 25.98 -26.42
N GLY A 141 -14.92 26.23 -25.21
CA GLY A 141 -16.27 26.78 -25.01
C GLY A 141 -16.46 28.18 -25.60
N LYS A 142 -15.56 29.09 -25.24
CA LYS A 142 -15.50 30.38 -25.87
C LYS A 142 -15.64 30.24 -27.39
N ALA A 143 -14.81 29.42 -28.02
CA ALA A 143 -14.85 29.26 -29.48
C ALA A 143 -16.20 28.67 -29.93
N MET A 144 -16.72 27.69 -29.18
CA MET A 144 -18.00 27.07 -29.54
C MET A 144 -19.14 28.09 -29.47
N VAL A 145 -19.09 29.00 -28.49
CA VAL A 145 -20.09 30.06 -28.39
C VAL A 145 -19.98 30.97 -29.61
N ALA A 146 -18.77 31.33 -29.97
CA ALA A 146 -18.50 32.26 -31.08
C ALA A 146 -19.01 31.67 -32.40
N ALA A 147 -18.76 30.39 -32.65
CA ALA A 147 -19.22 29.76 -33.89
C ALA A 147 -20.75 29.80 -34.00
N GLY A 148 -21.46 29.56 -32.89
CA GLY A 148 -22.93 29.62 -32.87
C GLY A 148 -23.62 28.34 -33.35
N GLU A 149 -22.92 27.21 -33.20
CA GLU A 149 -23.44 25.93 -33.66
C GLU A 149 -23.56 24.88 -32.51
N GLY A 150 -23.63 25.36 -31.28
CA GLY A 150 -23.71 24.48 -30.13
C GLY A 150 -22.45 23.65 -29.98
N GLY A 151 -22.55 22.55 -29.23
CA GLY A 151 -21.46 21.64 -29.00
C GLY A 151 -21.74 20.73 -27.80
N ALA A 152 -20.85 19.77 -27.58
CA ALA A 152 -20.91 18.92 -26.38
C ALA A 152 -19.52 18.86 -25.77
N ILE A 153 -19.44 19.15 -24.47
CA ILE A 153 -18.24 18.91 -23.67
C ILE A 153 -18.50 17.68 -22.77
N ILE A 154 -17.58 16.72 -22.73
CA ILE A 154 -17.80 15.50 -21.93
C ILE A 154 -16.57 15.23 -21.07
N THR A 155 -16.75 15.27 -19.76
CA THR A 155 -15.67 15.10 -18.88
C THR A 155 -15.59 13.64 -18.50
N VAL A 156 -14.42 13.03 -18.68
CA VAL A 156 -14.24 11.68 -18.16
C VAL A 156 -13.60 11.82 -16.81
N ALA A 157 -14.41 11.72 -15.77
CA ALA A 157 -13.97 11.87 -14.39
C ALA A 157 -13.82 10.46 -13.86
N SER A 158 -14.47 10.15 -12.73
CA SER A 158 -14.36 8.84 -12.08
C SER A 158 -15.42 8.73 -11.03
N ALA A 159 -15.74 7.50 -10.63
CA ALA A 159 -16.58 7.28 -9.47
C ALA A 159 -15.90 7.97 -8.26
N ALA A 160 -14.56 8.08 -8.33
CA ALA A 160 -13.81 8.74 -7.27
C ALA A 160 -14.10 10.24 -7.15
N ALA A 161 -14.79 10.84 -8.14
CA ALA A 161 -15.19 12.26 -8.04
C ALA A 161 -16.47 12.41 -7.27
N LEU A 162 -17.15 11.30 -7.04
CA LEU A 162 -18.46 11.30 -6.39
C LEU A 162 -18.40 10.76 -4.99
N ALA A 163 -17.52 9.82 -4.74
CA ALA A 163 -17.37 9.20 -3.46
C ALA A 163 -15.86 9.16 -3.15
N PRO A 164 -15.44 9.51 -1.94
CA PRO A 164 -14.03 9.51 -1.61
C PRO A 164 -13.49 8.08 -1.60
N LEU A 165 -12.21 7.91 -1.92
CA LEU A 165 -11.58 6.58 -1.92
C LEU A 165 -10.22 6.64 -1.20
N PRO A 166 -9.97 5.68 -0.24
CA PRO A 166 -8.70 5.84 0.47
C PRO A 166 -7.52 5.80 -0.50
N ASP A 167 -6.44 6.46 -0.09
CA ASP A 167 -5.24 6.64 -0.88
C ASP A 167 -5.41 7.62 -2.07
N HIS A 168 -6.59 8.20 -2.27
CA HIS A 168 -6.83 8.98 -3.46
C HIS A 168 -7.12 10.45 -3.19
N TYR A 169 -6.52 11.00 -2.14
CA TYR A 169 -6.77 12.37 -1.75
C TYR A 169 -6.75 13.32 -2.94
N ALA A 170 -5.59 13.40 -3.62
CA ALA A 170 -5.40 14.36 -4.74
C ALA A 170 -6.26 13.98 -5.95
N TYR A 171 -6.33 12.68 -6.24
CA TYR A 171 -7.10 12.17 -7.38
C TYR A 171 -8.56 12.54 -7.23
N CYS A 172 -9.18 12.11 -6.11
CA CYS A 172 -10.61 12.41 -5.82
C CYS A 172 -10.87 13.93 -5.81
N THR A 173 -9.97 14.65 -5.15
CA THR A 173 -10.11 16.06 -5.04
C THR A 173 -10.14 16.71 -6.41
N SER A 174 -9.22 16.31 -7.29
CA SER A 174 -9.09 16.93 -8.61
C SER A 174 -10.32 16.67 -9.49
N LYS A 175 -10.77 15.43 -9.50
CA LYS A 175 -11.92 15.04 -10.35
C LYS A 175 -13.28 15.55 -9.85
N ALA A 176 -13.40 15.70 -8.52
CA ALA A 176 -14.58 16.32 -7.93
C ALA A 176 -14.65 17.83 -8.37
N GLY A 177 -13.49 18.49 -8.38
CA GLY A 177 -13.42 19.85 -8.87
C GLY A 177 -13.85 19.94 -10.31
N LEU A 178 -13.42 19.00 -11.15
CA LEU A 178 -13.67 19.10 -12.60
C LEU A 178 -15.14 18.82 -12.89
N VAL A 179 -15.69 17.91 -12.12
CA VAL A 179 -17.13 17.61 -12.20
C VAL A 179 -17.95 18.86 -11.85
N MET A 180 -17.44 19.73 -10.96
CA MET A 180 -18.17 20.96 -10.68
C MET A 180 -17.91 21.97 -11.78
N ALA A 181 -16.68 22.07 -12.26
CA ALA A 181 -16.35 22.92 -13.41
C ALA A 181 -17.30 22.67 -14.57
N THR A 182 -17.48 21.39 -14.87
CA THR A 182 -18.36 20.94 -15.95
C THR A 182 -19.75 21.50 -15.77
N LYS A 183 -20.21 21.51 -14.51
CA LYS A 183 -21.54 21.97 -14.19
C LYS A 183 -21.69 23.46 -14.43
N VAL A 184 -20.65 24.23 -14.13
CA VAL A 184 -20.68 25.68 -14.42
C VAL A 184 -20.66 25.89 -15.91
N LEU A 185 -19.84 25.12 -16.63
CA LEU A 185 -19.91 25.10 -18.11
C LEU A 185 -21.36 24.87 -18.61
N ALA A 186 -22.01 23.83 -18.08
CA ALA A 186 -23.41 23.55 -18.38
C ALA A 186 -24.30 24.73 -18.08
N ARG A 187 -24.10 25.36 -16.92
CA ARG A 187 -24.96 26.47 -16.53
C ARG A 187 -24.78 27.69 -17.46
N GLU A 188 -23.53 28.02 -17.72
CA GLU A 188 -23.24 29.20 -18.52
C GLU A 188 -23.33 29.00 -20.03
N LEU A 189 -22.95 27.83 -20.54
CA LEU A 189 -22.91 27.58 -22.01
C LEU A 189 -24.20 26.89 -22.57
N GLY A 190 -24.96 26.27 -21.67
CA GLY A 190 -26.31 25.75 -21.99
C GLY A 190 -27.18 26.68 -22.84
N PRO A 191 -27.31 27.95 -22.44
CA PRO A 191 -28.18 28.87 -23.23
C PRO A 191 -27.77 28.91 -24.70
N HIS A 192 -26.48 28.73 -24.98
CA HIS A 192 -25.94 28.70 -26.34
C HIS A 192 -25.93 27.35 -27.04
N GLY A 193 -26.60 26.34 -26.48
CA GLY A 193 -26.68 25.01 -27.11
C GLY A 193 -25.49 24.10 -26.84
N ILE A 194 -24.70 24.43 -25.84
CA ILE A 194 -23.54 23.62 -25.49
C ILE A 194 -23.89 22.68 -24.30
N ARG A 195 -23.87 21.38 -24.50
CA ARG A 195 -24.13 20.49 -23.40
C ARG A 195 -22.86 20.09 -22.70
N ALA A 196 -22.82 20.28 -21.39
CA ALA A 196 -21.67 19.81 -20.58
C ALA A 196 -22.12 18.74 -19.58
N ASN A 197 -21.52 17.59 -19.67
CA ASN A 197 -21.82 16.43 -18.76
C ASN A 197 -20.56 15.67 -18.40
N SER A 198 -20.65 14.80 -17.39
CA SER A 198 -19.50 13.99 -17.01
CA SER A 198 -19.52 13.96 -16.93
C SER A 198 -19.86 12.50 -16.98
N VAL A 199 -18.86 11.66 -17.22
CA VAL A 199 -18.98 10.22 -17.01
C VAL A 199 -18.00 9.84 -15.91
N CYS A 200 -18.46 9.06 -14.96
CA CYS A 200 -17.73 8.80 -13.74
C CYS A 200 -17.58 7.31 -13.56
N PRO A 201 -16.61 6.70 -14.23
CA PRO A 201 -16.48 5.26 -14.21
C PRO A 201 -15.84 4.76 -12.93
N THR A 202 -16.18 3.54 -12.51
CA THR A 202 -15.37 2.84 -11.53
C THR A 202 -14.10 2.41 -12.24
N VAL A 203 -13.42 1.41 -11.66
CA VAL A 203 -12.24 0.88 -12.28
C VAL A 203 -12.61 0.36 -13.63
N VAL A 204 -11.79 0.66 -14.63
CA VAL A 204 -12.03 0.22 -16.00
C VAL A 204 -10.84 -0.62 -16.44
N LEU A 205 -11.13 -1.84 -16.91
CA LEU A 205 -10.09 -2.79 -17.30
C LEU A 205 -9.47 -2.48 -18.68
N THR A 206 -8.93 -1.28 -18.82
CA THR A 206 -7.92 -0.99 -19.83
C THR A 206 -6.72 -1.93 -19.57
N GLU A 207 -5.76 -1.98 -20.51
CA GLU A 207 -4.52 -2.75 -20.25
C GLU A 207 -3.91 -2.29 -18.91
N MET A 208 -3.91 -0.99 -18.67
CA MET A 208 -3.29 -0.44 -17.46
C MET A 208 -4.08 -0.75 -16.16
N GLY A 209 -5.38 -0.50 -16.22
CA GLY A 209 -6.28 -0.76 -15.10
C GLY A 209 -6.24 -2.19 -14.62
N GLN A 210 -6.09 -3.13 -15.55
CA GLN A 210 -5.96 -4.54 -15.19
C GLN A 210 -4.66 -4.80 -14.45
N ARG A 211 -3.59 -4.11 -14.80
CA ARG A 211 -2.31 -4.22 -14.09
C ARG A 211 -2.39 -3.62 -12.66
N VAL A 212 -2.91 -2.40 -12.57
CA VAL A 212 -3.07 -1.71 -11.30
C VAL A 212 -4.02 -2.42 -10.34
N TRP A 213 -5.09 -3.04 -10.85
CA TRP A 213 -6.12 -3.69 -10.00
C TRP A 213 -6.13 -5.19 -10.15
N GLY A 214 -5.08 -5.77 -10.71
CA GLY A 214 -5.03 -7.20 -10.96
C GLY A 214 -5.00 -8.03 -9.68
N ASP A 215 -4.30 -7.56 -8.66
CA ASP A 215 -4.16 -8.26 -7.36
C ASP A 215 -5.50 -8.50 -6.69
N GLU A 216 -5.84 -9.76 -6.39
CA GLU A 216 -7.14 -10.09 -5.80
C GLU A 216 -7.42 -9.40 -4.49
N ALA A 217 -6.41 -9.32 -3.63
CA ALA A 217 -6.58 -8.69 -2.32
C ALA A 217 -6.94 -7.19 -2.46
N LYS A 218 -6.57 -6.59 -3.59
CA LYS A 218 -6.89 -5.17 -3.85
C LYS A 218 -8.25 -5.00 -4.56
N SER A 219 -8.56 -5.85 -5.52
CA SER A 219 -9.78 -5.69 -6.29
C SER A 219 -11.02 -6.12 -5.52
N ALA A 220 -10.86 -7.18 -4.71
CA ALA A 220 -11.98 -7.80 -3.97
C ALA A 220 -12.90 -6.86 -3.17
N PRO A 221 -12.34 -5.95 -2.38
CA PRO A 221 -13.18 -5.00 -1.61
C PRO A 221 -13.77 -3.84 -2.46
N MET A 222 -13.18 -3.59 -3.60
CA MET A 222 -13.79 -2.67 -4.52
C MET A 222 -14.98 -3.37 -5.20
N ILE A 223 -14.82 -4.66 -5.55
CA ILE A 223 -15.89 -5.40 -6.22
C ILE A 223 -17.06 -5.70 -5.27
N ALA A 224 -16.75 -6.02 -4.00
CA ALA A 224 -17.80 -6.17 -2.97
C ALA A 224 -18.81 -5.00 -2.99
N ARG A 225 -18.34 -3.82 -3.34
CA ARG A 225 -19.18 -2.59 -3.42
C ARG A 225 -19.91 -2.34 -4.75
N ILE A 226 -19.64 -3.15 -5.76
CA ILE A 226 -20.27 -3.00 -7.07
C ILE A 226 -21.37 -4.07 -7.19
N PRO A 227 -22.65 -3.63 -7.15
CA PRO A 227 -23.69 -4.67 -7.16
C PRO A 227 -23.63 -5.62 -8.36
N LEU A 228 -23.31 -5.05 -9.52
CA LEU A 228 -23.09 -5.82 -10.75
C LEU A 228 -21.91 -6.81 -10.70
N GLY A 229 -21.06 -6.67 -9.67
CA GLY A 229 -20.04 -7.72 -9.33
C GLY A 229 -18.80 -7.78 -10.24
N ARG A 230 -18.47 -6.65 -10.91
CA ARG A 230 -17.33 -6.60 -11.82
C ARG A 230 -16.94 -5.16 -12.10
N PHE A 231 -15.74 -4.97 -12.60
CA PHE A 231 -15.35 -3.66 -13.07
C PHE A 231 -15.89 -3.43 -14.48
N ALA A 232 -15.79 -2.20 -14.92
CA ALA A 232 -16.17 -1.80 -16.26
C ALA A 232 -15.13 -2.21 -17.26
N VAL A 233 -15.53 -2.51 -18.50
CA VAL A 233 -14.60 -2.63 -19.60
C VAL A 233 -14.63 -1.29 -20.41
N PRO A 234 -13.56 -1.00 -21.19
CA PRO A 234 -13.47 0.30 -21.85
C PRO A 234 -14.64 0.72 -22.73
N HIS A 235 -15.21 -0.17 -23.57
CA HIS A 235 -16.32 0.25 -24.48
C HIS A 235 -17.54 0.70 -23.70
N GLU A 236 -17.74 0.13 -22.52
CA GLU A 236 -18.82 0.59 -21.64
C GLU A 236 -18.68 2.06 -21.33
N VAL A 237 -17.45 2.52 -21.11
CA VAL A 237 -17.21 3.96 -21.00
C VAL A 237 -17.45 4.67 -22.33
N SER A 238 -16.94 4.10 -23.43
CA SER A 238 -17.08 4.77 -24.70
C SER A 238 -18.53 4.92 -25.12
N ASP A 239 -19.30 3.87 -24.91
CA ASP A 239 -20.75 3.88 -25.11
C ASP A 239 -21.40 5.11 -24.44
N ALA A 240 -21.09 5.35 -23.17
CA ALA A 240 -21.62 6.52 -22.47
C ALA A 240 -21.23 7.81 -23.17
N VAL A 241 -19.98 7.91 -23.60
CA VAL A 241 -19.47 9.15 -24.17
C VAL A 241 -20.10 9.38 -25.55
N VAL A 242 -20.11 8.36 -26.39
CA VAL A 242 -20.82 8.44 -27.68
C VAL A 242 -22.30 8.84 -27.45
N TRP A 243 -23.00 8.17 -26.54
CA TRP A 243 -24.38 8.58 -26.25
C TRP A 243 -24.44 10.09 -25.93
N LEU A 244 -23.66 10.53 -24.96
CA LEU A 244 -23.70 11.93 -24.54
C LEU A 244 -23.41 12.91 -25.68
N ALA A 245 -22.62 12.49 -26.65
CA ALA A 245 -22.24 13.31 -27.81
C ALA A 245 -23.36 13.45 -28.85
N SER A 246 -24.24 12.45 -28.90
CA SER A 246 -25.22 12.27 -29.97
C SER A 246 -26.50 13.03 -29.71
N ASP A 247 -27.35 13.10 -30.72
CA ASP A 247 -28.69 13.68 -30.55
C ASP A 247 -29.62 12.89 -29.59
N ALA A 248 -29.25 11.65 -29.27
CA ALA A 248 -29.95 10.82 -28.29
C ALA A 248 -29.88 11.38 -26.84
N ALA A 249 -28.98 12.33 -26.62
CA ALA A 249 -28.82 12.99 -25.34
C ALA A 249 -28.96 14.51 -25.51
N SER A 250 -29.90 14.91 -26.37
CA SER A 250 -30.08 16.35 -26.69
C SER A 250 -30.61 17.24 -25.56
N MET A 251 -31.23 16.66 -24.55
CA MET A 251 -31.71 17.42 -23.40
C MET A 251 -30.92 17.11 -22.12
N ILE A 252 -29.79 16.40 -22.27
CA ILE A 252 -28.98 16.00 -21.14
C ILE A 252 -27.86 16.99 -20.95
N ASN A 253 -27.91 17.75 -19.84
CA ASN A 253 -26.94 18.78 -19.59
C ASN A 253 -26.67 18.88 -18.13
N GLY A 254 -25.40 18.97 -17.76
CA GLY A 254 -25.05 19.08 -16.35
C GLY A 254 -25.23 17.81 -15.52
N VAL A 255 -25.22 16.65 -16.16
CA VAL A 255 -25.42 15.36 -15.49
C VAL A 255 -24.11 14.60 -15.24
N ASP A 256 -24.04 13.92 -14.12
CA ASP A 256 -22.95 12.98 -13.88
C ASP A 256 -23.49 11.60 -14.13
N ILE A 257 -22.92 10.88 -15.08
CA ILE A 257 -23.31 9.48 -15.28
C ILE A 257 -22.31 8.52 -14.69
N PRO A 258 -22.66 7.86 -13.59
CA PRO A 258 -21.78 6.81 -13.12
C PRO A 258 -21.81 5.61 -14.07
N VAL A 259 -20.63 5.08 -14.38
CA VAL A 259 -20.52 3.83 -15.08
C VAL A 259 -19.87 2.88 -14.07
N ASP A 260 -20.67 2.46 -13.10
CA ASP A 260 -20.09 1.86 -11.89
C ASP A 260 -20.84 0.69 -11.28
N GLY A 261 -21.77 0.11 -12.03
CA GLY A 261 -22.49 -1.07 -11.56
C GLY A 261 -23.28 -0.88 -10.26
N GLY A 262 -23.52 0.38 -9.85
CA GLY A 262 -24.20 0.71 -8.60
C GLY A 262 -23.32 1.14 -7.42
N TYR A 263 -22.00 1.21 -7.61
CA TYR A 263 -21.06 1.60 -6.54
C TYR A 263 -21.45 2.90 -5.82
N THR A 264 -21.69 3.97 -6.57
CA THR A 264 -21.88 5.27 -5.98
C THR A 264 -23.26 5.48 -5.33
N MET A 265 -24.10 4.44 -5.32
CA MET A 265 -25.31 4.48 -4.49
C MET A 265 -24.94 4.44 -3.02
N GLY A 266 -23.79 3.85 -2.74
CA GLY A 266 -23.37 3.55 -1.38
C GLY A 266 -24.26 2.49 -0.81
N ASP B 10 -23.52 15.76 26.25
CA ASP B 10 -24.59 16.58 25.61
C ASP B 10 -25.63 17.37 26.51
N ARG B 11 -25.19 18.28 27.42
CA ARG B 11 -26.10 19.26 28.14
C ARG B 11 -26.33 20.58 27.36
N TYR B 12 -27.55 21.10 27.48
CA TYR B 12 -28.09 22.15 26.64
C TYR B 12 -28.22 23.46 27.41
N ALA B 13 -27.42 24.45 26.99
CA ALA B 13 -27.33 25.74 27.64
C ALA B 13 -27.05 26.83 26.60
N GLY B 14 -27.14 28.10 27.00
CA GLY B 14 -26.99 29.22 26.07
C GLY B 14 -27.89 29.09 24.83
N VAL B 15 -27.32 29.05 23.65
CA VAL B 15 -28.14 29.08 22.45
C VAL B 15 -28.93 27.76 22.27
N LEU B 16 -28.52 26.70 22.94
CA LEU B 16 -29.20 25.44 22.84
C LEU B 16 -30.30 25.29 23.88
N ARG B 17 -30.60 26.35 24.62
CA ARG B 17 -31.80 26.34 25.45
C ARG B 17 -32.98 26.47 24.53
N LEU B 18 -34.10 25.88 24.96
CA LEU B 18 -35.34 25.96 24.25
C LEU B 18 -36.45 26.27 25.27
N ASP B 19 -36.12 27.13 26.24
CA ASP B 19 -37.06 27.56 27.27
C ASP B 19 -38.31 28.17 26.68
N GLY B 20 -39.45 27.58 27.02
CA GLY B 20 -40.73 28.09 26.57
C GLY B 20 -41.14 27.67 25.17
N LYS B 21 -40.23 27.05 24.41
CA LYS B 21 -40.56 26.53 23.09
C LYS B 21 -41.57 25.38 23.19
N ARG B 22 -42.58 25.46 22.34
CA ARG B 22 -43.70 24.54 22.32
C ARG B 22 -43.47 23.47 21.24
N ALA B 23 -43.19 22.25 21.70
CA ALA B 23 -42.73 21.15 20.84
C ALA B 23 -43.57 19.92 20.94
N LEU B 24 -44.17 19.51 19.81
CA LEU B 24 -44.79 18.19 19.66
C LEU B 24 -43.75 17.17 19.24
N ILE B 25 -43.69 16.06 19.99
CA ILE B 25 -42.77 14.97 19.68
C ILE B 25 -43.56 13.69 19.59
N THR B 26 -43.57 13.08 18.41
CA THR B 26 -44.30 11.83 18.20
C THR B 26 -43.48 10.60 18.59
N GLY B 27 -44.16 9.48 18.75
CA GLY B 27 -43.53 8.24 19.21
C GLY B 27 -42.63 8.58 20.37
N ALA B 28 -43.18 9.32 21.32
CA ALA B 28 -42.35 9.89 22.37
C ALA B 28 -42.00 8.90 23.46
N THR B 29 -42.55 7.70 23.51
CA THR B 29 -42.32 6.84 24.73
C THR B 29 -41.34 5.67 24.57
N LYS B 30 -40.82 5.47 23.37
CA LYS B 30 -39.88 4.41 23.08
C LYS B 30 -38.68 4.93 22.28
N GLY B 31 -37.53 4.29 22.50
CA GLY B 31 -36.32 4.51 21.71
C GLY B 31 -36.07 5.97 21.42
N ILE B 32 -35.80 6.28 20.16
CA ILE B 32 -35.34 7.62 19.76
C ILE B 32 -36.26 8.72 20.33
N GLY B 33 -37.55 8.62 20.05
CA GLY B 33 -38.51 9.62 20.52
C GLY B 33 -38.36 9.96 21.98
N ALA B 34 -38.21 8.94 22.82
CA ALA B 34 -38.08 9.09 24.28
C ALA B 34 -36.83 9.85 24.62
N ASP B 35 -35.77 9.59 23.85
CA ASP B 35 -34.52 10.29 24.10
C ASP B 35 -34.57 11.76 23.64
N ILE B 36 -35.21 12.03 22.49
CA ILE B 36 -35.39 13.43 22.02
C ILE B 36 -36.29 14.16 23.03
N ALA B 37 -37.34 13.50 23.50
CA ALA B 37 -38.20 14.07 24.60
C ALA B 37 -37.38 14.46 25.89
N ARG B 38 -36.53 13.55 26.31
CA ARG B 38 -35.62 13.77 27.44
C ARG B 38 -34.62 14.93 27.18
N ALA B 39 -34.15 15.06 25.94
CA ALA B 39 -33.22 16.14 25.61
C ALA B 39 -33.96 17.44 25.65
N PHE B 40 -35.12 17.44 25.02
CA PHE B 40 -35.94 18.66 24.94
C PHE B 40 -36.40 19.14 26.32
N ALA B 41 -36.70 18.19 27.21
CA ALA B 41 -37.04 18.48 28.58
C ALA B 41 -35.87 19.15 29.28
N ALA B 42 -34.72 18.49 29.24
CA ALA B 42 -33.49 19.06 29.75
C ALA B 42 -33.25 20.51 29.23
N ALA B 43 -33.54 20.74 27.96
CA ALA B 43 -33.22 22.03 27.32
C ALA B 43 -34.21 23.14 27.67
N GLY B 44 -35.23 22.79 28.43
CA GLY B 44 -36.24 23.77 28.88
C GLY B 44 -37.54 23.84 28.08
N ALA B 45 -37.78 22.86 27.22
CA ALA B 45 -38.92 22.90 26.30
C ALA B 45 -40.23 22.62 27.04
N ARG B 46 -41.33 23.19 26.54
CA ARG B 46 -42.67 22.72 26.92
C ARG B 46 -43.11 21.62 25.91
N LEU B 47 -43.56 20.46 26.40
CA LEU B 47 -43.83 19.25 25.51
C LEU B 47 -45.29 18.76 25.34
N VAL B 48 -45.69 18.58 24.09
CA VAL B 48 -46.80 17.69 23.74
C VAL B 48 -46.19 16.37 23.25
N LEU B 49 -46.54 15.27 23.93
CA LEU B 49 -45.96 13.94 23.66
C LEU B 49 -47.07 13.01 23.24
N SER B 50 -46.90 12.36 22.09
CA SER B 50 -47.93 11.48 21.57
C SER B 50 -47.39 10.06 21.49
N GLY B 51 -48.30 9.10 21.54
CA GLY B 51 -47.95 7.66 21.58
C GLY B 51 -49.15 6.75 21.75
N ARG B 52 -48.93 5.45 21.65
CA ARG B 52 -50.01 4.45 21.63
C ARG B 52 -50.32 3.88 22.99
N ASP B 53 -49.41 4.01 23.94
CA ASP B 53 -49.60 3.44 25.27
C ASP B 53 -49.79 4.51 26.35
N VAL B 54 -50.96 4.47 26.97
CA VAL B 54 -51.38 5.49 27.96
C VAL B 54 -50.44 5.58 29.17
N SER B 55 -50.05 4.43 29.72
CA SER B 55 -49.27 4.37 30.93
C SER B 55 -47.82 4.77 30.68
N GLU B 56 -47.26 4.39 29.52
CA GLU B 56 -45.98 4.97 29.08
C GLU B 56 -46.08 6.50 29.02
N LEU B 57 -47.12 7.02 28.43
CA LEU B 57 -47.30 8.49 28.44
C LEU B 57 -47.34 9.08 29.86
N ASP B 58 -47.88 8.30 30.82
CA ASP B 58 -48.00 8.79 32.21
C ASP B 58 -46.66 8.78 32.91
N ALA B 59 -45.99 7.63 32.91
CA ALA B 59 -44.57 7.55 33.28
C ALA B 59 -43.80 8.77 32.73
N ALA B 60 -43.90 8.99 31.41
CA ALA B 60 -43.14 10.04 30.77
C ALA B 60 -43.45 11.40 31.37
N ARG B 61 -44.73 11.74 31.50
CA ARG B 61 -45.13 13.00 32.16
C ARG B 61 -44.52 13.09 33.57
N ARG B 62 -44.62 12.00 34.32
CA ARG B 62 -44.14 11.97 35.70
C ARG B 62 -42.64 12.21 35.72
N ALA B 63 -41.90 11.34 35.03
CA ALA B 63 -40.43 11.42 35.00
C ALA B 63 -39.92 12.80 34.62
N LEU B 64 -40.40 13.34 33.47
CA LEU B 64 -39.83 14.58 32.93
C LEU B 64 -40.26 15.76 33.79
N GLY B 65 -41.45 15.67 34.37
CA GLY B 65 -41.85 16.64 35.38
C GLY B 65 -40.94 16.70 36.60
N GLU B 66 -40.67 15.55 37.25
CA GLU B 66 -39.86 15.59 38.45
C GLU B 66 -38.40 15.84 38.11
N GLN B 67 -37.92 15.26 37.02
CA GLN B 67 -36.51 15.40 36.67
C GLN B 67 -36.18 16.79 36.16
N PHE B 68 -37.06 17.43 35.40
CA PHE B 68 -36.76 18.76 34.82
C PHE B 68 -37.80 19.84 35.08
N GLY B 69 -38.85 19.53 35.83
CA GLY B 69 -39.96 20.47 36.05
C GLY B 69 -40.76 20.78 34.78
N THR B 70 -40.75 19.86 33.81
CA THR B 70 -41.28 20.13 32.49
C THR B 70 -42.82 20.19 32.43
N ASP B 71 -43.29 21.16 31.67
CA ASP B 71 -44.70 21.32 31.31
C ASP B 71 -45.04 20.33 30.19
N VAL B 72 -45.77 19.29 30.55
CA VAL B 72 -46.01 18.16 29.66
C VAL B 72 -47.48 17.87 29.47
N HIS B 73 -47.96 17.84 28.23
CA HIS B 73 -49.32 17.37 27.95
C HIS B 73 -49.22 16.15 27.09
N THR B 74 -49.98 15.11 27.40
CA THR B 74 -49.91 13.90 26.59
C THR B 74 -51.16 13.73 25.71
N VAL B 75 -50.96 13.09 24.56
CA VAL B 75 -52.03 12.70 23.65
C VAL B 75 -51.84 11.21 23.31
N ALA B 76 -52.73 10.36 23.80
CA ALA B 76 -52.72 8.93 23.43
C ALA B 76 -53.54 8.74 22.15
N ILE B 77 -52.88 8.39 21.07
CA ILE B 77 -53.51 8.29 19.77
C ILE B 77 -52.64 7.40 18.89
N ASP B 78 -53.26 6.68 17.97
CA ASP B 78 -52.55 5.94 16.95
C ASP B 78 -52.71 6.77 15.71
N LEU B 79 -51.61 7.15 15.07
CA LEU B 79 -51.67 8.03 13.89
C LEU B 79 -52.23 7.34 12.63
N ALA B 80 -52.56 6.05 12.73
CA ALA B 80 -53.29 5.30 11.70
C ALA B 80 -54.84 5.33 11.89
N GLU B 81 -55.31 5.73 13.07
CA GLU B 81 -56.72 6.02 13.34
C GLU B 81 -57.24 7.14 12.42
N PRO B 82 -58.53 7.06 12.02
CA PRO B 82 -59.13 8.03 11.07
C PRO B 82 -58.91 9.49 11.46
N ASP B 83 -58.35 10.28 10.57
CA ASP B 83 -58.17 11.71 10.83
C ASP B 83 -57.15 11.99 11.96
N ALA B 84 -56.30 11.03 12.26
CA ALA B 84 -55.37 11.17 13.43
C ALA B 84 -54.33 12.30 13.25
N PRO B 85 -53.73 12.43 12.05
CA PRO B 85 -52.82 13.54 11.78
C PRO B 85 -53.45 14.92 12.02
N ALA B 86 -54.61 15.18 11.41
CA ALA B 86 -55.30 16.44 11.65
C ALA B 86 -55.64 16.58 13.15
N GLU B 87 -56.11 15.49 13.76
CA GLU B 87 -56.57 15.55 15.13
C GLU B 87 -55.38 15.80 16.03
N LEU B 88 -54.27 15.08 15.80
CA LEU B 88 -53.10 15.29 16.64
C LEU B 88 -52.50 16.69 16.44
N ALA B 89 -52.48 17.17 15.19
CA ALA B 89 -51.96 18.53 14.92
C ALA B 89 -52.75 19.53 15.76
N ARG B 90 -54.07 19.49 15.66
CA ARG B 90 -54.91 20.45 16.33
C ARG B 90 -54.72 20.41 17.85
N ARG B 91 -54.85 19.21 18.42
CA ARG B 91 -54.75 19.05 19.86
C ARG B 91 -53.44 19.59 20.38
N ALA B 92 -52.36 19.34 19.61
CA ALA B 92 -51.01 19.77 19.97
C ALA B 92 -50.89 21.28 19.95
N ALA B 93 -51.33 21.94 18.87
CA ALA B 93 -51.32 23.41 18.80
C ALA B 93 -52.10 24.00 19.96
N GLU B 94 -53.19 23.35 20.31
CA GLU B 94 -54.04 23.88 21.36
C GLU B 94 -53.39 23.80 22.73
N ALA B 95 -52.67 22.70 23.01
CA ALA B 95 -52.13 22.48 24.30
C ALA B 95 -51.51 23.72 24.95
N PHE B 96 -50.73 24.50 24.21
CA PHE B 96 -50.06 25.68 24.77
C PHE B 96 -50.30 26.95 23.95
N GLY B 97 -51.34 26.94 23.13
CA GLY B 97 -51.68 28.09 22.27
C GLY B 97 -50.82 28.26 21.03
N GLY B 98 -50.32 27.15 20.47
CA GLY B 98 -49.36 27.21 19.39
C GLY B 98 -48.23 26.22 19.56
N LEU B 99 -47.63 25.84 18.43
CA LEU B 99 -46.43 24.97 18.36
C LEU B 99 -45.27 25.74 17.73
N ASP B 100 -44.11 25.67 18.37
CA ASP B 100 -42.91 26.22 17.79
C ASP B 100 -42.03 25.13 17.10
N VAL B 101 -42.17 23.89 17.54
CA VAL B 101 -41.41 22.81 16.99
C VAL B 101 -42.25 21.56 16.79
N LEU B 102 -42.05 20.89 15.66
CA LEU B 102 -42.47 19.50 15.53
C LEU B 102 -41.26 18.58 15.33
N VAL B 103 -41.17 17.53 16.12
CA VAL B 103 -40.24 16.46 15.86
C VAL B 103 -41.07 15.36 15.30
N ASN B 104 -40.95 15.14 13.98
CA ASN B 104 -41.72 14.13 13.27
C ASN B 104 -41.03 12.73 13.36
N ASN B 105 -41.38 11.98 14.39
CA ASN B 105 -40.67 10.75 14.72
C ASN B 105 -41.58 9.56 14.61
N ALA B 106 -41.27 8.67 13.69
CA ALA B 106 -42.01 7.42 13.56
C ALA B 106 -41.11 6.44 12.88
N GLY B 107 -41.38 5.16 13.09
CA GLY B 107 -40.58 4.16 12.44
C GLY B 107 -41.03 2.78 12.69
N ILE B 108 -41.47 2.09 11.63
CA ILE B 108 -41.48 0.60 11.64
C ILE B 108 -40.57 0.10 10.56
N SER B 109 -40.23 -1.18 10.65
CA SER B 109 -39.42 -1.83 9.65
C SER B 109 -39.76 -3.32 9.56
N HIS B 110 -40.05 -3.78 8.35
CA HIS B 110 -40.44 -5.19 8.06
C HIS B 110 -39.51 -5.76 7.00
N PRO B 111 -38.29 -6.12 7.41
CA PRO B 111 -37.26 -6.45 6.44
C PRO B 111 -37.52 -7.77 5.71
N GLN B 112 -37.20 -7.76 4.42
CA GLN B 112 -37.54 -8.82 3.47
C GLN B 112 -36.71 -8.64 2.20
N PRO B 113 -36.29 -9.74 1.57
CA PRO B 113 -35.75 -9.55 0.23
C PRO B 113 -36.73 -8.84 -0.71
N VAL B 114 -36.21 -7.99 -1.59
CA VAL B 114 -37.06 -7.29 -2.55
C VAL B 114 -37.90 -8.28 -3.38
N VAL B 115 -37.32 -9.41 -3.79
CA VAL B 115 -38.10 -10.43 -4.52
C VAL B 115 -39.29 -10.98 -3.73
N ASP B 116 -39.25 -10.82 -2.39
CA ASP B 116 -40.34 -11.35 -1.54
C ASP B 116 -41.24 -10.31 -0.89
N THR B 117 -41.15 -9.09 -1.36
CA THR B 117 -41.89 -7.99 -0.75
C THR B 117 -43.36 -8.36 -0.64
N ASP B 118 -43.89 -8.31 0.58
CA ASP B 118 -45.31 -8.51 0.84
C ASP B 118 -46.06 -7.17 0.81
N PRO B 119 -47.08 -7.06 -0.07
CA PRO B 119 -47.92 -5.87 -0.21
C PRO B 119 -48.47 -5.27 1.09
N GLN B 120 -48.94 -6.13 1.99
CA GLN B 120 -49.43 -5.68 3.29
C GLN B 120 -48.32 -5.00 4.09
N LEU B 121 -47.16 -5.65 4.19
CA LEU B 121 -46.02 -5.09 4.90
C LEU B 121 -45.51 -3.80 4.17
N PHE B 122 -45.46 -3.81 2.84
CA PHE B 122 -45.12 -2.60 2.09
C PHE B 122 -46.02 -1.47 2.52
N ASP B 123 -47.33 -1.71 2.47
CA ASP B 123 -48.32 -0.67 2.74
C ASP B 123 -48.23 -0.19 4.17
N ALA B 124 -48.01 -1.12 5.08
CA ALA B 124 -47.92 -0.77 6.47
C ALA B 124 -46.77 0.19 6.66
N THR B 125 -45.65 -0.11 6.00
CA THR B 125 -44.45 0.65 6.16
C THR B 125 -44.69 2.07 5.59
N ILE B 126 -45.36 2.17 4.44
CA ILE B 126 -45.67 3.49 3.83
C ILE B 126 -46.62 4.25 4.75
N ALA B 127 -47.56 3.55 5.37
CA ALA B 127 -48.59 4.21 6.19
C ALA B 127 -47.98 4.91 7.39
N VAL B 128 -47.12 4.16 8.09
CA VAL B 128 -46.57 4.62 9.35
C VAL B 128 -45.36 5.53 9.15
N ASN B 129 -44.53 5.26 8.15
CA ASN B 129 -43.28 5.97 7.97
C ASN B 129 -43.45 7.25 7.05
N LEU B 130 -44.40 7.24 6.14
CA LEU B 130 -44.51 8.30 5.09
C LEU B 130 -45.82 9.06 5.20
N ARG B 131 -46.94 8.35 5.08
CA ARG B 131 -48.25 8.96 5.02
C ARG B 131 -48.63 9.79 6.26
N ALA B 132 -48.58 9.17 7.40
CA ALA B 132 -48.99 9.88 8.61
C ALA B 132 -48.00 10.98 8.99
N PRO B 133 -46.69 10.73 8.89
CA PRO B 133 -45.83 11.87 9.17
C PRO B 133 -45.99 13.02 8.16
N ALA B 134 -46.24 12.70 6.91
CA ALA B 134 -46.33 13.74 5.90
C ALA B 134 -47.52 14.66 6.18
N LEU B 135 -48.64 14.05 6.61
CA LEU B 135 -49.90 14.77 6.73
C LEU B 135 -49.99 15.47 8.09
N LEU B 136 -49.28 14.94 9.08
CA LEU B 136 -49.13 15.63 10.36
C LEU B 136 -48.40 16.91 10.12
N ALA B 137 -47.33 16.85 9.31
CA ALA B 137 -46.46 18.01 9.06
C ALA B 137 -47.15 19.13 8.23
N SER B 138 -47.89 18.74 7.19
CA SER B 138 -48.60 19.71 6.39
C SER B 138 -49.66 20.46 7.27
N ALA B 139 -50.32 19.72 8.17
CA ALA B 139 -51.32 20.31 9.08
C ALA B 139 -50.66 21.21 10.12
N VAL B 140 -49.62 20.70 10.74
CA VAL B 140 -48.88 21.52 11.68
C VAL B 140 -48.36 22.77 11.00
N GLY B 141 -47.82 22.60 9.81
CA GLY B 141 -47.24 23.71 9.03
C GLY B 141 -48.24 24.80 8.71
N LYS B 142 -49.46 24.40 8.31
CA LYS B 142 -50.57 25.33 8.08
C LYS B 142 -50.84 26.20 9.33
N ALA B 143 -50.89 25.55 10.51
CA ALA B 143 -51.14 26.26 11.78
C ALA B 143 -49.94 27.17 12.13
N MET B 144 -48.73 26.70 11.83
CA MET B 144 -47.56 27.56 11.98
C MET B 144 -47.67 28.79 11.10
N VAL B 145 -48.05 28.61 9.84
CA VAL B 145 -48.23 29.76 8.95
C VAL B 145 -49.34 30.72 9.46
N ALA B 146 -50.47 30.21 9.88
CA ALA B 146 -51.56 31.08 10.32
C ALA B 146 -51.13 31.93 11.53
N ALA B 147 -50.39 31.31 12.46
CA ALA B 147 -50.01 31.95 13.73
C ALA B 147 -48.92 33.02 13.57
N GLY B 148 -48.05 32.87 12.57
CA GLY B 148 -47.10 33.90 12.19
C GLY B 148 -45.91 34.15 13.12
N GLU B 149 -45.44 33.09 13.78
CA GLU B 149 -44.31 33.17 14.69
C GLU B 149 -43.19 32.27 14.20
N GLY B 150 -43.20 31.99 12.90
CA GLY B 150 -42.21 31.07 12.34
C GLY B 150 -42.30 29.74 13.08
N GLY B 151 -41.25 28.91 12.98
CA GLY B 151 -41.18 27.60 13.68
C GLY B 151 -40.19 26.64 13.06
N ALA B 152 -40.11 25.43 13.63
CA ALA B 152 -39.17 24.40 13.17
C ALA B 152 -39.79 23.02 13.12
N ILE B 153 -39.44 22.28 12.08
CA ILE B 153 -39.95 20.93 11.84
C ILE B 153 -38.73 20.10 11.63
N ILE B 154 -38.59 19.01 12.40
CA ILE B 154 -37.44 18.14 12.26
C ILE B 154 -37.90 16.73 12.00
N THR B 155 -37.55 16.20 10.85
CA THR B 155 -37.93 14.85 10.51
C THR B 155 -36.87 13.91 11.02
N VAL B 156 -37.26 12.91 11.83
CA VAL B 156 -36.38 11.81 12.12
C VAL B 156 -36.49 10.78 10.95
N ALA B 157 -35.55 10.82 10.02
CA ALA B 157 -35.53 9.91 8.89
C ALA B 157 -34.47 8.85 9.16
N SER B 158 -33.65 8.55 8.17
CA SER B 158 -32.66 7.50 8.27
C SER B 158 -31.61 7.70 7.22
N ALA B 159 -30.41 7.18 7.49
CA ALA B 159 -29.41 6.93 6.43
C ALA B 159 -30.02 6.12 5.25
N ALA B 160 -30.95 5.18 5.55
CA ALA B 160 -31.76 4.45 4.51
C ALA B 160 -32.56 5.34 3.58
N ALA B 161 -32.87 6.55 4.02
CA ALA B 161 -33.47 7.55 3.11
C ALA B 161 -32.49 7.89 2.01
N LEU B 162 -31.18 7.81 2.32
CA LEU B 162 -30.12 8.36 1.48
C LEU B 162 -29.34 7.33 0.65
N ALA B 163 -29.17 6.13 1.20
CA ALA B 163 -28.51 5.05 0.50
C ALA B 163 -29.36 3.81 0.68
N PRO B 164 -29.57 3.06 -0.41
CA PRO B 164 -30.37 1.86 -0.42
C PRO B 164 -29.71 0.76 0.41
N LEU B 165 -30.54 -0.08 1.03
CA LEU B 165 -30.09 -1.14 1.97
C LEU B 165 -30.78 -2.48 1.71
N PRO B 166 -30.00 -3.58 1.64
CA PRO B 166 -30.66 -4.86 1.39
C PRO B 166 -31.73 -5.23 2.43
N ASP B 167 -32.85 -5.79 1.94
CA ASP B 167 -34.03 -6.16 2.73
C ASP B 167 -34.82 -4.98 3.21
N HIS B 168 -34.53 -3.79 2.71
CA HIS B 168 -35.17 -2.59 3.18
C HIS B 168 -35.90 -1.81 2.10
N TYR B 169 -36.45 -2.52 1.09
CA TYR B 169 -37.23 -1.89 -0.01
C TYR B 169 -38.25 -0.86 0.49
N ALA B 170 -39.26 -1.35 1.20
CA ALA B 170 -40.29 -0.48 1.74
C ALA B 170 -39.74 0.58 2.72
N TYR B 171 -38.83 0.17 3.60
CA TYR B 171 -38.28 1.08 4.62
C TYR B 171 -37.60 2.28 3.92
N CYS B 172 -36.66 1.95 3.02
CA CYS B 172 -35.88 2.91 2.34
C CYS B 172 -36.78 3.81 1.57
N THR B 173 -37.69 3.20 0.81
CA THR B 173 -38.65 3.94 0.00
C THR B 173 -39.41 4.96 0.82
N SER B 174 -39.85 4.57 2.01
CA SER B 174 -40.70 5.41 2.85
C SER B 174 -39.94 6.61 3.38
N LYS B 175 -38.70 6.34 3.80
CA LYS B 175 -37.86 7.37 4.41
C LYS B 175 -37.36 8.37 3.40
N ALA B 176 -37.07 7.89 2.20
CA ALA B 176 -36.65 8.76 1.12
C ALA B 176 -37.80 9.72 0.68
N GLY B 177 -38.99 9.19 0.59
CA GLY B 177 -40.15 10.02 0.35
C GLY B 177 -40.40 11.08 1.43
N LEU B 178 -40.32 10.68 2.70
CA LEU B 178 -40.51 11.64 3.80
C LEU B 178 -39.49 12.76 3.73
N VAL B 179 -38.25 12.42 3.38
CA VAL B 179 -37.15 13.36 3.28
C VAL B 179 -37.43 14.40 2.20
N MET B 180 -37.99 13.97 1.10
CA MET B 180 -38.36 14.87 0.02
C MET B 180 -39.57 15.69 0.45
N ALA B 181 -40.46 15.05 1.20
CA ALA B 181 -41.64 15.72 1.75
C ALA B 181 -41.15 16.91 2.61
N THR B 182 -40.11 16.62 3.38
CA THR B 182 -39.51 17.64 4.25
C THR B 182 -38.96 18.85 3.44
N LYS B 183 -38.33 18.58 2.30
CA LYS B 183 -37.77 19.63 1.46
C LYS B 183 -38.81 20.50 0.81
N VAL B 184 -39.96 19.94 0.45
CA VAL B 184 -41.08 20.78 -0.03
C VAL B 184 -41.58 21.75 1.06
N LEU B 185 -41.75 21.24 2.26
CA LEU B 185 -42.04 22.10 3.41
C LEU B 185 -41.00 23.21 3.50
N ALA B 186 -39.72 22.81 3.53
CA ALA B 186 -38.60 23.78 3.58
C ALA B 186 -38.77 24.88 2.52
N ARG B 187 -39.06 24.45 1.29
CA ARG B 187 -39.22 25.36 0.15
C ARG B 187 -40.42 26.35 0.27
N GLU B 188 -41.58 25.87 0.71
CA GLU B 188 -42.81 26.70 0.72
C GLU B 188 -43.00 27.46 2.04
N LEU B 189 -42.63 26.83 3.15
CA LEU B 189 -42.81 27.40 4.47
C LEU B 189 -41.61 28.25 4.91
N GLY B 190 -40.44 28.04 4.28
CA GLY B 190 -39.30 28.92 4.44
C GLY B 190 -39.62 30.43 4.43
N PRO B 191 -40.33 30.92 3.41
CA PRO B 191 -40.66 32.35 3.39
C PRO B 191 -41.51 32.83 4.57
N HIS B 192 -42.08 31.91 5.35
CA HIS B 192 -42.84 32.26 6.57
C HIS B 192 -42.01 32.10 7.82
N GLY B 193 -40.71 31.93 7.64
CA GLY B 193 -39.81 31.74 8.78
C GLY B 193 -39.91 30.35 9.37
N ILE B 194 -40.53 29.42 8.65
CA ILE B 194 -40.56 28.03 9.11
C ILE B 194 -39.45 27.26 8.44
N ARG B 195 -38.66 26.51 9.26
CA ARG B 195 -37.46 25.78 8.80
C ARG B 195 -37.74 24.31 8.94
N ALA B 196 -37.53 23.58 7.85
CA ALA B 196 -37.80 22.15 7.80
C ALA B 196 -36.50 21.47 7.33
N ASN B 197 -36.06 20.50 8.13
CA ASN B 197 -34.81 19.77 7.95
C ASN B 197 -35.04 18.34 8.48
N SER B 198 -34.21 17.38 8.01
CA SER B 198 -34.20 15.97 8.47
C SER B 198 -32.90 15.57 9.18
N VAL B 199 -32.99 14.61 10.11
CA VAL B 199 -31.81 13.90 10.60
C VAL B 199 -31.87 12.45 10.09
N CYS B 200 -30.75 11.96 9.63
CA CYS B 200 -30.67 10.74 8.92
C CYS B 200 -29.68 9.72 9.63
N PRO B 201 -30.09 9.18 10.77
CA PRO B 201 -29.13 8.29 11.49
C PRO B 201 -28.84 6.97 10.82
N THR B 202 -27.61 6.47 10.99
CA THR B 202 -27.38 5.03 10.79
C THR B 202 -28.09 4.25 11.91
N VAL B 203 -27.76 2.96 12.10
CA VAL B 203 -28.34 2.19 13.19
C VAL B 203 -28.09 2.94 14.47
N VAL B 204 -29.13 3.07 15.30
CA VAL B 204 -29.01 3.68 16.62
C VAL B 204 -29.21 2.66 17.70
N LEU B 205 -28.29 2.64 18.64
CA LEU B 205 -28.32 1.66 19.72
C LEU B 205 -29.33 2.01 20.81
N THR B 206 -30.60 2.08 20.41
CA THR B 206 -31.71 2.10 21.37
C THR B 206 -31.82 0.66 21.87
N GLU B 207 -32.67 0.45 22.88
CA GLU B 207 -32.91 -0.90 23.40
C GLU B 207 -33.22 -1.85 22.23
N MET B 208 -34.16 -1.46 21.36
CA MET B 208 -34.54 -2.26 20.19
C MET B 208 -33.33 -2.42 19.25
N GLY B 209 -32.65 -1.31 18.96
CA GLY B 209 -31.40 -1.35 18.17
C GLY B 209 -30.40 -2.43 18.62
N GLN B 210 -30.09 -2.48 19.92
CA GLN B 210 -29.19 -3.48 20.47
CA GLN B 210 -29.18 -3.50 20.45
C GLN B 210 -29.73 -4.89 20.20
N ARG B 211 -31.02 -5.07 20.41
CA ARG B 211 -31.68 -6.38 20.25
C ARG B 211 -31.54 -6.89 18.80
N VAL B 212 -31.64 -5.97 17.82
CA VAL B 212 -31.76 -6.34 16.41
C VAL B 212 -30.41 -6.36 15.67
N TRP B 213 -29.51 -5.44 16.06
CA TRP B 213 -28.19 -5.32 15.44
C TRP B 213 -27.09 -5.76 16.38
N GLY B 214 -27.44 -6.52 17.41
CA GLY B 214 -26.48 -6.85 18.46
C GLY B 214 -25.43 -7.86 18.05
N ASP B 215 -25.80 -8.76 17.15
CA ASP B 215 -24.90 -9.82 16.67
C ASP B 215 -23.70 -9.22 15.91
N GLU B 216 -22.47 -9.49 16.37
CA GLU B 216 -21.26 -8.95 15.75
C GLU B 216 -21.21 -9.25 14.23
N ALA B 217 -21.35 -10.53 13.86
CA ALA B 217 -21.22 -10.94 12.46
C ALA B 217 -22.38 -10.48 11.55
N LYS B 218 -23.54 -10.15 12.12
CA LYS B 218 -24.65 -9.59 11.33
C LYS B 218 -24.43 -8.08 11.09
N SER B 219 -23.92 -7.42 12.12
CA SER B 219 -23.67 -6.00 12.07
C SER B 219 -22.31 -5.66 11.47
N ALA B 220 -21.41 -6.64 11.35
CA ALA B 220 -20.03 -6.41 10.87
C ALA B 220 -19.95 -5.72 9.51
N PRO B 221 -20.70 -6.23 8.49
CA PRO B 221 -20.73 -5.59 7.16
C PRO B 221 -21.21 -4.13 7.20
N MET B 222 -22.20 -3.88 8.03
CA MET B 222 -22.70 -2.55 8.27
C MET B 222 -21.62 -1.63 8.84
N ILE B 223 -20.99 -2.08 9.91
CA ILE B 223 -19.98 -1.29 10.59
C ILE B 223 -18.79 -0.96 9.67
N ALA B 224 -18.38 -1.97 8.88
CA ALA B 224 -17.23 -1.79 7.98
C ALA B 224 -17.50 -0.70 6.92
N ARG B 225 -18.75 -0.25 6.80
CA ARG B 225 -19.10 0.89 5.92
C ARG B 225 -19.24 2.24 6.66
N ILE B 226 -18.90 2.23 7.96
CA ILE B 226 -18.92 3.42 8.80
C ILE B 226 -17.52 3.73 9.24
N PRO B 227 -16.94 4.79 8.70
CA PRO B 227 -15.55 5.10 9.05
C PRO B 227 -15.27 5.24 10.53
N LEU B 228 -16.19 5.83 11.30
CA LEU B 228 -15.92 6.00 12.70
C LEU B 228 -16.01 4.65 13.40
N GLY B 229 -16.48 3.63 12.74
CA GLY B 229 -16.30 2.24 13.24
C GLY B 229 -17.29 1.80 14.28
N ARG B 230 -18.43 2.45 14.35
CA ARG B 230 -19.45 2.10 15.33
C ARG B 230 -20.81 2.64 14.90
N PHE B 231 -21.84 2.17 15.57
CA PHE B 231 -23.17 2.75 15.44
C PHE B 231 -23.39 3.99 16.32
N ALA B 232 -24.49 4.69 16.06
CA ALA B 232 -24.85 5.85 16.86
C ALA B 232 -25.50 5.42 18.23
N VAL B 233 -25.36 6.28 19.23
CA VAL B 233 -26.13 6.15 20.44
C VAL B 233 -27.22 7.21 20.38
N PRO B 234 -28.30 7.00 21.15
CA PRO B 234 -29.43 7.84 20.96
C PRO B 234 -29.17 9.31 21.21
N HIS B 235 -28.31 9.68 22.16
CA HIS B 235 -28.16 11.09 22.48
C HIS B 235 -27.51 11.87 21.33
N GLU B 236 -26.81 11.18 20.46
CA GLU B 236 -26.21 11.78 19.31
C GLU B 236 -27.30 12.26 18.33
N VAL B 237 -28.34 11.44 18.14
CA VAL B 237 -29.45 11.87 17.31
C VAL B 237 -30.09 13.07 18.03
N SER B 238 -30.39 12.91 19.31
CA SER B 238 -31.05 14.00 20.06
C SER B 238 -30.29 15.32 19.99
N ASP B 239 -28.95 15.27 20.17
CA ASP B 239 -28.10 16.47 19.98
C ASP B 239 -28.40 17.22 18.66
N ALA B 240 -28.52 16.47 17.58
CA ALA B 240 -28.62 17.04 16.27
C ALA B 240 -29.99 17.70 16.14
N VAL B 241 -30.98 17.08 16.79
CA VAL B 241 -32.35 17.60 16.74
C VAL B 241 -32.46 18.88 17.54
N VAL B 242 -31.82 18.89 18.72
CA VAL B 242 -31.86 20.10 19.58
C VAL B 242 -31.19 21.23 18.84
N TRP B 243 -30.06 20.94 18.22
CA TRP B 243 -29.32 21.96 17.45
C TRP B 243 -30.21 22.53 16.37
N LEU B 244 -30.89 21.65 15.60
CA LEU B 244 -31.76 22.09 14.48
C LEU B 244 -32.97 22.94 14.96
N ALA B 245 -33.48 22.59 16.14
CA ALA B 245 -34.52 23.35 16.77
C ALA B 245 -34.04 24.72 17.25
N SER B 246 -32.77 24.85 17.63
CA SER B 246 -32.24 26.08 18.28
C SER B 246 -31.98 27.24 17.31
N ASP B 247 -31.63 28.38 17.87
CA ASP B 247 -31.25 29.54 17.07
C ASP B 247 -29.83 29.46 16.53
N ALA B 248 -29.08 28.42 16.96
CA ALA B 248 -27.79 28.04 16.36
C ALA B 248 -27.94 27.38 14.96
N ALA B 249 -29.20 27.19 14.53
CA ALA B 249 -29.52 26.69 13.17
C ALA B 249 -30.49 27.65 12.42
N SER B 250 -30.40 28.93 12.71
CA SER B 250 -31.35 29.92 12.21
C SER B 250 -31.35 30.09 10.66
N MET B 251 -30.23 29.78 9.99
CA MET B 251 -30.18 29.72 8.53
C MET B 251 -30.35 28.32 7.93
N ILE B 252 -30.54 27.29 8.75
CA ILE B 252 -30.53 25.91 8.27
C ILE B 252 -31.91 25.48 7.84
N ASN B 253 -32.08 25.13 6.57
CA ASN B 253 -33.41 24.89 6.01
C ASN B 253 -33.22 23.98 4.84
N GLY B 254 -33.94 22.87 4.81
CA GLY B 254 -33.92 22.00 3.65
C GLY B 254 -32.75 21.04 3.64
N VAL B 255 -32.17 20.81 4.81
CA VAL B 255 -30.97 20.04 4.93
C VAL B 255 -31.18 18.67 5.58
N ASP B 256 -30.43 17.68 5.12
CA ASP B 256 -30.43 16.32 5.65
C ASP B 256 -29.13 16.15 6.44
N ILE B 257 -29.22 16.00 7.73
CA ILE B 257 -28.03 15.76 8.46
C ILE B 257 -27.89 14.27 8.76
N PRO B 258 -26.95 13.57 8.10
CA PRO B 258 -26.62 12.14 8.45
C PRO B 258 -25.98 12.07 9.80
N VAL B 259 -26.41 11.12 10.64
CA VAL B 259 -25.77 10.86 11.90
C VAL B 259 -25.25 9.43 11.80
N ASP B 260 -24.10 9.29 11.12
CA ASP B 260 -23.71 8.01 10.50
C ASP B 260 -22.26 7.81 10.29
N GLY B 261 -21.43 8.58 10.99
CA GLY B 261 -20.01 8.40 11.00
C GLY B 261 -19.30 8.38 9.66
N GLY B 262 -19.95 8.94 8.61
CA GLY B 262 -19.42 8.96 7.24
C GLY B 262 -19.99 7.90 6.29
N TYR B 263 -21.01 7.20 6.72
CA TYR B 263 -21.58 6.09 5.95
C TYR B 263 -21.99 6.55 4.56
N THR B 264 -22.89 7.53 4.50
CA THR B 264 -23.53 7.94 3.26
C THR B 264 -22.64 8.66 2.25
N MET B 265 -21.39 8.94 2.60
CA MET B 265 -20.42 9.45 1.63
C MET B 265 -20.21 8.37 0.54
N GLY B 266 -20.33 7.12 0.97
CA GLY B 266 -20.00 6.01 0.09
C GLY B 266 -18.51 5.83 -0.07
N ASP C 10 -26.60 33.94 20.19
CA ASP C 10 -26.06 32.60 19.85
C ASP C 10 -24.70 32.37 20.60
N ARG C 11 -24.79 32.10 21.93
CA ARG C 11 -23.67 31.94 22.92
C ARG C 11 -23.47 30.49 23.44
N TYR C 12 -22.24 30.18 23.83
CA TYR C 12 -21.74 28.83 23.88
C TYR C 12 -21.49 28.35 25.29
N ALA C 13 -22.40 27.52 25.80
CA ALA C 13 -22.29 26.89 27.09
C ALA C 13 -22.60 25.42 26.96
N GLY C 14 -22.36 24.69 28.03
CA GLY C 14 -22.68 23.27 28.12
C GLY C 14 -21.82 22.50 27.16
N VAL C 15 -22.45 21.64 26.37
CA VAL C 15 -21.79 20.80 25.39
C VAL C 15 -21.08 21.62 24.33
N LEU C 16 -21.55 22.85 24.13
CA LEU C 16 -20.86 23.76 23.21
C LEU C 16 -19.72 24.57 23.83
N ARG C 17 -19.36 24.34 25.08
CA ARG C 17 -18.09 24.84 25.60
C ARG C 17 -16.96 24.13 24.89
N LEU C 18 -15.90 24.86 24.59
CA LEU C 18 -14.71 24.24 24.01
C LEU C 18 -13.51 24.46 24.95
N ASP C 19 -13.78 24.56 26.25
CA ASP C 19 -12.76 24.61 27.28
C ASP C 19 -11.75 23.49 27.04
N GLY C 20 -10.46 23.84 27.12
CA GLY C 20 -9.37 22.88 26.91
C GLY C 20 -8.98 22.61 25.46
N LYS C 21 -9.91 22.78 24.51
CA LYS C 21 -9.67 22.38 23.14
C LYS C 21 -8.65 23.29 22.43
N ARG C 22 -7.82 22.69 21.58
CA ARG C 22 -6.79 23.41 20.88
C ARG C 22 -7.12 23.53 19.41
N ALA C 23 -7.27 24.78 18.93
CA ALA C 23 -7.89 25.05 17.63
C ALA C 23 -7.08 25.96 16.73
N LEU C 24 -6.66 25.42 15.58
CA LEU C 24 -6.01 26.23 14.55
C LEU C 24 -7.07 26.87 13.65
N ILE C 25 -7.12 28.18 13.57
CA ILE C 25 -8.09 28.85 12.68
C ILE C 25 -7.30 29.70 11.70
N THR C 26 -7.46 29.43 10.42
CA THR C 26 -6.73 30.14 9.38
C THR C 26 -7.58 31.30 8.87
N GLY C 27 -6.93 32.30 8.29
CA GLY C 27 -7.62 33.54 7.83
C GLY C 27 -8.34 34.24 8.97
N ALA C 28 -7.68 34.36 10.12
CA ALA C 28 -8.37 34.69 11.37
C ALA C 28 -8.54 36.17 11.65
N THR C 29 -8.00 37.01 10.79
CA THR C 29 -8.00 38.45 11.04
C THR C 29 -9.07 39.17 10.24
N LYS C 30 -9.66 38.49 9.26
CA LYS C 30 -10.70 39.11 8.44
C LYS C 30 -11.93 38.18 8.34
N GLY C 31 -13.06 38.80 8.03
CA GLY C 31 -14.30 38.12 7.68
C GLY C 31 -14.74 36.97 8.58
N ILE C 32 -15.12 35.87 7.96
CA ILE C 32 -15.70 34.76 8.68
C ILE C 32 -14.73 34.21 9.71
N GLY C 33 -13.46 34.10 9.35
CA GLY C 33 -12.45 33.55 10.25
C GLY C 33 -12.33 34.33 11.55
N ALA C 34 -12.48 35.64 11.49
CA ALA C 34 -12.41 36.46 12.71
C ALA C 34 -13.62 36.18 13.57
N ASP C 35 -14.77 35.97 12.92
CA ASP C 35 -15.98 35.70 13.68
C ASP C 35 -15.91 34.31 14.33
N ILE C 36 -15.30 33.34 13.65
CA ILE C 36 -15.19 31.98 14.20
C ILE C 36 -14.25 31.98 15.38
N ALA C 37 -13.15 32.70 15.24
CA ALA C 37 -12.14 32.86 16.28
C ALA C 37 -12.75 33.57 17.51
N ARG C 38 -13.61 34.54 17.27
CA ARG C 38 -14.33 35.21 18.35
C ARG C 38 -15.22 34.20 19.08
N ALA C 39 -15.82 33.33 18.29
CA ALA C 39 -16.78 32.41 18.78
C ALA C 39 -16.09 31.37 19.58
N PHE C 40 -15.00 30.82 19.06
CA PHE C 40 -14.24 29.80 19.78
C PHE C 40 -13.58 30.43 21.04
N ALA C 41 -13.19 31.71 20.92
CA ALA C 41 -12.62 32.41 22.06
C ALA C 41 -13.70 32.41 23.14
N ALA C 42 -14.92 32.81 22.78
CA ALA C 42 -16.02 32.81 23.75
C ALA C 42 -16.30 31.40 24.31
N ALA C 43 -16.29 30.39 23.44
CA ALA C 43 -16.48 29.01 23.90
C ALA C 43 -15.33 28.52 24.84
N GLY C 44 -14.28 29.32 25.01
CA GLY C 44 -13.19 29.01 25.98
C GLY C 44 -12.06 28.13 25.45
N ALA C 45 -11.92 28.09 24.12
CA ALA C 45 -10.90 27.31 23.47
C ALA C 45 -9.57 28.02 23.62
N ARG C 46 -8.50 27.25 23.48
CA ARG C 46 -7.17 27.81 23.21
C ARG C 46 -6.87 27.82 21.69
N LEU C 47 -6.39 28.95 21.19
CA LEU C 47 -6.29 29.20 19.76
C LEU C 47 -4.85 29.34 19.26
N VAL C 48 -4.65 28.81 18.06
CA VAL C 48 -3.54 29.18 17.16
C VAL C 48 -4.16 29.92 15.96
N LEU C 49 -3.67 31.10 15.65
CA LEU C 49 -4.31 31.91 14.60
C LEU C 49 -3.28 32.28 13.58
N SER C 50 -3.50 31.86 12.33
CA SER C 50 -2.58 32.10 11.23
C SER C 50 -3.07 33.24 10.36
N GLY C 51 -2.20 33.74 9.50
CA GLY C 51 -2.54 34.82 8.57
C GLY C 51 -1.29 35.42 7.95
N ARG C 52 -1.48 36.24 6.92
CA ARG C 52 -0.35 36.88 6.23
C ARG C 52 0.17 38.13 6.97
N ASP C 53 -0.74 38.89 7.60
CA ASP C 53 -0.41 40.20 8.21
C ASP C 53 -0.09 40.12 9.71
N VAL C 54 1.08 40.63 10.10
CA VAL C 54 1.55 40.62 11.49
C VAL C 54 0.81 41.67 12.35
N SER C 55 0.57 42.84 11.76
CA SER C 55 -0.13 43.93 12.42
C SER C 55 -1.44 43.42 13.01
N GLU C 56 -2.28 42.83 12.16
CA GLU C 56 -3.63 42.35 12.56
C GLU C 56 -3.62 41.17 13.54
N LEU C 57 -2.68 40.24 13.40
CA LEU C 57 -2.53 39.12 14.35
C LEU C 57 -2.21 39.52 15.79
N ASP C 58 -1.36 40.54 15.96
CA ASP C 58 -1.05 41.10 17.28
C ASP C 58 -2.31 41.68 17.93
N ALA C 59 -3.11 42.38 17.15
CA ALA C 59 -4.37 42.94 17.65
C ALA C 59 -5.37 41.83 18.06
N ALA C 60 -5.39 40.73 17.32
CA ALA C 60 -6.27 39.60 17.67
C ALA C 60 -5.78 38.93 18.95
N ARG C 61 -4.48 38.62 19.05
CA ARG C 61 -3.93 38.04 20.31
C ARG C 61 -4.31 38.93 21.50
N ARG C 62 -4.14 40.25 21.34
CA ARG C 62 -4.48 41.24 22.37
C ARG C 62 -6.00 41.38 22.58
N ALA C 63 -6.75 41.58 21.50
CA ALA C 63 -8.21 41.78 21.60
C ALA C 63 -8.93 40.59 22.26
N LEU C 64 -8.57 39.38 21.86
CA LEU C 64 -9.19 38.18 22.39
C LEU C 64 -8.73 37.88 23.83
N GLY C 65 -7.48 38.19 24.14
CA GLY C 65 -7.00 38.16 25.52
C GLY C 65 -7.83 39.06 26.44
N GLU C 66 -8.02 40.31 26.01
CA GLU C 66 -8.66 41.34 26.85
C GLU C 66 -10.15 41.04 27.09
N GLN C 67 -10.83 40.63 26.03
CA GLN C 67 -12.25 40.33 26.09
C GLN C 67 -12.56 38.95 26.74
N PHE C 68 -11.74 37.93 26.47
CA PHE C 68 -12.11 36.56 26.85
C PHE C 68 -11.13 35.78 27.76
N GLY C 69 -9.90 36.26 27.92
CA GLY C 69 -8.87 35.57 28.72
C GLY C 69 -8.22 34.41 27.95
N THR C 70 -8.39 34.41 26.64
CA THR C 70 -7.98 33.33 25.74
C THR C 70 -6.46 33.26 25.52
N ASP C 71 -5.91 32.05 25.46
CA ASP C 71 -4.53 31.84 24.97
C ASP C 71 -4.50 31.90 23.46
N VAL C 72 -3.75 32.84 22.90
CA VAL C 72 -3.58 32.91 21.46
C VAL C 72 -2.12 32.84 21.06
N HIS C 73 -1.74 31.78 20.36
CA HIS C 73 -0.47 31.75 19.64
C HIS C 73 -0.80 32.22 18.27
N THR C 74 -0.06 33.21 17.76
CA THR C 74 -0.22 33.64 16.37
C THR C 74 0.90 33.03 15.52
N VAL C 75 0.63 32.80 14.24
CA VAL C 75 1.65 32.37 13.28
C VAL C 75 1.56 33.25 12.01
N ALA C 76 2.52 34.17 11.87
CA ALA C 76 2.65 34.96 10.66
C ALA C 76 3.29 34.10 9.57
N ILE C 77 2.53 33.72 8.54
CA ILE C 77 3.06 32.84 7.51
C ILE C 77 2.35 32.97 6.15
N ASP C 78 3.09 32.73 5.07
CA ASP C 78 2.53 32.68 3.73
C ASP C 78 2.53 31.23 3.26
N LEU C 79 1.34 30.70 3.00
CA LEU C 79 1.16 29.27 2.69
C LEU C 79 1.55 28.86 1.25
N ALA C 80 1.76 29.85 0.39
CA ALA C 80 2.32 29.62 -0.95
C ALA C 80 3.83 29.31 -0.92
N GLU C 81 4.50 29.49 0.24
CA GLU C 81 5.96 29.21 0.37
C GLU C 81 6.28 27.72 0.28
N PRO C 82 7.58 27.39 0.09
CA PRO C 82 7.95 25.97 -0.01
C PRO C 82 7.72 25.25 1.34
N ASP C 83 6.95 24.14 1.33
CA ASP C 83 6.65 23.38 2.55
C ASP C 83 5.84 24.18 3.64
N ALA C 84 5.30 25.34 3.29
CA ALA C 84 4.63 26.23 4.25
C ALA C 84 3.40 25.63 5.03
N PRO C 85 2.53 24.88 4.33
CA PRO C 85 1.40 24.27 5.01
C PRO C 85 1.79 23.26 6.08
N ALA C 86 2.74 22.38 5.77
CA ALA C 86 3.22 21.40 6.76
C ALA C 86 3.86 22.10 7.97
N GLU C 87 4.46 23.26 7.72
CA GLU C 87 5.10 24.07 8.77
C GLU C 87 4.08 24.68 9.70
N LEU C 88 3.04 25.29 9.14
CA LEU C 88 1.94 25.80 9.97
C LEU C 88 1.29 24.66 10.76
N ALA C 89 1.12 23.49 10.14
CA ALA C 89 0.60 22.34 10.87
C ALA C 89 1.52 22.01 12.06
N ARG C 90 2.83 22.06 11.85
CA ARG C 90 3.79 21.69 12.91
C ARG C 90 3.80 22.73 14.04
N ARG C 91 3.95 24.00 13.65
CA ARG C 91 3.97 25.13 14.58
C ARG C 91 2.66 25.22 15.38
N ALA C 92 1.53 25.00 14.68
CA ALA C 92 0.22 25.06 15.32
C ALA C 92 0.05 23.98 16.40
N ALA C 93 0.52 22.76 16.11
CA ALA C 93 0.43 21.65 17.05
C ALA C 93 1.40 21.76 18.20
N GLU C 94 2.60 22.29 17.98
CA GLU C 94 3.62 22.42 19.04
C GLU C 94 3.24 23.48 20.06
N ALA C 95 2.48 24.49 19.60
CA ALA C 95 1.99 25.56 20.46
C ALA C 95 1.42 25.03 21.80
N PHE C 96 0.37 24.20 21.77
CA PHE C 96 -0.20 23.65 23.02
C PHE C 96 -0.02 22.11 23.14
N GLY C 97 0.96 21.57 22.45
CA GLY C 97 1.24 20.12 22.52
C GLY C 97 0.22 19.24 21.81
N GLY C 98 -0.36 19.76 20.73
CA GLY C 98 -1.38 19.01 19.98
C GLY C 98 -2.51 19.91 19.52
N LEU C 99 -3.16 19.51 18.42
CA LEU C 99 -4.39 20.14 17.91
C LEU C 99 -5.54 19.18 18.12
N ASP C 100 -6.64 19.74 18.63
CA ASP C 100 -7.92 19.03 18.67
C ASP C 100 -8.84 19.42 17.47
N VAL C 101 -8.76 20.67 17.00
CA VAL C 101 -9.65 21.19 15.95
C VAL C 101 -8.87 21.98 14.89
N LEU C 102 -9.13 21.73 13.60
CA LEU C 102 -8.70 22.63 12.53
C LEU C 102 -9.95 23.26 11.95
N VAL C 103 -9.95 24.59 11.82
CA VAL C 103 -11.02 25.28 11.10
C VAL C 103 -10.35 25.81 9.85
N ASN C 104 -10.52 25.05 8.78
CA ASN C 104 -9.72 25.24 7.59
C ASN C 104 -10.44 26.30 6.74
N ASN C 105 -10.02 27.54 6.93
CA ASN C 105 -10.73 28.71 6.41
C ASN C 105 -9.89 29.55 5.44
N ALA C 106 -10.36 29.65 4.20
CA ALA C 106 -9.74 30.50 3.19
C ALA C 106 -10.79 30.92 2.16
N GLY C 107 -10.51 31.99 1.44
CA GLY C 107 -11.39 32.38 0.35
C GLY C 107 -10.96 33.63 -0.35
N ILE C 108 -10.66 33.50 -1.64
CA ILE C 108 -10.69 34.63 -2.56
C ILE C 108 -11.59 34.24 -3.72
N SER C 109 -12.07 35.28 -4.41
CA SER C 109 -13.01 35.12 -5.49
C SER C 109 -12.72 36.11 -6.62
N HIS C 110 -12.45 35.57 -7.81
CA HIS C 110 -12.27 36.38 -9.00
C HIS C 110 -13.36 36.04 -9.98
N PRO C 111 -14.53 36.70 -9.86
CA PRO C 111 -15.66 36.35 -10.70
C PRO C 111 -15.53 36.91 -12.11
N GLN C 112 -15.79 36.07 -13.09
CA GLN C 112 -15.80 36.47 -14.50
C GLN C 112 -16.41 35.29 -15.30
N PRO C 113 -16.98 35.60 -16.47
CA PRO C 113 -17.60 34.54 -17.28
C PRO C 113 -16.63 33.42 -17.63
N VAL C 114 -17.16 32.23 -17.78
CA VAL C 114 -16.32 31.09 -18.07
C VAL C 114 -15.51 31.33 -19.36
N VAL C 115 -16.16 31.85 -20.41
CA VAL C 115 -15.48 32.13 -21.69
C VAL C 115 -14.28 33.10 -21.56
N ASP C 116 -14.32 33.98 -20.55
CA ASP C 116 -13.22 34.89 -20.28
C ASP C 116 -12.28 34.44 -19.16
N THR C 117 -12.33 33.16 -18.74
CA THR C 117 -11.56 32.69 -17.57
C THR C 117 -10.08 33.01 -17.78
N ASP C 118 -9.49 33.74 -16.82
CA ASP C 118 -8.07 34.11 -16.85
C ASP C 118 -7.21 33.07 -16.11
N PRO C 119 -6.20 32.50 -16.78
CA PRO C 119 -5.32 31.47 -16.23
C PRO C 119 -4.71 31.79 -14.89
N GLN C 120 -4.20 32.99 -14.74
CA GLN C 120 -3.60 33.42 -13.51
C GLN C 120 -4.65 33.51 -12.41
N LEU C 121 -5.78 34.15 -12.71
CA LEU C 121 -6.86 34.31 -11.72
C LEU C 121 -7.44 32.96 -11.28
N PHE C 122 -7.60 32.03 -12.24
CA PHE C 122 -7.99 30.63 -11.96
C PHE C 122 -6.94 29.95 -11.09
N ASP C 123 -5.67 30.09 -11.46
CA ASP C 123 -4.58 29.50 -10.69
C ASP C 123 -4.50 30.07 -9.28
N ALA C 124 -4.81 31.36 -9.09
CA ALA C 124 -4.73 31.97 -7.77
C ALA C 124 -5.92 31.50 -6.91
N THR C 125 -7.10 31.34 -7.51
CA THR C 125 -8.23 30.81 -6.79
C THR C 125 -7.93 29.37 -6.30
N ILE C 126 -7.44 28.53 -7.19
CA ILE C 126 -7.08 27.16 -6.82
C ILE C 126 -6.00 27.15 -5.74
N ALA C 127 -4.95 27.98 -5.91
CA ALA C 127 -3.82 28.01 -4.96
C ALA C 127 -4.29 28.31 -3.54
N VAL C 128 -5.16 29.32 -3.39
CA VAL C 128 -5.65 29.84 -2.08
C VAL C 128 -6.87 29.03 -1.57
N ASN C 129 -7.86 28.76 -2.43
CA ASN C 129 -9.08 28.10 -1.96
C ASN C 129 -8.98 26.58 -1.77
N LEU C 130 -8.06 25.93 -2.49
CA LEU C 130 -7.99 24.48 -2.57
C LEU C 130 -6.68 23.86 -2.08
N ARG C 131 -5.55 24.38 -2.59
CA ARG C 131 -4.28 23.70 -2.45
C ARG C 131 -3.66 23.88 -1.06
N ALA C 132 -3.54 25.12 -0.62
CA ALA C 132 -3.03 25.38 0.72
C ALA C 132 -3.87 24.62 1.76
N PRO C 133 -5.20 24.86 1.77
CA PRO C 133 -6.07 24.18 2.73
C PRO C 133 -5.93 22.64 2.74
N ALA C 134 -5.90 22.03 1.56
CA ALA C 134 -5.87 20.57 1.48
C ALA C 134 -4.58 20.08 2.07
N LEU C 135 -3.48 20.75 1.72
CA LEU C 135 -2.16 20.31 2.16
C LEU C 135 -1.95 20.58 3.65
N LEU C 136 -2.50 21.70 4.13
CA LEU C 136 -2.54 21.93 5.56
C LEU C 136 -3.28 20.78 6.29
N ALA C 137 -4.45 20.44 5.78
CA ALA C 137 -5.33 19.47 6.43
C ALA C 137 -4.76 18.06 6.45
N SER C 138 -4.00 17.69 5.42
CA SER C 138 -3.29 16.41 5.44
C SER C 138 -2.18 16.44 6.50
N ALA C 139 -1.44 17.53 6.56
CA ALA C 139 -0.41 17.67 7.62
C ALA C 139 -1.05 17.66 9.02
N VAL C 140 -2.11 18.44 9.21
CA VAL C 140 -2.79 18.44 10.49
C VAL C 140 -3.31 17.04 10.83
N GLY C 141 -3.93 16.39 9.87
CA GLY C 141 -4.43 15.04 10.08
C GLY C 141 -3.37 14.00 10.43
N LYS C 142 -2.23 14.08 9.76
CA LYS C 142 -1.05 13.27 10.14
C LYS C 142 -0.75 13.38 11.63
N ALA C 143 -0.55 14.60 12.12
CA ALA C 143 -0.25 14.81 13.56
C ALA C 143 -1.41 14.35 14.49
N MET C 144 -2.65 14.37 14.00
CA MET C 144 -3.75 13.90 14.82
C MET C 144 -3.76 12.40 14.94
N VAL C 145 -3.43 11.71 13.84
CA VAL C 145 -3.33 10.29 13.86
C VAL C 145 -2.20 9.91 14.79
N ALA C 146 -1.07 10.60 14.65
CA ALA C 146 0.15 10.29 15.42
C ALA C 146 -0.06 10.42 16.94
N ALA C 147 -0.74 11.49 17.36
CA ALA C 147 -0.99 11.75 18.80
C ALA C 147 -2.06 10.80 19.40
N GLY C 148 -3.04 10.42 18.60
CA GLY C 148 -4.01 9.40 18.99
C GLY C 148 -5.15 9.85 19.89
N GLU C 149 -5.48 11.13 19.84
CA GLU C 149 -6.49 11.69 20.70
C GLU C 149 -7.68 12.24 19.91
N GLY C 150 -7.88 11.72 18.70
CA GLY C 150 -9.05 12.06 17.91
C GLY C 150 -8.81 13.39 17.25
N GLY C 151 -9.89 14.09 16.92
CA GLY C 151 -9.80 15.42 16.36
C GLY C 151 -11.00 15.75 15.49
N ALA C 152 -11.14 17.03 15.14
CA ALA C 152 -12.17 17.46 14.23
C ALA C 152 -11.55 18.44 13.26
N ILE C 153 -11.92 18.30 11.98
CA ILE C 153 -11.49 19.21 10.90
C ILE C 153 -12.79 19.77 10.31
N ILE C 154 -12.92 21.08 10.30
CA ILE C 154 -14.13 21.72 9.79
C ILE C 154 -13.66 22.58 8.63
N THR C 155 -14.10 22.23 7.43
CA THR C 155 -13.75 23.00 6.26
C THR C 155 -14.77 24.11 6.06
N VAL C 156 -14.32 25.33 5.90
CA VAL C 156 -15.26 26.41 5.55
C VAL C 156 -15.31 26.47 4.06
N ALA C 157 -16.33 25.84 3.46
CA ALA C 157 -16.44 25.83 2.00
C ALA C 157 -17.47 26.88 1.58
N SER C 158 -18.41 26.47 0.72
CA SER C 158 -19.45 27.34 0.22
C SER C 158 -20.58 26.55 -0.42
N ALA C 159 -21.79 27.12 -0.40
CA ALA C 159 -22.91 26.65 -1.21
C ALA C 159 -22.46 26.48 -2.65
N ALA C 160 -21.52 27.32 -3.08
CA ALA C 160 -20.88 27.21 -4.38
C ALA C 160 -20.10 25.88 -4.58
N ALA C 161 -19.74 25.21 -3.50
CA ALA C 161 -19.20 23.84 -3.56
C ALA C 161 -20.24 22.87 -4.13
N LEU C 162 -21.52 23.17 -3.91
CA LEU C 162 -22.62 22.20 -4.13
C LEU C 162 -23.48 22.49 -5.33
N ALA C 163 -23.42 23.69 -5.87
CA ALA C 163 -24.26 24.03 -7.03
C ALA C 163 -23.55 25.10 -7.83
N PRO C 164 -23.54 24.97 -9.15
CA PRO C 164 -22.74 25.83 -9.96
C PRO C 164 -23.32 27.24 -9.97
N LEU C 165 -22.46 28.24 -9.97
CA LEU C 165 -22.91 29.63 -9.88
C LEU C 165 -22.32 30.41 -11.04
N PRO C 166 -23.15 31.18 -11.77
CA PRO C 166 -22.52 31.89 -12.92
C PRO C 166 -21.44 32.87 -12.47
N ASP C 167 -20.40 32.99 -13.31
CA ASP C 167 -19.18 33.79 -13.08
C ASP C 167 -18.24 33.21 -12.01
N HIS C 168 -18.49 31.97 -11.58
CA HIS C 168 -17.76 31.42 -10.45
C HIS C 168 -17.11 30.12 -10.81
N TYR C 169 -16.70 29.99 -12.07
CA TYR C 169 -15.94 28.83 -12.53
C TYR C 169 -14.85 28.39 -11.51
N ALA C 170 -13.87 29.24 -11.31
CA ALA C 170 -12.72 28.85 -10.49
C ALA C 170 -13.14 28.64 -9.04
N TYR C 171 -14.02 29.50 -8.56
CA TYR C 171 -14.42 29.50 -7.17
C TYR C 171 -15.19 28.22 -6.81
N CYS C 172 -16.24 27.93 -7.58
CA CYS C 172 -17.03 26.71 -7.43
C CYS C 172 -16.14 25.48 -7.47
N THR C 173 -15.22 25.47 -8.45
CA THR C 173 -14.33 24.35 -8.71
C THR C 173 -13.43 24.13 -7.50
N SER C 174 -12.76 25.20 -7.08
CA SER C 174 -11.91 25.16 -5.90
C SER C 174 -12.63 24.56 -4.70
N LYS C 175 -13.81 25.11 -4.40
CA LYS C 175 -14.51 24.72 -3.21
C LYS C 175 -14.98 23.25 -3.25
N ALA C 176 -15.42 22.80 -4.42
CA ALA C 176 -15.99 21.49 -4.59
C ALA C 176 -14.87 20.46 -4.39
N GLY C 177 -13.66 20.80 -4.87
CA GLY C 177 -12.49 19.99 -4.58
C GLY C 177 -12.17 19.87 -3.09
N LEU C 178 -12.37 20.96 -2.37
CA LEU C 178 -12.00 21.00 -0.96
C LEU C 178 -12.97 20.18 -0.18
N VAL C 179 -14.23 20.22 -0.64
CA VAL C 179 -15.29 19.44 -0.02
C VAL C 179 -14.98 17.95 -0.21
N MET C 180 -14.46 17.57 -1.37
CA MET C 180 -14.11 16.17 -1.57
C MET C 180 -12.86 15.80 -0.78
N ALA C 181 -11.88 16.71 -0.73
CA ALA C 181 -10.70 16.57 0.13
C ALA C 181 -11.14 16.19 1.52
N THR C 182 -12.09 16.97 2.03
CA THR C 182 -12.62 16.79 3.39
C THR C 182 -13.23 15.37 3.59
N LYS C 183 -13.93 14.90 2.57
CA LYS C 183 -14.54 13.60 2.61
C LYS C 183 -13.54 12.45 2.60
N VAL C 184 -12.43 12.62 1.85
CA VAL C 184 -11.36 11.60 1.89
C VAL C 184 -10.77 11.49 3.31
N LEU C 185 -10.60 12.64 3.93
CA LEU C 185 -10.13 12.71 5.32
C LEU C 185 -11.11 12.02 6.26
N ALA C 186 -12.41 12.35 6.13
CA ALA C 186 -13.43 11.62 6.92
C ALA C 186 -13.32 10.08 6.77
N ARG C 187 -13.12 9.64 5.52
CA ARG C 187 -13.02 8.20 5.24
C ARG C 187 -11.74 7.54 5.80
N GLU C 188 -10.61 8.20 5.62
CA GLU C 188 -9.34 7.61 6.05
C GLU C 188 -9.02 7.83 7.51
N LEU C 189 -9.49 8.93 8.08
CA LEU C 189 -9.08 9.32 9.42
C LEU C 189 -10.17 9.06 10.40
N GLY C 190 -11.38 8.87 9.89
CA GLY C 190 -12.49 8.41 10.68
C GLY C 190 -12.18 7.25 11.62
N PRO C 191 -11.46 6.20 11.11
CA PRO C 191 -11.11 5.06 11.98
C PRO C 191 -10.24 5.44 13.15
N HIS C 192 -9.56 6.58 13.06
CA HIS C 192 -8.77 7.09 14.17
C HIS C 192 -9.51 8.08 15.01
N GLY C 193 -10.83 8.18 14.88
CA GLY C 193 -11.65 9.12 15.70
C GLY C 193 -11.50 10.58 15.26
N ILE C 194 -11.02 10.78 14.05
CA ILE C 194 -10.95 12.12 13.49
C ILE C 194 -12.22 12.35 12.63
N ARG C 195 -12.92 13.46 12.87
CA ARG C 195 -14.12 13.79 12.16
C ARG C 195 -13.85 14.98 11.21
N ALA C 196 -14.26 14.83 9.96
CA ALA C 196 -14.02 15.85 8.96
C ALA C 196 -15.34 16.17 8.30
N ASN C 197 -15.69 17.45 8.29
CA ASN C 197 -16.94 17.89 7.77
C ASN C 197 -16.72 19.28 7.16
N SER C 198 -17.65 19.73 6.33
CA SER C 198 -17.64 21.11 5.73
C SER C 198 -18.91 21.93 6.07
N VAL C 199 -18.78 23.23 6.28
CA VAL C 199 -19.95 24.08 6.26
C VAL C 199 -19.93 24.85 4.93
N CYS C 200 -21.10 25.02 4.35
CA CYS C 200 -21.24 25.50 2.98
C CYS C 200 -22.20 26.67 2.96
N PRO C 201 -21.69 27.86 3.26
CA PRO C 201 -22.63 28.98 3.39
C PRO C 201 -22.99 29.56 2.08
N THR C 202 -24.14 30.22 2.01
CA THR C 202 -24.49 31.09 0.93
C THR C 202 -23.70 32.37 1.20
N VAL C 203 -24.04 33.46 0.51
CA VAL C 203 -23.38 34.71 0.75
C VAL C 203 -23.41 34.98 2.26
N VAL C 204 -22.29 35.41 2.84
CA VAL C 204 -22.27 35.81 4.26
C VAL C 204 -21.99 37.31 4.45
N LEU C 205 -22.86 38.00 5.20
CA LEU C 205 -22.74 39.46 5.36
C LEU C 205 -21.66 39.90 6.37
N THR C 206 -20.43 39.55 6.07
CA THR C 206 -19.26 40.18 6.67
C THR C 206 -19.16 41.63 6.11
N GLU C 207 -18.15 42.40 6.54
CA GLU C 207 -17.99 43.78 6.03
C GLU C 207 -18.02 43.77 4.49
N MET C 208 -17.14 42.96 3.88
CA MET C 208 -17.01 42.88 2.41
C MET C 208 -18.29 42.32 1.81
N GLY C 209 -18.75 41.19 2.33
CA GLY C 209 -20.03 40.63 1.93
C GLY C 209 -21.11 41.69 1.78
N GLN C 210 -21.27 42.53 2.79
CA GLN C 210 -22.22 43.63 2.72
C GLN C 210 -21.89 44.57 1.53
N ARG C 211 -20.61 44.85 1.31
CA ARG C 211 -20.17 45.72 0.21
C ARG C 211 -20.39 45.08 -1.19
N VAL C 212 -20.10 43.80 -1.35
CA VAL C 212 -20.26 43.15 -2.67
C VAL C 212 -21.72 42.83 -3.06
N TRP C 213 -22.54 42.44 -2.08
CA TRP C 213 -23.94 41.99 -2.30
C TRP C 213 -25.02 42.84 -1.66
N GLY C 214 -24.67 44.00 -1.15
CA GLY C 214 -25.65 44.86 -0.46
C GLY C 214 -26.75 45.40 -1.36
N ASP C 215 -26.46 45.59 -2.65
CA ASP C 215 -27.42 46.18 -3.60
C ASP C 215 -28.56 45.19 -3.89
N GLU C 216 -29.76 45.50 -3.39
CA GLU C 216 -30.95 44.65 -3.59
C GLU C 216 -31.32 44.43 -5.09
N ALA C 217 -30.59 45.09 -6.00
CA ALA C 217 -30.74 44.85 -7.44
C ALA C 217 -29.90 43.65 -7.89
N LYS C 218 -28.59 43.70 -7.64
CA LYS C 218 -27.67 42.60 -8.03
C LYS C 218 -27.99 41.27 -7.33
N SER C 219 -28.48 41.37 -6.10
CA SER C 219 -28.66 40.22 -5.24
C SER C 219 -30.10 39.70 -5.22
N ALA C 220 -31.04 40.36 -5.87
CA ALA C 220 -32.43 39.87 -5.91
C ALA C 220 -32.59 38.47 -6.53
N PRO C 221 -31.94 38.20 -7.67
CA PRO C 221 -32.14 36.87 -8.27
C PRO C 221 -31.63 35.75 -7.37
N MET C 222 -30.59 36.07 -6.62
CA MET C 222 -30.00 35.17 -5.67
C MET C 222 -30.89 34.92 -4.45
N ILE C 223 -31.46 36.00 -3.92
CA ILE C 223 -32.34 35.87 -2.79
C ILE C 223 -33.64 35.12 -3.16
N ALA C 224 -34.16 35.42 -4.34
CA ALA C 224 -35.28 34.68 -4.89
C ALA C 224 -35.11 33.18 -4.68
N ARG C 225 -33.87 32.72 -4.78
CA ARG C 225 -33.54 31.30 -4.72
C ARG C 225 -33.27 30.80 -3.31
N ILE C 226 -33.30 31.69 -2.32
CA ILE C 226 -33.22 31.32 -0.90
C ILE C 226 -34.63 31.39 -0.23
N PRO C 227 -35.13 30.20 0.20
CA PRO C 227 -36.47 30.18 0.79
C PRO C 227 -36.68 31.03 2.03
N LEU C 228 -35.68 31.15 2.90
CA LEU C 228 -35.78 32.06 4.05
C LEU C 228 -35.69 33.58 3.69
N GLY C 229 -35.36 33.91 2.44
CA GLY C 229 -35.43 35.33 1.96
C GLY C 229 -34.29 36.28 2.37
N ARG C 230 -33.15 35.75 2.82
CA ARG C 230 -32.00 36.57 3.25
C ARG C 230 -30.68 35.82 3.15
N PHE C 231 -29.60 36.56 3.13
CA PHE C 231 -28.30 35.94 3.26
C PHE C 231 -27.98 35.58 4.70
N ALA C 232 -26.92 34.79 4.88
CA ALA C 232 -26.43 34.40 6.20
C ALA C 232 -25.68 35.60 6.86
N VAL C 233 -25.74 35.68 8.19
CA VAL C 233 -24.88 36.56 8.95
C VAL C 233 -23.70 35.74 9.53
N PRO C 234 -22.58 36.40 9.82
CA PRO C 234 -21.39 35.66 10.23
C PRO C 234 -21.59 34.64 11.37
N HIS C 235 -22.29 35.02 12.43
CA HIS C 235 -22.42 34.13 13.60
C HIS C 235 -23.14 32.84 13.30
N GLU C 236 -23.96 32.83 12.29
CA GLU C 236 -24.68 31.65 11.89
C GLU C 236 -23.72 30.61 11.34
N VAL C 237 -22.68 31.06 10.67
CA VAL C 237 -21.61 30.18 10.24
C VAL C 237 -20.81 29.74 11.47
N SER C 238 -20.50 30.69 12.35
CA SER C 238 -19.73 30.35 13.55
C SER C 238 -20.44 29.28 14.40
N ASP C 239 -21.76 29.38 14.48
CA ASP C 239 -22.55 28.43 15.28
C ASP C 239 -22.41 27.05 14.71
N ALA C 240 -22.50 26.93 13.40
CA ALA C 240 -22.42 25.62 12.77
C ALA C 240 -21.04 25.00 12.98
N VAL C 241 -20.00 25.85 12.94
CA VAL C 241 -18.63 25.39 13.18
C VAL C 241 -18.41 24.96 14.65
N VAL C 242 -18.88 25.78 15.60
CA VAL C 242 -18.78 25.41 16.99
C VAL C 242 -19.51 24.09 17.22
N TRP C 243 -20.70 23.98 16.67
CA TRP C 243 -21.47 22.76 16.87
C TRP C 243 -20.66 21.56 16.38
N LEU C 244 -20.08 21.64 15.18
CA LEU C 244 -19.34 20.53 14.58
C LEU C 244 -18.10 20.17 15.39
N ALA C 245 -17.50 21.17 16.02
CA ALA C 245 -16.34 20.94 16.89
C ALA C 245 -16.70 20.27 18.21
N SER C 246 -17.98 20.37 18.60
CA SER C 246 -18.45 19.95 19.94
C SER C 246 -18.72 18.44 20.06
N ASP C 247 -18.92 17.95 21.28
CA ASP C 247 -19.34 16.56 21.48
C ASP C 247 -20.81 16.31 21.08
N ALA C 248 -21.56 17.41 20.85
CA ALA C 248 -22.90 17.34 20.32
C ALA C 248 -22.91 16.97 18.80
N ALA C 249 -21.73 16.83 18.21
CA ALA C 249 -21.60 16.35 16.83
C ALA C 249 -20.72 15.09 16.76
N SER C 250 -20.65 14.34 17.85
CA SER C 250 -19.69 13.22 17.95
C SER C 250 -19.82 12.08 16.90
N MET C 251 -20.98 11.92 16.26
CA MET C 251 -21.12 10.89 15.20
C MET C 251 -21.14 11.51 13.83
N ILE C 252 -21.02 12.83 13.76
CA ILE C 252 -21.15 13.52 12.51
C ILE C 252 -19.81 13.46 11.79
N ASN C 253 -19.75 12.70 10.72
CA ASN C 253 -18.53 12.65 9.89
C ASN C 253 -18.79 12.63 8.37
N GLY C 254 -18.03 13.43 7.62
CA GLY C 254 -18.13 13.39 6.16
C GLY C 254 -19.34 14.10 5.59
N VAL C 255 -19.84 15.08 6.33
CA VAL C 255 -21.11 15.72 6.05
C VAL C 255 -20.87 17.13 5.58
N ASP C 256 -21.66 17.56 4.60
CA ASP C 256 -21.69 18.98 4.20
C ASP C 256 -22.92 19.61 4.82
N ILE C 257 -22.77 20.75 5.47
CA ILE C 257 -23.92 21.42 6.09
C ILE C 257 -24.11 22.72 5.36
N PRO C 258 -25.11 22.77 4.49
CA PRO C 258 -25.36 24.03 3.85
C PRO C 258 -25.87 24.97 4.89
N VAL C 259 -25.32 26.18 4.92
CA VAL C 259 -25.85 27.19 5.79
C VAL C 259 -26.42 28.20 4.81
N ASP C 260 -27.57 27.88 4.27
CA ASP C 260 -28.08 28.58 3.06
C ASP C 260 -29.59 28.77 2.90
N GLY C 261 -30.33 28.70 4.00
CA GLY C 261 -31.76 29.01 3.96
C GLY C 261 -32.61 28.13 3.03
N GLY C 262 -31.99 27.09 2.46
CA GLY C 262 -32.62 26.17 1.52
C GLY C 262 -32.16 26.25 0.06
N TYR C 263 -31.17 27.08 -0.23
CA TYR C 263 -30.84 27.41 -1.63
C TYR C 263 -30.49 26.13 -2.40
N THR C 264 -29.61 25.32 -1.80
CA THR C 264 -29.01 24.17 -2.49
C THR C 264 -29.92 22.94 -2.61
N MET C 265 -31.15 23.00 -2.09
CA MET C 265 -32.17 21.97 -2.43
C MET C 265 -32.47 22.04 -3.91
N GLY C 266 -32.31 23.23 -4.48
CA GLY C 266 -32.65 23.42 -5.88
C GLY C 266 -34.15 23.45 -6.07
N ASP D 10 -33.34 10.26 -33.54
CA ASP D 10 -33.80 9.06 -32.72
C ASP D 10 -33.88 7.63 -33.38
N ARG D 11 -33.53 7.41 -34.66
CA ARG D 11 -33.44 6.03 -35.19
C ARG D 11 -32.50 5.15 -34.33
N TYR D 12 -32.96 3.96 -34.04
CA TYR D 12 -32.28 3.09 -33.13
C TYR D 12 -31.73 1.92 -33.90
N ALA D 13 -30.41 1.93 -34.09
CA ALA D 13 -29.75 0.93 -34.91
C ALA D 13 -28.50 0.49 -34.16
N GLY D 14 -27.89 -0.59 -34.66
CA GLY D 14 -26.74 -1.19 -34.01
C GLY D 14 -27.12 -1.56 -32.60
N VAL D 15 -26.35 -1.03 -31.63
CA VAL D 15 -26.46 -1.43 -30.24
C VAL D 15 -27.77 -0.96 -29.60
N LEU D 16 -28.40 0.08 -30.20
CA LEU D 16 -29.72 0.57 -29.77
C LEU D 16 -30.89 -0.20 -30.39
N ARG D 17 -30.60 -1.27 -31.14
CA ARG D 17 -31.63 -2.24 -31.53
C ARG D 17 -31.96 -3.04 -30.29
N LEU D 18 -33.25 -3.26 -30.08
CA LEU D 18 -33.76 -4.06 -28.99
C LEU D 18 -34.46 -5.32 -29.51
N ASP D 19 -33.98 -5.80 -30.65
CA ASP D 19 -34.48 -7.02 -31.30
C ASP D 19 -34.63 -8.21 -30.34
N GLY D 20 -35.85 -8.72 -30.25
CA GLY D 20 -36.14 -9.86 -29.39
C GLY D 20 -36.40 -9.51 -27.95
N LYS D 21 -36.03 -8.32 -27.50
CA LYS D 21 -36.19 -8.00 -26.10
C LYS D 21 -37.68 -7.93 -25.75
N ARG D 22 -38.04 -8.60 -24.68
CA ARG D 22 -39.43 -8.61 -24.24
C ARG D 22 -39.64 -7.50 -23.21
N ALA D 23 -40.49 -6.52 -23.55
CA ALA D 23 -40.64 -5.30 -22.75
C ALA D 23 -42.09 -4.98 -22.30
N LEU D 24 -42.30 -4.96 -20.99
CA LEU D 24 -43.54 -4.52 -20.38
C LEU D 24 -43.46 -3.03 -20.18
N ILE D 25 -44.37 -2.31 -20.83
CA ILE D 25 -44.43 -0.83 -20.73
C ILE D 25 -45.82 -0.47 -20.19
N THR D 26 -45.87 0.09 -19.00
CA THR D 26 -47.13 0.44 -18.38
C THR D 26 -47.58 1.86 -18.80
N GLY D 27 -48.89 2.09 -18.73
CA GLY D 27 -49.51 3.38 -19.09
C GLY D 27 -49.18 3.68 -20.53
N ALA D 28 -49.25 2.63 -21.35
CA ALA D 28 -48.71 2.68 -22.65
C ALA D 28 -49.57 3.47 -23.66
N THR D 29 -50.81 3.84 -23.35
CA THR D 29 -51.71 4.38 -24.40
C THR D 29 -51.80 5.92 -24.44
N LYS D 30 -51.26 6.57 -23.39
CA LYS D 30 -51.21 8.04 -23.32
C LYS D 30 -49.84 8.51 -22.88
N GLY D 31 -49.67 9.82 -23.05
CA GLY D 31 -48.49 10.53 -22.62
C GLY D 31 -47.19 9.90 -23.08
N ILE D 32 -46.19 9.97 -22.20
CA ILE D 32 -44.86 9.52 -22.48
C ILE D 32 -44.79 8.01 -22.70
N GLY D 33 -45.72 7.29 -22.09
CA GLY D 33 -45.76 5.85 -22.21
C GLY D 33 -46.05 5.40 -23.63
N ALA D 34 -46.91 6.14 -24.34
CA ALA D 34 -47.11 5.89 -25.81
C ALA D 34 -45.82 6.08 -26.64
N ASP D 35 -45.11 7.18 -26.36
CA ASP D 35 -43.86 7.50 -27.06
C ASP D 35 -42.76 6.47 -26.84
N ILE D 36 -42.62 6.02 -25.58
CA ILE D 36 -41.65 5.04 -25.27
C ILE D 36 -42.00 3.77 -26.03
N ALA D 37 -43.28 3.40 -26.05
CA ALA D 37 -43.77 2.23 -26.76
C ALA D 37 -43.47 2.33 -28.25
N ARG D 38 -43.72 3.51 -28.82
CA ARG D 38 -43.41 3.77 -30.21
C ARG D 38 -41.90 3.61 -30.51
N ALA D 39 -41.09 4.24 -29.67
CA ALA D 39 -39.62 4.10 -29.77
C ALA D 39 -39.14 2.65 -29.60
N PHE D 40 -39.64 1.95 -28.61
CA PHE D 40 -39.26 0.54 -28.46
C PHE D 40 -39.72 -0.32 -29.65
N ALA D 41 -40.88 0.03 -30.22
CA ALA D 41 -41.41 -0.73 -31.32
C ALA D 41 -40.48 -0.52 -32.51
N ALA D 42 -40.15 0.74 -32.79
CA ALA D 42 -39.19 1.07 -33.83
C ALA D 42 -37.84 0.36 -33.61
N ALA D 43 -37.45 0.18 -32.35
CA ALA D 43 -36.15 -0.45 -32.01
C ALA D 43 -36.12 -1.94 -32.25
N GLY D 44 -37.30 -2.52 -32.53
CA GLY D 44 -37.42 -3.96 -32.75
C GLY D 44 -37.90 -4.75 -31.55
N ALA D 45 -38.48 -4.09 -30.55
CA ALA D 45 -38.81 -4.77 -29.29
C ALA D 45 -40.09 -5.57 -29.46
N ARG D 46 -40.27 -6.59 -28.64
CA ARG D 46 -41.57 -7.26 -28.50
C ARG D 46 -42.22 -6.69 -27.24
N LEU D 47 -43.47 -6.25 -27.34
CA LEU D 47 -44.11 -5.43 -26.30
C LEU D 47 -45.27 -6.06 -25.61
N VAL D 48 -45.31 -5.94 -24.28
CA VAL D 48 -46.55 -6.15 -23.52
C VAL D 48 -46.98 -4.79 -23.05
N LEU D 49 -48.16 -4.34 -23.50
CA LEU D 49 -48.64 -2.99 -23.14
C LEU D 49 -49.73 -3.14 -22.13
N SER D 50 -49.69 -2.38 -21.04
CA SER D 50 -50.80 -2.42 -20.06
C SER D 50 -51.44 -1.04 -19.91
N GLY D 51 -52.66 -1.02 -19.38
CA GLY D 51 -53.48 0.19 -19.27
C GLY D 51 -54.89 -0.19 -18.85
N ARG D 52 -55.72 0.81 -18.58
CA ARG D 52 -57.07 0.57 -18.05
C ARG D 52 -58.12 0.36 -19.16
N ASP D 53 -57.88 0.91 -20.36
CA ASP D 53 -58.91 1.01 -21.43
C ASP D 53 -58.70 0.06 -22.62
N VAL D 54 -59.60 -0.90 -22.75
CA VAL D 54 -59.50 -1.97 -23.74
C VAL D 54 -59.37 -1.46 -25.17
N SER D 55 -60.19 -0.47 -25.53
CA SER D 55 -60.22 0.06 -26.90
C SER D 55 -58.89 0.69 -27.28
N GLU D 56 -58.38 1.58 -26.43
CA GLU D 56 -57.08 2.24 -26.67
C GLU D 56 -55.95 1.21 -26.80
N LEU D 57 -56.00 0.15 -26.00
CA LEU D 57 -54.99 -0.90 -26.03
C LEU D 57 -54.99 -1.66 -27.35
N ASP D 58 -56.16 -2.06 -27.81
CA ASP D 58 -56.29 -2.63 -29.14
C ASP D 58 -55.82 -1.65 -30.21
N ALA D 59 -56.16 -0.38 -30.04
CA ALA D 59 -55.77 0.68 -31.00
C ALA D 59 -54.26 0.75 -31.12
N ALA D 60 -53.60 0.82 -29.96
CA ALA D 60 -52.16 0.73 -29.85
C ALA D 60 -51.61 -0.48 -30.58
N ARG D 61 -52.10 -1.67 -30.25
CA ARG D 61 -51.58 -2.91 -30.81
C ARG D 61 -51.61 -2.92 -32.34
N ARG D 62 -52.64 -2.27 -32.89
CA ARG D 62 -52.89 -2.12 -34.32
C ARG D 62 -51.89 -1.14 -34.95
N ALA D 63 -51.77 0.06 -34.37
CA ALA D 63 -50.80 1.06 -34.86
C ALA D 63 -49.38 0.48 -34.93
N LEU D 64 -48.95 -0.17 -33.85
CA LEU D 64 -47.59 -0.70 -33.76
C LEU D 64 -47.31 -1.94 -34.63
N GLY D 65 -48.29 -2.82 -34.75
CA GLY D 65 -48.18 -3.94 -35.67
C GLY D 65 -48.06 -3.49 -37.10
N GLU D 66 -48.88 -2.51 -37.48
CA GLU D 66 -48.95 -2.03 -38.86
C GLU D 66 -47.71 -1.24 -39.21
N GLN D 67 -47.33 -0.33 -38.32
CA GLN D 67 -46.23 0.57 -38.57
C GLN D 67 -44.85 -0.10 -38.45
N PHE D 68 -44.68 -0.99 -37.46
CA PHE D 68 -43.34 -1.57 -37.19
C PHE D 68 -43.23 -3.10 -37.31
N GLY D 69 -44.34 -3.77 -37.60
CA GLY D 69 -44.36 -5.24 -37.59
C GLY D 69 -44.06 -5.83 -36.22
N THR D 70 -44.40 -5.09 -35.17
CA THR D 70 -44.12 -5.47 -33.78
C THR D 70 -45.11 -6.48 -33.18
N ASP D 71 -44.59 -7.48 -32.46
CA ASP D 71 -45.43 -8.37 -31.63
C ASP D 71 -45.88 -7.57 -30.41
N VAL D 72 -47.18 -7.57 -30.17
CA VAL D 72 -47.78 -6.74 -29.14
C VAL D 72 -48.90 -7.54 -28.44
N HIS D 73 -48.73 -7.79 -27.15
CA HIS D 73 -49.78 -8.35 -26.29
C HIS D 73 -50.21 -7.26 -25.35
N THR D 74 -51.49 -7.24 -25.00
CA THR D 74 -52.02 -6.24 -24.09
C THR D 74 -52.69 -6.89 -22.87
N VAL D 75 -52.53 -6.23 -21.71
CA VAL D 75 -53.22 -6.60 -20.49
C VAL D 75 -54.03 -5.41 -20.00
N ALA D 76 -55.34 -5.51 -20.17
CA ALA D 76 -56.28 -4.57 -19.59
C ALA D 76 -56.49 -4.85 -18.07
N ILE D 77 -55.95 -3.98 -17.22
CA ILE D 77 -55.99 -4.24 -15.77
C ILE D 77 -56.00 -2.93 -14.99
N ASP D 78 -56.71 -2.92 -13.88
CA ASP D 78 -56.64 -1.83 -12.93
C ASP D 78 -55.60 -2.22 -11.86
N LEU D 79 -54.49 -1.52 -11.82
CA LEU D 79 -53.42 -1.85 -10.84
C LEU D 79 -53.79 -1.57 -9.37
N ALA D 80 -54.85 -0.77 -9.14
CA ALA D 80 -55.35 -0.50 -7.78
C ALA D 80 -56.08 -1.71 -7.13
N GLU D 81 -56.65 -2.59 -7.97
CA GLU D 81 -57.28 -3.84 -7.48
C GLU D 81 -56.20 -4.75 -6.81
N PRO D 82 -56.62 -5.61 -5.85
CA PRO D 82 -55.68 -6.37 -4.97
C PRO D 82 -54.92 -7.51 -5.67
N ASP D 83 -53.61 -7.60 -5.41
CA ASP D 83 -52.68 -8.49 -6.15
C ASP D 83 -52.55 -8.19 -7.70
N ALA D 84 -53.16 -7.09 -8.17
CA ALA D 84 -53.08 -6.64 -9.59
C ALA D 84 -51.62 -6.44 -10.11
N PRO D 85 -50.78 -5.72 -9.35
CA PRO D 85 -49.38 -5.64 -9.73
C PRO D 85 -48.74 -7.01 -9.99
N ALA D 86 -48.88 -7.92 -9.03
CA ALA D 86 -48.36 -9.29 -9.18
C ALA D 86 -49.04 -10.01 -10.37
N GLU D 87 -50.32 -9.76 -10.58
CA GLU D 87 -51.02 -10.38 -11.67
C GLU D 87 -50.50 -9.88 -13.03
N LEU D 88 -50.24 -8.58 -13.15
CA LEU D 88 -49.73 -7.97 -14.41
C LEU D 88 -48.33 -8.48 -14.73
N ALA D 89 -47.51 -8.54 -13.70
CA ALA D 89 -46.19 -9.13 -13.81
C ALA D 89 -46.30 -10.52 -14.40
N ARG D 90 -47.17 -11.35 -13.80
CA ARG D 90 -47.28 -12.75 -14.17
C ARG D 90 -47.74 -12.84 -15.63
N ARG D 91 -48.88 -12.20 -15.92
CA ARG D 91 -49.44 -12.23 -17.26
C ARG D 91 -48.50 -11.62 -18.29
N ALA D 92 -47.80 -10.54 -17.92
CA ALA D 92 -46.84 -9.94 -18.85
C ALA D 92 -45.73 -10.93 -19.24
N ALA D 93 -45.29 -11.73 -18.29
CA ALA D 93 -44.21 -12.70 -18.53
C ALA D 93 -44.69 -13.88 -19.36
N GLU D 94 -45.91 -14.35 -19.10
CA GLU D 94 -46.55 -15.40 -19.90
C GLU D 94 -46.63 -15.04 -21.37
N ALA D 95 -46.91 -13.77 -21.64
CA ALA D 95 -47.01 -13.30 -23.01
C ALA D 95 -45.93 -13.92 -23.90
N PHE D 96 -44.65 -13.73 -23.56
CA PHE D 96 -43.54 -14.30 -24.36
C PHE D 96 -42.59 -15.16 -23.55
N GLY D 97 -43.06 -15.75 -22.46
CA GLY D 97 -42.20 -16.62 -21.65
C GLY D 97 -41.04 -15.90 -20.98
N GLY D 98 -41.29 -14.67 -20.50
CA GLY D 98 -40.31 -13.92 -19.68
C GLY D 98 -40.22 -12.45 -20.11
N LEU D 99 -39.70 -11.62 -19.22
CA LEU D 99 -39.52 -10.22 -19.50
C LEU D 99 -38.05 -9.87 -19.42
N ASP D 100 -37.58 -9.10 -20.39
CA ASP D 100 -36.22 -8.61 -20.34
C ASP D 100 -36.19 -7.17 -19.87
N VAL D 101 -37.28 -6.45 -20.07
CA VAL D 101 -37.35 -5.04 -19.66
C VAL D 101 -38.68 -4.72 -19.02
N LEU D 102 -38.62 -3.99 -17.90
CA LEU D 102 -39.79 -3.31 -17.34
C LEU D 102 -39.63 -1.83 -17.52
N VAL D 103 -40.53 -1.17 -18.21
CA VAL D 103 -40.60 0.27 -18.15
C VAL D 103 -41.68 0.67 -17.14
N ASN D 104 -41.27 1.02 -15.92
CA ASN D 104 -42.22 1.32 -14.87
C ASN D 104 -42.71 2.78 -15.01
N ASN D 105 -43.79 2.94 -15.79
CA ASN D 105 -44.32 4.26 -16.19
C ASN D 105 -45.69 4.47 -15.62
N ALA D 106 -45.79 5.52 -14.80
CA ALA D 106 -47.08 5.94 -14.22
C ALA D 106 -46.94 7.38 -13.85
N GLY D 107 -48.07 8.03 -13.59
CA GLY D 107 -48.05 9.42 -13.18
C GLY D 107 -49.39 10.15 -13.17
N ILE D 108 -49.77 10.60 -11.98
CA ILE D 108 -50.83 11.59 -11.79
C ILE D 108 -50.31 12.68 -10.84
N SER D 109 -50.95 13.82 -10.90
CA SER D 109 -50.48 15.00 -10.19
C SER D 109 -51.67 15.84 -9.76
N HIS D 110 -51.79 16.06 -8.45
CA HIS D 110 -52.81 16.94 -7.87
C HIS D 110 -52.17 18.13 -7.15
N PRO D 111 -51.69 19.13 -7.93
CA PRO D 111 -51.05 20.29 -7.34
C PRO D 111 -51.91 21.01 -6.29
N GLN D 112 -51.33 21.28 -5.13
CA GLN D 112 -51.91 22.13 -4.07
C GLN D 112 -50.79 22.69 -3.16
N PRO D 113 -50.99 23.87 -2.56
CA PRO D 113 -50.06 24.34 -1.55
C PRO D 113 -49.87 23.31 -0.43
N VAL D 114 -48.67 23.19 0.10
CA VAL D 114 -48.44 22.21 1.16
C VAL D 114 -49.40 22.46 2.32
N VAL D 115 -49.69 23.74 2.63
CA VAL D 115 -50.61 24.05 3.74
C VAL D 115 -52.01 23.51 3.51
N ASP D 116 -52.42 23.34 2.25
CA ASP D 116 -53.75 22.84 1.88
C ASP D 116 -53.81 21.36 1.49
N THR D 117 -52.78 20.59 1.79
CA THR D 117 -52.71 19.20 1.29
C THR D 117 -53.91 18.35 1.71
N ASP D 118 -54.60 17.77 0.73
CA ASP D 118 -55.75 16.92 0.98
C ASP D 118 -55.33 15.47 1.15
N PRO D 119 -55.71 14.83 2.27
CA PRO D 119 -55.27 13.46 2.52
C PRO D 119 -55.68 12.46 1.41
N GLN D 120 -56.86 12.62 0.85
CA GLN D 120 -57.29 11.65 -0.16
C GLN D 120 -56.45 11.81 -1.42
N LEU D 121 -56.16 13.06 -1.82
CA LEU D 121 -55.34 13.30 -3.02
C LEU D 121 -53.87 12.88 -2.82
N PHE D 122 -53.40 13.03 -1.58
CA PHE D 122 -52.11 12.58 -1.22
C PHE D 122 -52.12 11.04 -1.25
N ASP D 123 -53.06 10.42 -0.56
CA ASP D 123 -53.15 8.95 -0.61
C ASP D 123 -53.18 8.39 -2.04
N ALA D 124 -53.89 9.09 -2.94
CA ALA D 124 -54.08 8.62 -4.32
C ALA D 124 -52.75 8.76 -5.11
N THR D 125 -52.07 9.87 -4.89
CA THR D 125 -50.79 10.09 -5.56
C THR D 125 -49.81 8.99 -5.14
N ILE D 126 -49.80 8.64 -3.87
CA ILE D 126 -48.91 7.58 -3.40
C ILE D 126 -49.35 6.24 -3.98
N ALA D 127 -50.64 5.96 -3.94
CA ALA D 127 -51.14 4.71 -4.50
C ALA D 127 -50.71 4.50 -5.97
N VAL D 128 -50.81 5.58 -6.78
CA VAL D 128 -50.58 5.47 -8.20
C VAL D 128 -49.12 5.67 -8.58
N ASN D 129 -48.49 6.74 -8.09
CA ASN D 129 -47.12 7.05 -8.47
C ASN D 129 -46.06 6.20 -7.75
N LEU D 130 -46.42 5.61 -6.63
CA LEU D 130 -45.41 4.95 -5.80
C LEU D 130 -45.76 3.49 -5.62
N ARG D 131 -46.91 3.24 -5.02
CA ARG D 131 -47.28 1.90 -4.53
C ARG D 131 -47.36 0.83 -5.62
N ALA D 132 -48.13 1.11 -6.65
CA ALA D 132 -48.35 0.12 -7.68
C ALA D 132 -47.09 -0.17 -8.47
N PRO D 133 -46.37 0.89 -8.88
CA PRO D 133 -45.09 0.65 -9.56
C PRO D 133 -44.07 -0.15 -8.70
N ALA D 134 -43.98 0.22 -7.44
CA ALA D 134 -43.04 -0.39 -6.53
C ALA D 134 -43.31 -1.90 -6.44
N LEU D 135 -44.56 -2.30 -6.35
CA LEU D 135 -44.91 -3.73 -6.18
C LEU D 135 -44.91 -4.49 -7.50
N LEU D 136 -45.16 -3.76 -8.59
CA LEU D 136 -45.00 -4.34 -9.92
C LEU D 136 -43.54 -4.69 -10.13
N ALA D 137 -42.63 -3.80 -9.73
CA ALA D 137 -41.19 -3.99 -9.91
C ALA D 137 -40.64 -5.21 -9.12
N SER D 138 -41.06 -5.39 -7.86
CA SER D 138 -40.54 -6.49 -7.04
C SER D 138 -40.92 -7.83 -7.66
N ALA D 139 -42.20 -8.02 -7.94
CA ALA D 139 -42.74 -9.20 -8.59
C ALA D 139 -42.03 -9.52 -9.93
N VAL D 140 -41.90 -8.49 -10.76
CA VAL D 140 -41.22 -8.61 -12.02
C VAL D 140 -39.82 -9.03 -11.84
N GLY D 141 -39.15 -8.44 -10.84
CA GLY D 141 -37.78 -8.78 -10.48
C GLY D 141 -37.62 -10.20 -9.96
N LYS D 142 -38.52 -10.63 -9.10
CA LYS D 142 -38.51 -12.03 -8.63
C LYS D 142 -38.55 -13.01 -9.82
N ALA D 143 -39.35 -12.66 -10.82
CA ALA D 143 -39.49 -13.50 -12.01
C ALA D 143 -38.20 -13.38 -12.87
N MET D 144 -37.60 -12.21 -12.92
CA MET D 144 -36.31 -12.05 -13.63
C MET D 144 -35.18 -12.86 -12.93
N VAL D 145 -35.15 -12.82 -11.60
CA VAL D 145 -34.15 -13.57 -10.83
C VAL D 145 -34.30 -15.05 -11.15
N ALA D 146 -35.52 -15.54 -11.07
CA ALA D 146 -35.79 -16.97 -11.29
C ALA D 146 -35.47 -17.45 -12.72
N ALA D 147 -35.68 -16.60 -13.73
CA ALA D 147 -35.38 -16.99 -15.12
C ALA D 147 -33.89 -17.07 -15.41
N GLY D 148 -33.07 -16.21 -14.78
CA GLY D 148 -31.59 -16.28 -14.90
C GLY D 148 -31.01 -15.62 -16.12
N GLU D 149 -31.78 -14.74 -16.75
CA GLU D 149 -31.38 -14.09 -17.99
C GLU D 149 -31.19 -12.58 -17.87
N GLY D 150 -30.93 -12.12 -16.65
CA GLY D 150 -30.76 -10.69 -16.38
C GLY D 150 -32.01 -9.90 -16.70
N GLY D 151 -31.83 -8.61 -16.93
CA GLY D 151 -32.94 -7.76 -17.24
C GLY D 151 -32.65 -6.34 -16.87
N ALA D 152 -33.57 -5.45 -17.27
CA ALA D 152 -33.39 -4.02 -17.11
C ALA D 152 -34.71 -3.47 -16.65
N ILE D 153 -34.73 -2.82 -15.48
CA ILE D 153 -35.91 -2.10 -14.98
C ILE D 153 -35.57 -0.62 -15.14
N ILE D 154 -36.43 0.13 -15.82
CA ILE D 154 -36.27 1.57 -16.04
C ILE D 154 -37.50 2.28 -15.49
N THR D 155 -37.28 3.08 -14.47
CA THR D 155 -38.35 3.81 -13.83
C THR D 155 -38.48 5.18 -14.48
N VAL D 156 -39.69 5.53 -14.83
CA VAL D 156 -40.00 6.89 -15.30
C VAL D 156 -40.41 7.71 -14.10
N ALA D 157 -39.43 8.42 -13.53
CA ALA D 157 -39.62 9.32 -12.38
C ALA D 157 -39.82 10.76 -12.88
N SER D 158 -39.12 11.73 -12.25
CA SER D 158 -39.26 13.15 -12.56
C SER D 158 -38.10 13.90 -11.94
N ALA D 159 -37.70 14.99 -12.56
CA ALA D 159 -36.84 15.97 -11.88
C ALA D 159 -37.38 16.34 -10.48
N ALA D 160 -38.70 16.23 -10.30
CA ALA D 160 -39.35 16.52 -9.00
C ALA D 160 -39.06 15.44 -7.91
N ALA D 161 -38.46 14.31 -8.33
CA ALA D 161 -37.96 13.31 -7.37
C ALA D 161 -36.65 13.79 -6.77
N LEU D 162 -36.05 14.81 -7.40
CA LEU D 162 -34.70 15.21 -7.03
C LEU D 162 -34.62 16.62 -6.40
N ALA D 163 -35.58 17.44 -6.64
CA ALA D 163 -35.58 18.79 -6.10
C ALA D 163 -37.03 19.07 -5.76
N PRO D 164 -37.27 19.75 -4.63
CA PRO D 164 -38.63 20.07 -4.28
C PRO D 164 -39.21 21.08 -5.27
N LEU D 165 -40.52 20.95 -5.49
CA LEU D 165 -41.25 21.78 -6.41
C LEU D 165 -42.50 22.30 -5.71
N PRO D 166 -42.68 23.62 -5.69
CA PRO D 166 -43.87 24.13 -5.02
C PRO D 166 -45.18 23.50 -5.54
N ASP D 167 -46.16 23.42 -4.65
CA ASP D 167 -47.44 22.79 -4.91
C ASP D 167 -47.32 21.28 -5.19
N HIS D 168 -46.13 20.70 -5.05
CA HIS D 168 -45.98 19.31 -5.43
C HIS D 168 -45.60 18.44 -4.28
N TYR D 169 -46.14 18.73 -3.10
CA TYR D 169 -45.87 17.90 -1.89
C TYR D 169 -46.05 16.39 -2.14
N ALA D 170 -47.24 15.95 -2.51
CA ALA D 170 -47.49 14.52 -2.77
C ALA D 170 -46.67 13.99 -3.95
N TYR D 171 -46.64 14.79 -5.03
CA TYR D 171 -46.05 14.36 -6.28
C TYR D 171 -44.57 14.08 -6.10
N CYS D 172 -43.85 15.09 -5.59
CA CYS D 172 -42.42 15.00 -5.27
C CYS D 172 -42.12 13.86 -4.29
N THR D 173 -42.98 13.69 -3.29
CA THR D 173 -42.76 12.66 -2.26
C THR D 173 -42.79 11.33 -2.94
N SER D 174 -43.85 11.09 -3.71
CA SER D 174 -44.05 9.82 -4.39
C SER D 174 -42.89 9.38 -5.30
N LYS D 175 -42.41 10.33 -6.10
CA LYS D 175 -41.37 10.08 -7.07
C LYS D 175 -40.00 9.92 -6.40
N ALA D 176 -39.73 10.67 -5.34
CA ALA D 176 -38.50 10.53 -4.60
C ALA D 176 -38.46 9.13 -4.00
N GLY D 177 -39.62 8.65 -3.53
CA GLY D 177 -39.77 7.29 -3.01
C GLY D 177 -39.48 6.22 -4.06
N LEU D 178 -40.05 6.38 -5.26
CA LEU D 178 -39.88 5.39 -6.32
C LEU D 178 -38.41 5.36 -6.79
N VAL D 179 -37.75 6.50 -6.73
CA VAL D 179 -36.36 6.56 -7.13
C VAL D 179 -35.47 5.75 -6.16
N MET D 180 -35.81 5.77 -4.88
CA MET D 180 -35.08 4.97 -3.89
C MET D 180 -35.47 3.50 -4.00
N ALA D 181 -36.76 3.23 -4.17
CA ALA D 181 -37.22 1.86 -4.51
C ALA D 181 -36.32 1.26 -5.63
N THR D 182 -36.14 2.07 -6.69
CA THR D 182 -35.37 1.67 -7.87
C THR D 182 -33.94 1.35 -7.48
N LYS D 183 -33.42 2.16 -6.56
CA LYS D 183 -32.07 1.93 -5.99
C LYS D 183 -31.97 0.68 -5.17
N VAL D 184 -32.97 0.32 -4.39
CA VAL D 184 -32.86 -0.96 -3.67
C VAL D 184 -32.88 -2.13 -4.66
N LEU D 185 -33.64 -2.01 -5.76
CA LEU D 185 -33.60 -3.02 -6.84
C LEU D 185 -32.19 -3.17 -7.44
N ALA D 186 -31.53 -2.04 -7.68
CA ALA D 186 -30.18 -2.03 -8.21
C ALA D 186 -29.18 -2.72 -7.29
N ARG D 187 -29.34 -2.52 -5.99
CA ARG D 187 -28.46 -3.09 -5.02
C ARG D 187 -28.66 -4.58 -4.90
N GLU D 188 -29.92 -5.03 -4.74
CA GLU D 188 -30.20 -6.51 -4.53
C GLU D 188 -30.25 -7.32 -5.82
N LEU D 189 -30.65 -6.70 -6.93
CA LEU D 189 -30.80 -7.49 -8.17
C LEU D 189 -29.58 -7.39 -9.09
N GLY D 190 -28.78 -6.36 -8.88
CA GLY D 190 -27.46 -6.23 -9.52
C GLY D 190 -26.64 -7.51 -9.59
N PRO D 191 -26.47 -8.20 -8.47
CA PRO D 191 -25.77 -9.45 -8.53
C PRO D 191 -26.32 -10.41 -9.57
N HIS D 192 -27.62 -10.47 -9.74
CA HIS D 192 -28.18 -11.37 -10.74
C HIS D 192 -28.17 -10.82 -12.15
N GLY D 193 -27.48 -9.71 -12.41
CA GLY D 193 -27.33 -9.24 -13.77
C GLY D 193 -28.50 -8.36 -14.20
N ILE D 194 -29.25 -7.87 -13.21
CA ILE D 194 -30.43 -7.05 -13.47
C ILE D 194 -30.01 -5.64 -13.10
N ARG D 195 -30.33 -4.71 -13.99
CA ARG D 195 -30.03 -3.29 -13.83
C ARG D 195 -31.31 -2.48 -13.59
N ALA D 196 -31.31 -1.68 -12.54
CA ALA D 196 -32.40 -0.80 -12.22
C ALA D 196 -31.86 0.63 -12.23
N ASN D 197 -32.52 1.48 -13.01
CA ASN D 197 -32.14 2.87 -13.18
C ASN D 197 -33.44 3.70 -13.34
N SER D 198 -33.36 5.02 -13.17
CA SER D 198 -34.50 5.91 -13.36
CA SER D 198 -34.50 5.91 -13.37
C SER D 198 -34.19 7.07 -14.31
N VAL D 199 -35.21 7.54 -15.04
CA VAL D 199 -35.09 8.70 -15.92
C VAL D 199 -35.95 9.78 -15.31
N CYS D 200 -35.36 10.96 -15.12
CA CYS D 200 -36.00 12.01 -14.35
C CYS D 200 -36.13 13.25 -15.22
N PRO D 201 -37.20 13.30 -15.99
CA PRO D 201 -37.36 14.47 -16.86
C PRO D 201 -37.92 15.69 -16.19
N THR D 202 -37.73 16.83 -16.83
CA THR D 202 -38.48 18.00 -16.48
C THR D 202 -39.86 17.91 -17.17
N VAL D 203 -40.62 19.01 -17.16
CA VAL D 203 -41.88 19.10 -17.94
C VAL D 203 -41.57 18.56 -19.30
N VAL D 204 -42.43 17.66 -19.78
CA VAL D 204 -42.29 17.07 -21.10
C VAL D 204 -43.45 17.58 -21.95
N LEU D 205 -43.14 18.06 -23.15
CA LEU D 205 -44.14 18.66 -24.03
C LEU D 205 -44.85 17.59 -24.89
N THR D 206 -45.34 16.53 -24.23
CA THR D 206 -46.43 15.70 -24.75
C THR D 206 -47.64 16.61 -25.11
N GLU D 207 -48.74 16.01 -25.56
CA GLU D 207 -49.99 16.74 -25.87
C GLU D 207 -50.56 17.47 -24.63
N MET D 208 -50.66 16.74 -23.51
CA MET D 208 -51.07 17.33 -22.22
C MET D 208 -49.99 18.21 -21.58
N GLY D 209 -48.72 17.87 -21.80
CA GLY D 209 -47.61 18.73 -21.40
C GLY D 209 -47.75 20.17 -21.91
N GLN D 210 -47.87 20.34 -23.24
CA GLN D 210 -47.97 21.68 -23.85
C GLN D 210 -49.15 22.50 -23.31
N ARG D 211 -50.31 21.85 -23.18
CA ARG D 211 -51.51 22.48 -22.64
C ARG D 211 -51.30 23.05 -21.23
N VAL D 212 -50.61 22.30 -20.36
CA VAL D 212 -50.46 22.67 -18.92
C VAL D 212 -49.33 23.70 -18.65
N TRP D 213 -48.37 23.81 -19.56
CA TRP D 213 -47.20 24.67 -19.36
C TRP D 213 -46.97 25.52 -20.59
N LYS D 218 -46.28 31.24 -15.22
CA LYS D 218 -46.31 29.84 -14.81
C LYS D 218 -45.02 29.11 -15.20
N SER D 219 -44.69 29.12 -16.49
CA SER D 219 -43.55 28.34 -16.99
C SER D 219 -42.25 29.13 -16.98
N ALA D 220 -42.34 30.44 -17.22
CA ALA D 220 -41.15 31.32 -17.22
C ALA D 220 -40.15 31.00 -16.08
N PRO D 221 -40.63 30.95 -14.83
CA PRO D 221 -39.71 30.63 -13.73
C PRO D 221 -39.10 29.23 -13.77
N MET D 222 -39.78 28.25 -14.38
CA MET D 222 -39.18 26.94 -14.59
C MET D 222 -38.09 27.02 -15.65
N ILE D 223 -38.39 27.71 -16.75
CA ILE D 223 -37.48 27.87 -17.88
C ILE D 223 -36.23 28.64 -17.48
N ALA D 224 -36.38 29.62 -16.59
CA ALA D 224 -35.24 30.37 -16.06
C ALA D 224 -34.24 29.44 -15.36
N ARG D 225 -34.75 28.35 -14.80
CA ARG D 225 -33.92 27.34 -14.12
C ARG D 225 -33.33 26.25 -15.04
N ILE D 226 -33.72 26.24 -16.31
CA ILE D 226 -33.20 25.29 -17.27
C ILE D 226 -32.18 26.01 -18.19
N PRO D 227 -30.87 25.70 -18.02
CA PRO D 227 -29.87 26.34 -18.86
C PRO D 227 -30.14 26.21 -20.37
N LEU D 228 -30.63 25.05 -20.83
CA LEU D 228 -30.92 24.92 -22.28
C LEU D 228 -32.13 25.73 -22.78
N GLY D 229 -32.88 26.39 -21.89
CA GLY D 229 -33.94 27.37 -22.30
C GLY D 229 -35.26 26.82 -22.85
N ARG D 230 -35.50 25.53 -22.62
CA ARG D 230 -36.74 24.87 -23.04
C ARG D 230 -37.05 23.64 -22.17
N PHE D 231 -38.28 23.18 -22.29
CA PHE D 231 -38.67 21.88 -21.73
C PHE D 231 -38.28 20.73 -22.69
N ALA D 232 -38.43 19.50 -22.22
CA ALA D 232 -38.06 18.34 -23.00
C ALA D 232 -39.22 17.97 -23.91
N VAL D 233 -38.91 17.30 -25.01
CA VAL D 233 -39.94 16.74 -25.88
C VAL D 233 -39.94 15.24 -25.64
N PRO D 234 -41.06 14.56 -25.94
CA PRO D 234 -41.20 13.14 -25.61
C PRO D 234 -40.05 12.24 -26.08
N HIS D 235 -39.54 12.45 -27.28
CA HIS D 235 -38.58 11.49 -27.81
C HIS D 235 -37.28 11.50 -27.04
N GLU D 236 -37.06 12.58 -26.30
CA GLU D 236 -35.82 12.74 -25.56
C GLU D 236 -35.86 11.89 -24.33
N VAL D 237 -37.03 11.76 -23.72
CA VAL D 237 -37.19 10.82 -22.64
C VAL D 237 -37.06 9.44 -23.22
N SER D 238 -37.70 9.21 -24.35
CA SER D 238 -37.70 7.91 -24.99
C SER D 238 -36.30 7.46 -25.33
N ASP D 239 -35.51 8.33 -25.95
CA ASP D 239 -34.06 8.03 -26.23
C ASP D 239 -33.34 7.45 -25.00
N ALA D 240 -33.60 8.06 -23.85
CA ALA D 240 -32.92 7.77 -22.63
C ALA D 240 -33.32 6.36 -22.12
N VAL D 241 -34.60 6.04 -22.23
CA VAL D 241 -35.06 4.72 -21.83
C VAL D 241 -34.48 3.65 -22.78
N VAL D 242 -34.52 3.89 -24.07
CA VAL D 242 -33.97 2.93 -25.03
C VAL D 242 -32.49 2.59 -24.69
N TRP D 243 -31.69 3.65 -24.54
CA TRP D 243 -30.30 3.53 -24.11
C TRP D 243 -30.11 2.72 -22.84
N LEU D 244 -30.90 3.02 -21.81
CA LEU D 244 -30.79 2.32 -20.55
C LEU D 244 -31.12 0.80 -20.69
N ALA D 245 -31.95 0.47 -21.66
CA ALA D 245 -32.36 -0.90 -21.88
C ALA D 245 -31.38 -1.69 -22.76
N SER D 246 -30.52 -0.99 -23.48
CA SER D 246 -29.63 -1.61 -24.46
C SER D 246 -28.29 -2.05 -23.84
N ASP D 247 -27.47 -2.75 -24.61
CA ASP D 247 -26.11 -3.13 -24.20
C ASP D 247 -25.11 -1.97 -24.13
N ALA D 248 -25.49 -0.80 -24.66
CA ALA D 248 -24.70 0.39 -24.47
C ALA D 248 -24.82 0.97 -23.04
N ALA D 249 -25.60 0.34 -22.17
CA ALA D 249 -25.76 0.75 -20.74
C ALA D 249 -25.49 -0.45 -19.85
N SER D 250 -24.73 -1.40 -20.39
CA SER D 250 -24.46 -2.67 -19.77
C SER D 250 -23.86 -2.52 -18.34
N MET D 251 -23.11 -1.45 -18.08
CA MET D 251 -22.54 -1.24 -16.74
C MET D 251 -23.36 -0.24 -15.88
N ILE D 252 -24.44 0.36 -16.45
CA ILE D 252 -25.17 1.46 -15.78
C ILE D 252 -26.23 0.89 -14.80
N ASN D 253 -26.04 1.12 -13.52
CA ASN D 253 -26.91 0.50 -12.51
C ASN D 253 -27.11 1.41 -11.32
N GLY D 254 -28.34 1.51 -10.85
CA GLY D 254 -28.61 2.36 -9.70
C GLY D 254 -28.50 3.86 -10.02
N VAL D 255 -28.65 4.23 -11.27
CA VAL D 255 -28.46 5.62 -11.70
C VAL D 255 -29.75 6.38 -12.00
N ASP D 256 -29.73 7.70 -11.74
CA ASP D 256 -30.82 8.64 -12.06
C ASP D 256 -30.38 9.60 -13.18
N ILE D 257 -31.07 9.56 -14.31
CA ILE D 257 -30.72 10.37 -15.46
C ILE D 257 -31.70 11.49 -15.51
N PRO D 258 -31.30 12.67 -15.04
CA PRO D 258 -32.11 13.83 -15.28
C PRO D 258 -32.15 14.05 -16.75
N VAL D 259 -33.36 14.24 -17.29
CA VAL D 259 -33.57 14.70 -18.67
C VAL D 259 -34.12 16.11 -18.57
N ASP D 260 -33.24 17.03 -18.17
CA ASP D 260 -33.75 18.32 -17.60
C ASP D 260 -33.04 19.60 -17.97
N GLY D 261 -32.14 19.55 -18.95
CA GLY D 261 -31.50 20.78 -19.48
C GLY D 261 -30.49 21.43 -18.56
N GLY D 262 -30.21 20.80 -17.41
CA GLY D 262 -29.38 21.44 -16.38
C GLY D 262 -30.13 21.78 -15.11
N TYR D 263 -31.45 21.61 -15.12
CA TYR D 263 -32.27 22.08 -14.00
C TYR D 263 -31.78 21.58 -12.61
N THR D 264 -31.52 20.30 -12.47
CA THR D 264 -31.25 19.74 -11.14
C THR D 264 -29.82 19.95 -10.64
N MET D 265 -29.01 20.66 -11.41
CA MET D 265 -27.73 21.13 -10.90
C MET D 265 -27.99 22.11 -9.78
N GLY D 266 -29.11 22.84 -9.89
CA GLY D 266 -29.41 23.95 -8.98
C GLY D 266 -28.54 25.16 -9.27
N ASP E 10 31.05 10.77 18.93
CA ASP E 10 32.57 10.86 19.16
C ASP E 10 33.19 10.59 20.57
N ARG E 11 33.23 11.55 21.50
CA ARG E 11 34.13 11.51 22.73
C ARG E 11 34.34 10.11 23.38
N TYR E 12 35.60 9.83 23.68
CA TYR E 12 36.04 8.49 24.04
C TYR E 12 36.55 8.44 25.48
N ALA E 13 35.84 7.71 26.33
CA ALA E 13 36.12 7.65 27.76
C ALA E 13 35.69 6.29 28.32
N GLY E 14 36.03 6.05 29.58
CA GLY E 14 35.75 4.78 30.23
C GLY E 14 36.44 3.67 29.47
N VAL E 15 35.65 2.71 28.99
CA VAL E 15 36.20 1.52 28.35
C VAL E 15 36.67 1.84 26.93
N LEU E 16 36.25 2.98 26.41
CA LEU E 16 36.74 3.42 25.13
C LEU E 16 38.05 4.19 25.20
N ARG E 17 38.57 4.49 26.41
CA ARG E 17 39.94 4.95 26.50
C ARG E 17 40.91 3.89 25.93
N LEU E 18 41.96 4.38 25.27
CA LEU E 18 43.04 3.57 24.70
C LEU E 18 44.37 4.10 25.20
N ASP E 19 44.37 4.62 26.42
CA ASP E 19 45.56 5.15 27.03
C ASP E 19 46.68 4.12 27.04
N GLY E 20 47.83 4.51 26.47
CA GLY E 20 48.98 3.63 26.43
C GLY E 20 48.95 2.55 25.34
N LYS E 21 47.87 2.49 24.55
CA LYS E 21 47.81 1.52 23.49
C LYS E 21 48.65 2.01 22.33
N ARG E 22 49.52 1.13 21.83
CA ARG E 22 50.43 1.49 20.75
C ARG E 22 49.77 1.07 19.40
N ALA E 23 49.45 2.05 18.58
CA ALA E 23 48.67 1.82 17.37
C ALA E 23 49.40 2.24 16.13
N LEU E 24 49.51 1.31 15.18
CA LEU E 24 49.99 1.64 13.83
C LEU E 24 48.76 1.96 12.99
N ILE E 25 48.74 3.17 12.45
CA ILE E 25 47.67 3.57 11.56
C ILE E 25 48.30 3.96 10.22
N THR E 26 48.01 3.18 9.20
CA THR E 26 48.46 3.50 7.85
C THR E 26 47.52 4.52 7.11
N GLY E 27 48.04 5.10 6.05
CA GLY E 27 47.31 6.14 5.24
C GLY E 27 46.80 7.23 6.14
N ALA E 28 47.67 7.70 7.03
CA ALA E 28 47.21 8.46 8.19
C ALA E 28 47.09 9.96 7.91
N THR E 29 47.53 10.42 6.74
CA THR E 29 47.62 11.87 6.49
C THR E 29 46.44 12.45 5.76
N LYS E 30 45.60 11.59 5.19
CA LYS E 30 44.42 12.01 4.43
C LYS E 30 43.23 11.06 4.68
N GLY E 31 42.03 11.62 4.61
CA GLY E 31 40.81 10.85 4.49
C GLY E 31 40.44 10.09 5.73
N ILE E 32 39.92 8.90 5.57
CA ILE E 32 39.52 8.09 6.70
C ILE E 32 40.67 7.95 7.69
N GLY E 33 41.87 7.68 7.21
CA GLY E 33 42.99 7.44 8.09
C GLY E 33 43.32 8.64 8.97
N ALA E 34 43.27 9.85 8.38
CA ALA E 34 43.50 11.04 9.14
C ALA E 34 42.47 11.15 10.29
N ASP E 35 41.20 10.84 10.00
CA ASP E 35 40.14 10.93 11.04
C ASP E 35 40.28 9.88 12.16
N ILE E 36 40.65 8.66 11.81
CA ILE E 36 40.91 7.61 12.83
C ILE E 36 42.15 7.97 13.71
N ALA E 37 43.18 8.54 13.08
CA ALA E 37 44.36 9.01 13.81
C ALA E 37 43.95 10.01 14.85
N ARG E 38 43.13 10.95 14.44
CA ARG E 38 42.60 11.97 15.33
C ARG E 38 41.87 11.31 16.54
N ALA E 39 40.99 10.35 16.25
CA ALA E 39 40.15 9.69 17.27
C ALA E 39 40.97 8.92 18.26
N PHE E 40 41.98 8.20 17.77
CA PHE E 40 42.87 7.41 18.61
C PHE E 40 43.66 8.35 19.51
N ALA E 41 44.01 9.51 18.96
CA ALA E 41 44.71 10.52 19.70
C ALA E 41 43.83 11.02 20.87
N ALA E 42 42.58 11.40 20.58
CA ALA E 42 41.66 11.83 21.64
C ALA E 42 41.47 10.71 22.67
N ALA E 43 41.42 9.48 22.20
CA ALA E 43 41.23 8.34 23.06
C ALA E 43 42.47 8.02 23.96
N GLY E 44 43.60 8.70 23.69
CA GLY E 44 44.85 8.56 24.50
C GLY E 44 45.93 7.61 23.96
N ALA E 45 45.72 7.13 22.74
CA ALA E 45 46.63 6.22 22.06
C ALA E 45 47.98 6.89 21.84
N ARG E 46 49.01 6.05 21.81
CA ARG E 46 50.30 6.41 21.26
C ARG E 46 50.31 5.87 19.86
N LEU E 47 50.75 6.69 18.93
CA LEU E 47 50.59 6.39 17.52
C LEU E 47 51.89 6.30 16.71
N VAL E 48 51.94 5.28 15.85
CA VAL E 48 52.87 5.25 14.73
C VAL E 48 52.05 5.51 13.48
N LEU E 49 52.35 6.58 12.76
CA LEU E 49 51.64 6.94 11.52
C LEU E 49 52.50 6.68 10.30
N SER E 50 51.97 5.99 9.30
CA SER E 50 52.69 5.82 8.05
C SER E 50 51.94 6.46 6.86
N GLY E 51 52.70 6.78 5.81
CA GLY E 51 52.17 7.40 4.59
C GLY E 51 53.28 7.59 3.54
N ARG E 52 52.91 8.07 2.38
CA ARG E 52 53.90 8.26 1.32
C ARG E 52 54.68 9.55 1.53
N ASP E 53 54.07 10.54 2.15
CA ASP E 53 54.61 11.91 2.06
C ASP E 53 55.12 12.47 3.38
N VAL E 54 56.43 12.80 3.39
CA VAL E 54 57.17 13.21 4.58
C VAL E 54 56.52 14.37 5.27
N SER E 55 56.30 15.45 4.51
CA SER E 55 55.83 16.73 5.06
C SER E 55 54.44 16.63 5.64
N GLU E 56 53.63 15.72 5.12
CA GLU E 56 52.27 15.54 5.66
C GLU E 56 52.24 14.72 6.99
N LEU E 57 53.07 13.68 7.06
CA LEU E 57 53.30 12.96 8.31
C LEU E 57 53.82 13.91 9.41
N ASP E 58 54.66 14.86 9.00
CA ASP E 58 55.23 15.82 9.94
C ASP E 58 54.18 16.78 10.46
N ALA E 59 53.35 17.29 9.54
CA ALA E 59 52.23 18.19 9.86
C ALA E 59 51.21 17.48 10.77
N ALA E 60 50.94 16.22 10.45
CA ALA E 60 50.04 15.37 11.23
C ALA E 60 50.60 15.12 12.64
N ARG E 61 51.86 14.71 12.73
CA ARG E 61 52.49 14.55 14.02
C ARG E 61 52.44 15.86 14.87
N ARG E 62 52.85 16.98 14.30
CA ARG E 62 52.92 18.22 15.09
C ARG E 62 51.51 18.63 15.53
N ALA E 63 50.52 18.45 14.64
CA ALA E 63 49.15 18.82 14.93
C ALA E 63 48.53 17.94 16.05
N LEU E 64 48.73 16.62 15.99
CA LEU E 64 48.16 15.73 17.02
C LEU E 64 48.85 15.92 18.36
N GLY E 65 50.13 16.30 18.28
CA GLY E 65 50.88 16.68 19.48
C GLY E 65 50.30 17.92 20.15
N GLU E 66 50.17 19.00 19.39
CA GLU E 66 49.69 20.25 19.94
C GLU E 66 48.24 20.12 20.46
N GLN E 67 47.42 19.27 19.84
CA GLN E 67 46.00 19.22 20.16
C GLN E 67 45.66 18.24 21.31
N PHE E 68 46.36 17.11 21.37
CA PHE E 68 46.07 16.06 22.35
C PHE E 68 47.24 15.63 23.21
N GLY E 69 48.47 16.10 22.90
CA GLY E 69 49.70 15.70 23.60
C GLY E 69 50.16 14.28 23.28
N THR E 70 49.67 13.75 22.16
CA THR E 70 49.95 12.39 21.70
C THR E 70 51.45 12.13 21.44
N ASP E 71 51.94 11.00 21.94
CA ASP E 71 53.23 10.48 21.57
C ASP E 71 53.13 9.92 20.12
N VAL E 72 53.79 10.59 19.13
CA VAL E 72 53.73 10.15 17.72
C VAL E 72 55.11 9.97 17.09
N HIS E 73 55.24 8.90 16.32
CA HIS E 73 56.44 8.60 15.52
C HIS E 73 55.94 8.27 14.15
N THR E 74 56.52 8.89 13.11
CA THR E 74 56.05 8.64 11.77
C THR E 74 57.04 7.81 10.96
N VAL E 75 56.51 7.15 9.94
CA VAL E 75 57.33 6.36 9.01
C VAL E 75 56.87 6.64 7.59
N ALA E 76 57.69 7.38 6.84
CA ALA E 76 57.44 7.65 5.44
C ALA E 76 58.00 6.48 4.66
N ILE E 77 57.12 5.73 4.03
CA ILE E 77 57.57 4.57 3.26
C ILE E 77 56.60 4.32 2.11
N ASP E 78 57.13 3.85 1.01
CA ASP E 78 56.35 3.41 -0.12
C ASP E 78 56.21 1.87 0.03
N LEU E 79 54.98 1.39 0.25
CA LEU E 79 54.75 -0.02 0.62
C LEU E 79 54.98 -0.98 -0.56
N ALA E 80 55.11 -0.41 -1.77
CA ALA E 80 55.34 -1.19 -3.00
C ALA E 80 56.80 -1.61 -3.15
N GLU E 81 57.72 -0.73 -2.73
CA GLU E 81 59.16 -1.07 -2.65
C GLU E 81 59.33 -2.48 -2.04
N PRO E 82 60.52 -3.10 -2.22
CA PRO E 82 60.69 -4.50 -1.78
C PRO E 82 60.66 -4.69 -0.25
N ASP E 83 59.76 -5.55 0.22
CA ASP E 83 59.69 -5.90 1.65
C ASP E 83 59.34 -4.71 2.55
N ALA E 84 58.81 -3.65 1.95
CA ALA E 84 58.30 -2.52 2.70
C ALA E 84 57.30 -2.95 3.81
N PRO E 85 56.34 -3.86 3.52
CA PRO E 85 55.40 -4.17 4.58
C PRO E 85 56.07 -4.79 5.79
N ALA E 86 57.03 -5.68 5.57
CA ALA E 86 57.76 -6.24 6.69
C ALA E 86 58.63 -5.11 7.37
N GLU E 87 59.16 -4.20 6.56
CA GLU E 87 59.96 -3.10 7.08
C GLU E 87 59.10 -2.23 7.97
N LEU E 88 57.93 -1.86 7.47
CA LEU E 88 57.04 -0.97 8.18
C LEU E 88 56.55 -1.60 9.47
N ALA E 89 56.27 -2.89 9.41
CA ALA E 89 55.90 -3.67 10.61
C ALA E 89 56.98 -3.59 11.70
N ARG E 90 58.23 -3.89 11.31
CA ARG E 90 59.32 -3.94 12.28
C ARG E 90 59.58 -2.56 12.88
N ARG E 91 59.67 -1.53 12.05
CA ARG E 91 59.91 -0.18 12.51
C ARG E 91 58.79 0.30 13.45
N ALA E 92 57.55 -0.09 13.16
CA ALA E 92 56.41 0.35 13.95
C ALA E 92 56.43 -0.22 15.38
N ALA E 93 56.73 -1.50 15.49
CA ALA E 93 56.79 -2.18 16.77
C ALA E 93 58.01 -1.74 17.56
N GLU E 94 59.07 -1.38 16.83
CA GLU E 94 60.30 -0.88 17.46
C GLU E 94 60.15 0.47 18.16
N ALA E 95 59.31 1.34 17.60
CA ALA E 95 59.16 2.71 18.07
C ALA E 95 58.82 2.77 19.55
N PHE E 96 57.87 1.92 19.97
CA PHE E 96 57.39 1.89 21.36
C PHE E 96 57.52 0.52 21.99
N GLY E 97 58.27 -0.39 21.35
CA GLY E 97 58.58 -1.70 21.94
C GLY E 97 57.43 -2.68 21.90
N GLY E 98 56.64 -2.62 20.85
CA GLY E 98 55.45 -3.47 20.67
C GLY E 98 54.32 -2.65 20.05
N LEU E 99 53.40 -3.35 19.41
CA LEU E 99 52.14 -2.78 18.93
C LEU E 99 50.99 -3.60 19.53
N ASP E 100 49.92 -2.87 19.90
CA ASP E 100 48.71 -3.46 20.44
C ASP E 100 47.61 -3.43 19.44
N VAL E 101 47.69 -2.50 18.51
CA VAL E 101 46.62 -2.27 17.53
C VAL E 101 47.24 -1.96 16.15
N LEU E 102 46.74 -2.63 15.12
CA LEU E 102 47.01 -2.25 13.72
C LEU E 102 45.72 -1.78 13.08
N VAL E 103 45.71 -0.56 12.59
CA VAL E 103 44.60 -0.07 11.79
C VAL E 103 45.05 -0.09 10.35
N ASN E 104 44.71 -1.18 9.69
CA ASN E 104 45.16 -1.43 8.32
C ASN E 104 44.32 -0.64 7.29
N ASN E 105 44.76 0.57 6.95
CA ASN E 105 43.98 1.50 6.13
C ASN E 105 44.68 1.86 4.85
N ALA E 106 44.11 1.47 3.72
CA ALA E 106 44.62 1.94 2.40
C ALA E 106 43.47 2.06 1.47
N GLY E 107 43.69 2.70 0.33
CA GLY E 107 42.58 2.96 -0.57
C GLY E 107 42.89 3.82 -1.79
N ILE E 108 42.99 3.14 -2.95
CA ILE E 108 42.90 3.82 -4.25
C ILE E 108 41.74 3.20 -5.00
N SER E 109 41.16 4.03 -5.89
CA SER E 109 40.05 3.64 -6.74
C SER E 109 40.21 4.22 -8.12
N HIS E 110 40.06 3.33 -9.12
CA HIS E 110 40.17 3.60 -10.54
C HIS E 110 38.94 3.07 -11.25
N PRO E 111 37.83 3.80 -11.17
CA PRO E 111 36.59 3.28 -11.79
C PRO E 111 36.54 3.22 -13.35
N GLN E 112 36.10 2.06 -13.83
CA GLN E 112 35.92 1.78 -15.26
C GLN E 112 34.86 0.69 -15.36
N PRO E 113 34.02 0.75 -16.40
CA PRO E 113 33.21 -0.44 -16.70
C PRO E 113 34.09 -1.71 -16.76
N VAL E 114 33.53 -2.86 -16.41
CA VAL E 114 34.32 -4.10 -16.41
C VAL E 114 34.84 -4.44 -17.80
N VAL E 115 34.06 -4.14 -18.84
CA VAL E 115 34.50 -4.44 -20.22
C VAL E 115 35.74 -3.64 -20.64
N ASP E 116 36.05 -2.53 -19.94
CA ASP E 116 37.30 -1.75 -20.22
C ASP E 116 38.40 -1.90 -19.17
N THR E 117 38.28 -2.89 -18.29
CA THR E 117 39.28 -3.06 -17.22
C THR E 117 40.73 -3.01 -17.79
N ASP E 118 41.48 -1.97 -17.41
CA ASP E 118 42.89 -1.87 -17.78
C ASP E 118 43.76 -2.65 -16.81
N PRO E 119 44.61 -3.58 -17.34
CA PRO E 119 45.53 -4.38 -16.50
C PRO E 119 46.34 -3.59 -15.50
N GLN E 120 46.87 -2.44 -15.91
CA GLN E 120 47.80 -1.73 -15.06
C GLN E 120 47.01 -1.09 -13.90
N LEU E 121 45.83 -0.56 -14.20
CA LEU E 121 44.97 -0.03 -13.14
C LEU E 121 44.48 -1.13 -12.19
N PHE E 122 44.16 -2.30 -12.76
CA PHE E 122 43.76 -3.45 -11.92
C PHE E 122 44.90 -3.84 -10.99
N ASP E 123 46.09 -4.01 -11.55
CA ASP E 123 47.27 -4.36 -10.76
C ASP E 123 47.57 -3.34 -9.68
N ALA E 124 47.47 -2.05 -10.03
CA ALA E 124 47.77 -1.00 -9.06
C ALA E 124 46.74 -1.06 -7.91
N THR E 125 45.51 -1.42 -8.24
CA THR E 125 44.46 -1.48 -7.23
C THR E 125 44.68 -2.64 -6.31
N ILE E 126 45.08 -3.78 -6.87
CA ILE E 126 45.40 -4.98 -6.09
C ILE E 126 46.63 -4.76 -5.18
N ALA E 127 47.64 -4.05 -5.67
CA ALA E 127 48.90 -3.90 -4.93
C ALA E 127 48.68 -3.02 -3.69
N VAL E 128 48.02 -1.88 -3.93
CA VAL E 128 47.66 -0.91 -2.88
C VAL E 128 46.61 -1.47 -1.90
N ASN E 129 45.49 -1.94 -2.42
CA ASN E 129 44.32 -2.24 -1.58
C ASN E 129 44.39 -3.57 -0.86
N LEU E 130 45.12 -4.52 -1.45
CA LEU E 130 45.06 -5.96 -1.05
C LEU E 130 46.41 -6.48 -0.58
N ARG E 131 47.39 -6.39 -1.45
CA ARG E 131 48.73 -6.97 -1.21
C ARG E 131 49.51 -6.31 -0.02
N ALA E 132 49.71 -5.01 -0.12
CA ALA E 132 50.44 -4.27 0.91
C ALA E 132 49.81 -4.40 2.31
N PRO E 133 48.49 -4.15 2.45
CA PRO E 133 47.81 -4.43 3.73
C PRO E 133 47.82 -5.93 4.22
N ALA E 134 47.62 -6.86 3.32
CA ALA E 134 47.64 -8.31 3.69
C ALA E 134 49.02 -8.74 4.26
N LEU E 135 50.07 -8.32 3.60
CA LEU E 135 51.45 -8.68 4.02
C LEU E 135 51.90 -7.86 5.22
N LEU E 136 51.42 -6.63 5.37
CA LEU E 136 51.69 -5.87 6.59
C LEU E 136 51.05 -6.56 7.77
N ALA E 137 49.81 -6.94 7.63
CA ALA E 137 49.09 -7.54 8.74
C ALA E 137 49.71 -8.89 9.15
N SER E 138 50.23 -9.65 8.20
CA SER E 138 50.83 -10.93 8.56
C SER E 138 52.14 -10.73 9.30
N ALA E 139 52.93 -9.73 8.93
CA ALA E 139 54.16 -9.42 9.69
C ALA E 139 53.85 -8.81 11.07
N VAL E 140 52.87 -7.92 11.10
CA VAL E 140 52.41 -7.38 12.36
C VAL E 140 51.87 -8.50 13.28
N GLY E 141 51.15 -9.47 12.74
CA GLY E 141 50.67 -10.57 13.56
C GLY E 141 51.77 -11.48 14.13
N LYS E 142 52.76 -11.83 13.29
CA LYS E 142 53.90 -12.59 13.75
C LYS E 142 54.49 -11.94 15.02
N ALA E 143 54.73 -10.64 14.95
CA ALA E 143 55.36 -9.97 16.07
C ALA E 143 54.40 -9.93 17.27
N MET E 144 53.09 -9.74 17.02
CA MET E 144 52.12 -9.79 18.12
C MET E 144 52.12 -11.14 18.84
N VAL E 145 52.22 -12.21 18.07
CA VAL E 145 52.24 -13.54 18.64
C VAL E 145 53.51 -13.70 19.49
N ALA E 146 54.63 -13.19 18.97
CA ALA E 146 55.90 -13.30 19.67
C ALA E 146 55.88 -12.58 21.01
N ALA E 147 55.21 -11.43 21.05
CA ALA E 147 55.19 -10.62 22.26
C ALA E 147 54.25 -11.18 23.32
N GLY E 148 53.34 -12.06 22.96
CA GLY E 148 52.48 -12.72 23.98
C GLY E 148 51.46 -11.83 24.73
N GLU E 149 51.20 -10.62 24.21
CA GLU E 149 50.37 -9.62 24.90
C GLU E 149 49.01 -9.35 24.21
N GLY E 150 48.70 -10.15 23.20
CA GLY E 150 47.48 -10.01 22.44
C GLY E 150 47.58 -8.87 21.43
N GLY E 151 46.43 -8.45 20.92
CA GLY E 151 46.37 -7.35 19.98
C GLY E 151 45.05 -7.22 19.30
N ALA E 152 44.87 -6.14 18.54
CA ALA E 152 43.71 -6.00 17.69
C ALA E 152 44.16 -5.54 16.32
N ILE E 153 43.55 -6.09 15.26
CA ILE E 153 43.85 -5.70 13.87
C ILE E 153 42.51 -5.32 13.31
N ILE E 154 42.43 -4.11 12.79
CA ILE E 154 41.23 -3.55 12.24
C ILE E 154 41.46 -3.13 10.80
N THR E 155 40.82 -3.87 9.90
CA THR E 155 40.91 -3.62 8.51
C THR E 155 39.84 -2.58 8.08
N VAL E 156 40.28 -1.49 7.49
CA VAL E 156 39.37 -0.55 6.91
C VAL E 156 39.06 -0.97 5.47
N ALA E 157 37.97 -1.70 5.30
CA ALA E 157 37.62 -2.28 4.03
C ALA E 157 36.58 -1.40 3.42
N SER E 158 35.46 -2.00 3.00
CA SER E 158 34.40 -1.25 2.37
C SER E 158 33.13 -2.09 2.22
N ALA E 159 31.98 -1.43 2.13
CA ALA E 159 30.76 -2.09 1.73
C ALA E 159 30.96 -2.75 0.36
N ALA E 160 31.84 -2.15 -0.47
CA ALA E 160 32.18 -2.76 -1.78
C ALA E 160 32.91 -4.15 -1.67
N ALA E 161 33.37 -4.52 -0.46
CA ALA E 161 33.85 -5.88 -0.22
C ALA E 161 32.70 -6.87 -0.06
N LEU E 162 31.49 -6.35 0.07
CA LEU E 162 30.38 -7.16 0.48
C LEU E 162 29.34 -7.27 -0.61
N ALA E 163 29.24 -6.23 -1.43
CA ALA E 163 28.27 -6.16 -2.51
C ALA E 163 28.99 -5.59 -3.71
N PRO E 164 28.71 -6.12 -4.92
CA PRO E 164 29.33 -5.57 -6.11
C PRO E 164 28.80 -4.20 -6.48
N LEU E 165 29.66 -3.40 -7.07
CA LEU E 165 29.34 -2.05 -7.50
C LEU E 165 29.80 -1.81 -8.90
N PRO E 166 28.87 -1.42 -9.80
CA PRO E 166 29.29 -1.07 -11.16
C PRO E 166 30.47 -0.12 -11.14
N ASP E 167 31.42 -0.38 -12.06
CA ASP E 167 32.64 0.40 -12.24
C ASP E 167 33.74 0.09 -11.22
N HIS E 168 33.54 -0.91 -10.35
CA HIS E 168 34.49 -1.17 -9.24
C HIS E 168 35.03 -2.56 -9.22
N TYR E 169 35.23 -3.15 -10.39
CA TYR E 169 35.76 -4.53 -10.52
C TYR E 169 37.03 -4.79 -9.72
N ALA E 170 38.05 -3.98 -9.99
CA ALA E 170 39.31 -4.11 -9.27
C ALA E 170 39.09 -3.68 -7.80
N TYR E 171 38.35 -2.59 -7.58
CA TYR E 171 38.15 -2.09 -6.19
C TYR E 171 37.45 -3.15 -5.29
N CYS E 172 36.28 -3.60 -5.74
CA CYS E 172 35.47 -4.58 -5.04
C CYS E 172 36.26 -5.87 -4.79
N THR E 173 36.99 -6.31 -5.83
CA THR E 173 37.81 -7.52 -5.76
C THR E 173 38.87 -7.47 -4.69
N SER E 174 39.66 -6.39 -4.72
CA SER E 174 40.72 -6.15 -3.73
C SER E 174 40.19 -6.13 -2.27
N LYS E 175 39.11 -5.38 -2.04
CA LYS E 175 38.49 -5.30 -0.70
C LYS E 175 37.85 -6.62 -0.19
N ALA E 176 37.20 -7.35 -1.09
CA ALA E 176 36.60 -8.63 -0.78
C ALA E 176 37.71 -9.65 -0.35
N GLY E 177 38.83 -9.63 -1.08
CA GLY E 177 40.02 -10.36 -0.71
C GLY E 177 40.57 -9.94 0.64
N LEU E 178 40.64 -8.64 0.89
CA LEU E 178 41.22 -8.16 2.18
C LEU E 178 40.35 -8.58 3.35
N VAL E 179 39.04 -8.61 3.09
CA VAL E 179 38.11 -9.03 4.09
C VAL E 179 38.30 -10.52 4.43
N MET E 180 38.56 -11.36 3.44
CA MET E 180 38.83 -12.78 3.75
C MET E 180 40.20 -12.93 4.47
N ALA E 181 41.17 -12.13 3.99
CA ALA E 181 42.50 -12.05 4.61
C ALA E 181 42.35 -11.85 6.12
N THR E 182 41.51 -10.91 6.51
CA THR E 182 41.28 -10.58 7.90
C THR E 182 40.73 -11.78 8.65
N LYS E 183 39.86 -12.56 8.02
CA LYS E 183 39.24 -13.69 8.69
C LYS E 183 40.24 -14.81 8.93
N VAL E 184 41.16 -15.05 8.00
CA VAL E 184 42.21 -16.04 8.24
C VAL E 184 43.04 -15.55 9.42
N LEU E 185 43.39 -14.26 9.43
CA LEU E 185 44.01 -13.70 10.65
C LEU E 185 43.20 -13.99 11.94
N ALA E 186 41.89 -13.78 11.92
CA ALA E 186 41.04 -14.04 13.08
C ALA E 186 41.04 -15.53 13.52
N ARG E 187 41.10 -16.42 12.54
CA ARG E 187 41.10 -17.87 12.79
C ARG E 187 42.40 -18.32 13.41
N GLU E 188 43.49 -17.92 12.79
CA GLU E 188 44.81 -18.40 13.22
C GLU E 188 45.38 -17.69 14.44
N LEU E 189 45.14 -16.38 14.56
CA LEU E 189 45.66 -15.58 15.68
C LEU E 189 44.74 -15.46 16.94
N GLY E 190 43.44 -15.58 16.79
CA GLY E 190 42.55 -15.52 17.95
C GLY E 190 42.93 -16.51 19.09
N PRO E 191 43.53 -17.67 18.75
CA PRO E 191 43.98 -18.52 19.87
C PRO E 191 45.09 -17.90 20.69
N HIS E 192 45.79 -16.92 20.11
CA HIS E 192 46.83 -16.19 20.82
C HIS E 192 46.33 -14.88 21.37
N GLY E 193 45.00 -14.77 21.50
CA GLY E 193 44.37 -13.61 22.06
C GLY E 193 44.44 -12.38 21.19
N ILE E 194 44.62 -12.57 19.87
CA ILE E 194 44.58 -11.46 18.88
C ILE E 194 43.25 -11.46 18.13
N ARG E 195 42.63 -10.29 18.03
CA ARG E 195 41.35 -10.15 17.35
C ARG E 195 41.55 -9.45 16.03
N ALA E 196 40.89 -9.94 15.00
CA ALA E 196 40.97 -9.34 13.69
C ALA E 196 39.55 -9.20 13.16
N ASN E 197 39.19 -7.98 12.78
CA ASN E 197 37.86 -7.63 12.30
C ASN E 197 38.00 -6.57 11.19
N SER E 198 36.92 -6.32 10.42
CA SER E 198 36.93 -5.27 9.40
CA SER E 198 36.93 -5.27 9.40
C SER E 198 35.75 -4.31 9.54
N VAL E 199 35.96 -3.05 9.16
CA VAL E 199 34.83 -2.13 9.03
C VAL E 199 34.60 -1.97 7.56
N CYS E 200 33.35 -1.98 7.15
CA CYS E 200 32.98 -1.91 5.72
C CYS E 200 32.05 -0.74 5.46
N PRO E 201 32.61 0.43 5.22
CA PRO E 201 31.76 1.59 5.03
C PRO E 201 31.27 1.78 3.62
N THR E 202 30.09 2.38 3.53
CA THR E 202 29.63 2.92 2.28
C THR E 202 30.47 4.17 1.99
N VAL E 203 30.04 4.96 1.00
CA VAL E 203 30.67 6.25 0.75
C VAL E 203 30.81 7.01 2.07
N VAL E 204 32.05 7.39 2.38
CA VAL E 204 32.35 8.20 3.55
C VAL E 204 32.65 9.64 3.07
N LEU E 205 31.96 10.62 3.65
CA LEU E 205 32.09 12.03 3.24
C LEU E 205 33.36 12.75 3.81
N THR E 206 34.51 12.28 3.36
CA THR E 206 35.81 12.95 3.49
C THR E 206 35.85 14.10 2.46
N GLU E 207 36.84 15.00 2.57
CA GLU E 207 36.99 16.08 1.55
C GLU E 207 36.90 15.49 0.14
N MET E 208 37.67 14.42 -0.09
CA MET E 208 37.64 13.68 -1.36
C MET E 208 36.23 13.05 -1.60
N GLY E 209 35.71 12.34 -0.60
CA GLY E 209 34.40 11.71 -0.73
C GLY E 209 33.39 12.72 -1.22
N GLN E 210 33.39 13.90 -0.62
CA GLN E 210 32.45 14.96 -0.96
C GLN E 210 32.69 15.48 -2.37
N ARG E 211 33.95 15.57 -2.79
CA ARG E 211 34.23 16.08 -4.15
C ARG E 211 33.68 15.08 -5.18
N VAL E 212 33.85 13.78 -4.93
CA VAL E 212 33.44 12.74 -5.90
C VAL E 212 31.92 12.53 -5.94
N TRP E 213 31.33 12.31 -4.77
CA TRP E 213 29.90 11.95 -4.62
C TRP E 213 28.99 13.13 -4.32
N GLY E 214 29.51 14.34 -4.38
CA GLY E 214 28.74 15.51 -4.00
C GLY E 214 27.42 15.69 -4.74
N ASP E 215 27.45 15.62 -6.08
CA ASP E 215 26.25 15.89 -6.89
C ASP E 215 25.04 15.05 -6.43
N GLU E 216 23.97 15.75 -6.02
CA GLU E 216 22.74 15.09 -5.53
C GLU E 216 22.15 14.09 -6.55
N ALA E 217 22.29 14.38 -7.85
CA ALA E 217 21.71 13.53 -8.91
C ALA E 217 22.56 12.29 -9.26
N LYS E 218 23.88 12.45 -9.30
CA LYS E 218 24.80 11.33 -9.55
C LYS E 218 24.82 10.31 -8.39
N SER E 219 24.72 10.78 -7.15
CA SER E 219 24.74 9.90 -5.98
C SER E 219 23.35 9.43 -5.54
N ALA E 220 22.31 10.07 -6.05
CA ALA E 220 20.91 9.68 -5.76
C ALA E 220 20.58 8.17 -5.80
N PRO E 221 21.11 7.41 -6.78
CA PRO E 221 20.83 5.96 -6.82
C PRO E 221 21.59 5.16 -5.75
N MET E 222 22.68 5.73 -5.25
CA MET E 222 23.41 5.12 -4.14
C MET E 222 22.62 5.37 -2.85
N ILE E 223 22.14 6.58 -2.69
CA ILE E 223 21.44 6.98 -1.47
C ILE E 223 20.15 6.22 -1.34
N ALA E 224 19.44 6.07 -2.46
CA ALA E 224 18.21 5.31 -2.49
C ALA E 224 18.38 3.89 -1.94
N ARG E 225 19.56 3.30 -2.12
CA ARG E 225 19.84 1.97 -1.54
C ARG E 225 20.26 1.99 -0.07
N ILE E 226 20.34 3.18 0.54
CA ILE E 226 20.73 3.33 1.95
C ILE E 226 19.52 3.70 2.80
N PRO E 227 18.98 2.76 3.59
CA PRO E 227 17.80 3.08 4.37
C PRO E 227 17.90 4.32 5.27
N LEU E 228 19.04 4.55 5.95
CA LEU E 228 19.20 5.78 6.69
C LEU E 228 19.24 7.03 5.76
N GLY E 229 19.38 6.83 4.46
CA GLY E 229 19.13 7.94 3.51
C GLY E 229 20.22 8.96 3.42
N ARG E 230 21.44 8.55 3.77
CA ARG E 230 22.60 9.45 3.78
C ARG E 230 23.90 8.64 3.75
N PHE E 231 24.97 9.30 3.31
CA PHE E 231 26.30 8.76 3.41
C PHE E 231 26.89 8.86 4.84
N ALA E 232 27.94 8.07 5.11
CA ALA E 232 28.69 8.19 6.36
C ALA E 232 29.58 9.43 6.42
N VAL E 233 29.85 9.86 7.63
CA VAL E 233 30.81 10.90 7.85
C VAL E 233 32.00 10.24 8.56
N PRO E 234 33.20 10.81 8.41
CA PRO E 234 34.38 10.11 8.88
C PRO E 234 34.27 9.60 10.33
N HIS E 235 33.80 10.46 11.25
CA HIS E 235 33.81 10.03 12.64
C HIS E 235 32.99 8.78 12.88
N GLU E 236 32.03 8.51 12.01
CA GLU E 236 31.22 7.29 12.16
C GLU E 236 32.07 6.05 11.93
N VAL E 237 32.94 6.10 10.94
CA VAL E 237 33.92 5.03 10.76
C VAL E 237 34.86 4.96 11.98
N SER E 238 35.44 6.09 12.34
CA SER E 238 36.37 6.12 13.49
C SER E 238 35.77 5.54 14.78
N ASP E 239 34.49 5.84 15.03
CA ASP E 239 33.80 5.25 16.20
C ASP E 239 33.84 3.72 16.21
N ALA E 240 33.50 3.11 15.08
CA ALA E 240 33.54 1.64 14.96
C ALA E 240 34.92 1.10 15.26
N VAL E 241 35.92 1.81 14.74
CA VAL E 241 37.32 1.39 14.84
C VAL E 241 37.79 1.42 16.32
N VAL E 242 37.57 2.55 16.97
CA VAL E 242 37.89 2.65 18.41
C VAL E 242 37.17 1.53 19.18
N TRP E 243 35.89 1.33 18.88
CA TRP E 243 35.14 0.31 19.58
C TRP E 243 35.83 -1.03 19.43
N LEU E 244 36.14 -1.37 18.18
CA LEU E 244 36.76 -2.65 17.88
C LEU E 244 38.11 -2.83 18.59
N ALA E 245 38.85 -1.72 18.66
CA ALA E 245 40.09 -1.65 19.38
C ALA E 245 39.97 -1.80 20.89
N SER E 246 38.80 -1.51 21.49
CA SER E 246 38.59 -1.50 22.96
C SER E 246 38.26 -2.86 23.58
N ASP E 247 38.28 -2.89 24.91
CA ASP E 247 37.84 -4.07 25.66
C ASP E 247 36.33 -4.23 25.62
N ALA E 248 35.65 -3.22 25.07
CA ALA E 248 34.21 -3.34 24.79
C ALA E 248 33.94 -4.33 23.62
N ALA E 249 35.00 -4.71 22.88
CA ALA E 249 34.88 -5.68 21.77
C ALA E 249 35.70 -6.95 22.07
N SER E 250 35.89 -7.24 23.34
CA SER E 250 36.80 -8.31 23.75
C SER E 250 36.45 -9.69 23.15
N MET E 251 35.19 -9.95 22.84
CA MET E 251 34.82 -11.18 22.15
C MET E 251 34.57 -10.98 20.65
N ILE E 252 34.96 -9.87 20.10
CA ILE E 252 34.65 -9.61 18.67
C ILE E 252 35.86 -9.96 17.81
N ASN E 253 35.69 -10.97 16.96
CA ASN E 253 36.78 -11.53 16.17
C ASN E 253 36.17 -12.09 14.92
N GLY E 254 36.77 -11.79 13.78
CA GLY E 254 36.34 -12.38 12.53
C GLY E 254 35.05 -11.82 11.97
N VAL E 255 34.73 -10.60 12.38
CA VAL E 255 33.50 -9.94 12.06
C VAL E 255 33.68 -8.77 11.06
N ASP E 256 32.73 -8.64 10.14
CA ASP E 256 32.62 -7.46 9.28
C ASP E 256 31.51 -6.54 9.79
N ILE E 257 31.85 -5.29 10.04
CA ILE E 257 30.88 -4.30 10.52
C ILE E 257 30.59 -3.33 9.39
N PRO E 258 29.42 -3.43 8.76
CA PRO E 258 29.12 -2.45 7.72
C PRO E 258 28.79 -1.13 8.36
N VAL E 259 29.43 -0.08 7.90
CA VAL E 259 29.07 1.24 8.34
C VAL E 259 28.35 1.89 7.17
N ASP E 260 27.08 1.51 6.98
CA ASP E 260 26.36 1.75 5.72
C ASP E 260 24.84 1.94 5.78
N GLY E 261 24.31 2.24 6.96
CA GLY E 261 22.90 2.59 7.13
C GLY E 261 21.90 1.58 6.61
N GLY E 262 22.36 0.32 6.41
CA GLY E 262 21.52 -0.72 5.90
C GLY E 262 21.77 -1.21 4.49
N TYR E 263 22.71 -0.59 3.77
CA TYR E 263 22.91 -0.84 2.33
C TYR E 263 23.09 -2.31 2.00
N THR E 264 23.98 -2.96 2.75
CA THR E 264 24.37 -4.33 2.44
C THR E 264 23.36 -5.39 2.88
N MET E 265 22.22 -4.98 3.46
CA MET E 265 21.15 -5.94 3.60
C MET E 265 20.67 -6.38 2.22
N GLY E 266 20.83 -5.49 1.21
CA GLY E 266 20.22 -5.71 -0.10
C GLY E 266 18.71 -5.51 -0.06
N ASP F 10 13.95 -26.34 -19.13
CA ASP F 10 13.40 -27.12 -20.27
C ASP F 10 13.31 -28.70 -19.99
N ARG F 11 13.72 -29.61 -20.93
CA ARG F 11 13.42 -31.11 -20.87
C ARG F 11 14.42 -31.97 -20.09
N TYR F 12 13.87 -32.95 -19.41
CA TYR F 12 14.56 -33.69 -18.42
C TYR F 12 14.88 -35.09 -18.90
N ALA F 13 16.17 -35.34 -18.99
CA ALA F 13 16.73 -36.58 -19.55
C ALA F 13 18.11 -36.78 -18.92
N GLY F 14 18.65 -37.99 -19.09
CA GLY F 14 19.94 -38.38 -18.52
C GLY F 14 19.89 -38.31 -17.01
N VAL F 15 20.86 -37.61 -16.40
CA VAL F 15 20.98 -37.56 -14.93
C VAL F 15 19.80 -36.79 -14.29
N LEU F 16 19.15 -35.93 -15.10
CA LEU F 16 17.96 -35.23 -14.67
C LEU F 16 16.66 -36.05 -14.74
N ARG F 17 16.69 -37.25 -15.30
CA ARG F 17 15.57 -38.20 -15.09
C ARG F 17 15.43 -38.45 -13.62
N LEU F 18 14.17 -38.57 -13.16
CA LEU F 18 13.79 -38.97 -11.77
C LEU F 18 12.93 -40.24 -11.76
N ASP F 19 13.18 -41.14 -12.70
CA ASP F 19 12.36 -42.37 -12.83
C ASP F 19 12.31 -43.13 -11.53
N GLY F 20 11.10 -43.49 -11.11
CA GLY F 20 10.91 -44.24 -9.88
C GLY F 20 10.88 -43.39 -8.60
N LYS F 21 11.42 -42.18 -8.65
CA LYS F 21 11.53 -41.36 -7.44
C LYS F 21 10.15 -40.94 -6.96
N ARG F 22 9.91 -41.15 -5.67
CA ARG F 22 8.65 -40.89 -5.02
C ARG F 22 8.71 -39.51 -4.38
N ALA F 23 7.95 -38.57 -4.91
CA ALA F 23 8.05 -37.21 -4.46
C ALA F 23 6.71 -36.70 -3.97
N LEU F 24 6.70 -36.15 -2.77
CA LEU F 24 5.59 -35.34 -2.27
C LEU F 24 5.89 -33.88 -2.61
N ILE F 25 4.95 -33.22 -3.28
CA ILE F 25 5.03 -31.78 -3.61
C ILE F 25 3.78 -31.09 -3.04
N THR F 26 3.96 -30.14 -2.11
CA THR F 26 2.85 -29.48 -1.45
C THR F 26 2.45 -28.21 -2.18
N GLY F 27 1.21 -27.78 -2.09
CA GLY F 27 0.76 -26.61 -2.88
C GLY F 27 0.81 -26.94 -4.36
N ALA F 28 0.40 -28.16 -4.67
CA ALA F 28 0.69 -28.77 -5.98
C ALA F 28 -0.33 -28.46 -7.06
N THR F 29 -1.36 -27.67 -6.73
CA THR F 29 -2.46 -27.40 -7.70
C THR F 29 -2.40 -26.02 -8.28
N LYS F 30 -1.54 -25.16 -7.73
CA LYS F 30 -1.44 -23.81 -8.26
C LYS F 30 0.04 -23.40 -8.39
N GLY F 31 0.29 -22.44 -9.27
CA GLY F 31 1.55 -21.71 -9.32
C GLY F 31 2.84 -22.55 -9.37
N ILE F 32 3.75 -22.26 -8.45
CA ILE F 32 5.08 -22.82 -8.51
C ILE F 32 4.95 -24.31 -8.28
N GLY F 33 4.07 -24.68 -7.36
CA GLY F 33 3.84 -26.07 -7.03
C GLY F 33 3.27 -26.89 -8.20
N ALA F 34 2.40 -26.28 -8.99
CA ALA F 34 1.85 -26.97 -10.16
C ALA F 34 2.95 -27.22 -11.21
N ASP F 35 3.83 -26.24 -11.38
CA ASP F 35 4.86 -26.32 -12.37
C ASP F 35 5.91 -27.37 -11.99
N ILE F 36 6.26 -27.42 -10.71
CA ILE F 36 7.24 -28.41 -10.24
C ILE F 36 6.67 -29.79 -10.46
N ALA F 37 5.37 -29.93 -10.21
CA ALA F 37 4.63 -31.17 -10.47
C ALA F 37 4.72 -31.60 -11.94
N ARG F 38 4.54 -30.63 -12.80
CA ARG F 38 4.60 -30.84 -14.24
C ARG F 38 6.01 -31.32 -14.61
N ALA F 39 7.03 -30.65 -14.06
CA ALA F 39 8.43 -30.99 -14.32
C ALA F 39 8.79 -32.38 -13.79
N PHE F 40 8.39 -32.64 -12.57
CA PHE F 40 8.70 -33.93 -11.95
C PHE F 40 8.02 -35.04 -12.74
N ALA F 41 6.82 -34.75 -13.21
CA ALA F 41 6.04 -35.73 -13.93
C ALA F 41 6.75 -36.14 -15.21
N ALA F 42 7.23 -35.12 -15.91
CA ALA F 42 7.87 -35.29 -17.21
C ALA F 42 9.21 -35.99 -17.02
N ALA F 43 9.86 -35.70 -15.89
CA ALA F 43 11.12 -36.30 -15.50
C ALA F 43 10.96 -37.74 -15.01
N GLY F 44 9.71 -38.19 -14.89
CA GLY F 44 9.43 -39.61 -14.66
C GLY F 44 9.19 -39.95 -13.22
N ALA F 45 8.99 -38.94 -12.37
CA ALA F 45 8.75 -39.18 -10.96
C ALA F 45 7.37 -39.80 -10.69
N ARG F 46 7.27 -40.56 -9.60
CA ARG F 46 5.96 -40.92 -9.02
C ARG F 46 5.54 -39.85 -7.96
N LEU F 47 4.33 -39.31 -8.05
CA LEU F 47 3.98 -38.15 -7.21
C LEU F 47 2.89 -38.38 -6.14
N VAL F 48 3.10 -37.80 -4.97
CA VAL F 48 2.06 -37.61 -3.97
C VAL F 48 1.85 -36.10 -3.91
N LEU F 49 0.65 -35.65 -4.27
CA LEU F 49 0.33 -34.19 -4.32
C LEU F 49 -0.65 -33.75 -3.23
N SER F 50 -0.30 -32.75 -2.44
CA SER F 50 -1.21 -32.23 -1.44
C SER F 50 -1.74 -30.83 -1.88
N GLY F 51 -2.95 -30.50 -1.48
CA GLY F 51 -3.51 -29.14 -1.64
C GLY F 51 -4.88 -29.09 -0.94
N ARG F 52 -5.52 -27.93 -0.93
CA ARG F 52 -6.76 -27.80 -0.17
C ARG F 52 -7.96 -28.32 -0.92
N ASP F 53 -8.01 -28.08 -2.23
CA ASP F 53 -9.23 -28.31 -3.02
C ASP F 53 -9.23 -29.67 -3.69
N VAL F 54 -10.26 -30.47 -3.42
CA VAL F 54 -10.30 -31.86 -3.89
C VAL F 54 -10.39 -31.94 -5.41
N SER F 55 -11.22 -31.11 -6.02
CA SER F 55 -11.42 -31.17 -7.47
C SER F 55 -10.21 -30.66 -8.26
N GLU F 56 -9.46 -29.72 -7.69
CA GLU F 56 -8.18 -29.29 -8.29
C GLU F 56 -7.15 -30.44 -8.23
N LEU F 57 -7.11 -31.18 -7.12
CA LEU F 57 -6.28 -32.38 -7.01
C LEU F 57 -6.68 -33.48 -8.00
N ASP F 58 -7.98 -33.70 -8.14
CA ASP F 58 -8.48 -34.68 -9.10
C ASP F 58 -8.09 -34.27 -10.53
N ALA F 59 -8.25 -32.97 -10.83
CA ALA F 59 -7.89 -32.42 -12.15
C ALA F 59 -6.41 -32.59 -12.43
N ALA F 60 -5.59 -32.33 -11.42
CA ALA F 60 -4.14 -32.41 -11.60
C ALA F 60 -3.70 -33.88 -11.77
N ARG F 61 -4.21 -34.78 -10.95
CA ARG F 61 -3.96 -36.24 -11.14
C ARG F 61 -4.32 -36.70 -12.55
N ARG F 62 -5.47 -36.26 -13.05
CA ARG F 62 -5.94 -36.62 -14.40
C ARG F 62 -5.07 -36.04 -15.53
N ALA F 63 -4.65 -34.78 -15.37
CA ALA F 63 -3.79 -34.11 -16.35
C ALA F 63 -2.40 -34.74 -16.37
N LEU F 64 -1.75 -34.86 -15.22
CA LEU F 64 -0.39 -35.44 -15.23
C LEU F 64 -0.40 -36.92 -15.68
N GLY F 65 -1.42 -37.67 -15.27
CA GLY F 65 -1.57 -39.08 -15.73
C GLY F 65 -1.76 -39.21 -17.24
N GLU F 66 -2.58 -38.34 -17.83
CA GLU F 66 -2.90 -38.49 -19.26
C GLU F 66 -1.71 -38.07 -20.12
N GLN F 67 -1.05 -36.98 -19.69
CA GLN F 67 0.11 -36.44 -20.38
C GLN F 67 1.41 -37.23 -20.23
N PHE F 68 1.62 -37.83 -19.07
CA PHE F 68 2.96 -38.36 -18.75
C PHE F 68 2.93 -39.80 -18.29
N GLY F 69 1.75 -40.37 -18.09
CA GLY F 69 1.61 -41.70 -17.46
C GLY F 69 2.08 -41.74 -16.01
N THR F 70 2.07 -40.58 -15.36
CA THR F 70 2.52 -40.41 -13.99
C THR F 70 1.55 -41.05 -12.99
N ASP F 71 2.06 -41.86 -12.06
CA ASP F 71 1.31 -42.32 -10.90
C ASP F 71 1.19 -41.12 -9.98
N VAL F 72 -0.03 -40.75 -9.62
CA VAL F 72 -0.27 -39.64 -8.74
C VAL F 72 -1.25 -40.03 -7.63
N HIS F 73 -0.90 -39.69 -6.40
CA HIS F 73 -1.76 -39.90 -5.26
C HIS F 73 -1.93 -38.57 -4.67
N THR F 74 -3.15 -38.19 -4.34
CA THR F 74 -3.43 -36.87 -3.84
C THR F 74 -3.91 -36.93 -2.39
N VAL F 75 -3.67 -35.83 -1.69
CA VAL F 75 -4.10 -35.65 -0.30
C VAL F 75 -4.71 -34.25 -0.12
N ALA F 76 -6.01 -34.21 0.13
CA ALA F 76 -6.70 -32.95 0.40
C ALA F 76 -6.59 -32.63 1.88
N ILE F 77 -6.05 -31.46 2.19
CA ILE F 77 -5.68 -31.12 3.56
C ILE F 77 -5.32 -29.65 3.66
N ASP F 78 -5.56 -29.07 4.83
CA ASP F 78 -5.16 -27.70 5.11
C ASP F 78 -3.97 -27.79 6.03
N LEU F 79 -2.79 -27.52 5.48
CA LEU F 79 -1.54 -27.52 6.24
C LEU F 79 -1.50 -26.44 7.31
N ALA F 80 -2.36 -25.43 7.25
CA ALA F 80 -2.41 -24.42 8.35
C ALA F 80 -2.83 -25.06 9.68
N GLU F 81 -3.53 -26.19 9.60
CA GLU F 81 -4.00 -26.93 10.77
C GLU F 81 -2.83 -27.61 11.45
N PRO F 82 -2.78 -27.56 12.80
CA PRO F 82 -1.62 -28.10 13.58
C PRO F 82 -1.37 -29.62 13.45
N ASP F 83 -2.43 -30.39 13.25
CA ASP F 83 -2.34 -31.85 13.13
C ASP F 83 -1.92 -32.25 11.69
N ALA F 84 -2.09 -31.32 10.74
CA ALA F 84 -1.95 -31.60 9.29
C ALA F 84 -0.56 -32.13 8.80
N PRO F 85 0.55 -31.52 9.25
CA PRO F 85 1.84 -32.02 8.77
C PRO F 85 2.12 -33.49 9.16
N ALA F 86 1.76 -33.90 10.39
CA ALA F 86 1.93 -35.34 10.79
C ALA F 86 1.07 -36.27 9.91
N GLU F 87 -0.15 -35.84 9.60
CA GLU F 87 -1.05 -36.62 8.77
C GLU F 87 -0.54 -36.71 7.32
N LEU F 88 -0.12 -35.59 6.74
CA LEU F 88 0.39 -35.62 5.39
C LEU F 88 1.65 -36.53 5.28
N ALA F 89 2.60 -36.34 6.17
CA ALA F 89 3.79 -37.16 6.20
C ALA F 89 3.41 -38.63 6.18
N ARG F 90 2.48 -39.03 7.04
CA ARG F 90 2.02 -40.41 7.14
C ARG F 90 1.33 -40.90 5.87
N ARG F 91 0.41 -40.08 5.36
CA ARG F 91 -0.35 -40.47 4.19
C ARG F 91 0.55 -40.50 2.95
N ALA F 92 1.45 -39.52 2.84
CA ALA F 92 2.36 -39.44 1.71
C ALA F 92 3.25 -40.69 1.62
N ALA F 93 3.76 -41.15 2.76
CA ALA F 93 4.65 -42.32 2.79
C ALA F 93 3.93 -43.62 2.48
N GLU F 94 2.62 -43.67 2.71
CA GLU F 94 1.82 -44.87 2.42
C GLU F 94 1.64 -45.11 0.93
N ALA F 95 1.46 -44.03 0.17
CA ALA F 95 1.17 -44.14 -1.27
C ALA F 95 2.07 -45.17 -1.96
N PHE F 96 3.39 -45.06 -1.76
CA PHE F 96 4.36 -45.90 -2.46
C PHE F 96 5.39 -46.55 -1.54
N GLY F 97 5.08 -46.78 -0.28
CA GLY F 97 6.02 -47.49 0.60
C GLY F 97 7.25 -46.69 0.99
N GLY F 98 7.14 -45.36 0.89
CA GLY F 98 8.25 -44.46 1.26
C GLY F 98 8.31 -43.27 0.32
N LEU F 99 9.20 -42.34 0.67
CA LEU F 99 9.42 -41.10 -0.11
C LEU F 99 10.89 -40.91 -0.34
N ASP F 100 11.21 -40.44 -1.55
CA ASP F 100 12.60 -40.09 -1.91
C ASP F 100 12.82 -38.59 -1.92
N VAL F 101 11.77 -37.83 -2.22
CA VAL F 101 11.90 -36.40 -2.38
C VAL F 101 10.75 -35.69 -1.75
N LEU F 102 11.07 -34.71 -0.90
CA LEU F 102 10.10 -33.73 -0.43
C LEU F 102 10.34 -32.37 -1.09
N VAL F 103 9.29 -31.84 -1.73
CA VAL F 103 9.36 -30.50 -2.25
C VAL F 103 8.43 -29.74 -1.35
N ASN F 104 9.03 -28.90 -0.52
CA ASN F 104 8.32 -28.28 0.55
C ASN F 104 7.87 -26.92 0.04
N ASN F 105 6.62 -26.84 -0.41
CA ASN F 105 6.10 -25.69 -1.16
C ASN F 105 4.84 -25.15 -0.51
N ALA F 106 4.97 -24.03 0.16
CA ALA F 106 3.83 -23.37 0.79
C ALA F 106 4.00 -21.87 0.59
N GLY F 107 2.96 -21.12 0.85
CA GLY F 107 3.06 -19.68 0.65
C GLY F 107 1.73 -19.01 0.80
N ILE F 108 1.66 -18.10 1.75
CA ILE F 108 0.66 -17.08 1.76
C ILE F 108 1.41 -15.78 2.00
N SER F 109 0.83 -14.68 1.58
CA SER F 109 1.45 -13.40 1.77
C SER F 109 0.40 -12.36 2.13
N HIS F 110 0.54 -11.73 3.30
CA HIS F 110 -0.33 -10.63 3.71
C HIS F 110 0.48 -9.34 3.87
N PRO F 111 0.73 -8.64 2.76
CA PRO F 111 1.61 -7.46 2.82
C PRO F 111 1.03 -6.30 3.64
N GLN F 112 1.87 -5.72 4.51
CA GLN F 112 1.54 -4.55 5.31
C GLN F 112 2.82 -3.83 5.73
N PRO F 113 2.75 -2.49 5.86
CA PRO F 113 3.84 -1.81 6.55
C PRO F 113 4.08 -2.45 7.92
N VAL F 114 5.36 -2.60 8.26
CA VAL F 114 5.71 -3.21 9.53
C VAL F 114 4.97 -2.53 10.70
N VAL F 115 4.81 -1.21 10.63
CA VAL F 115 4.20 -0.47 11.75
C VAL F 115 2.75 -0.83 11.94
N ASP F 116 2.16 -1.53 10.97
CA ASP F 116 0.76 -1.95 11.03
C ASP F 116 0.58 -3.46 11.14
N THR F 117 1.62 -4.21 11.47
CA THR F 117 1.52 -5.68 11.41
C THR F 117 0.35 -6.13 12.26
N ASP F 118 -0.58 -6.84 11.65
CA ASP F 118 -1.70 -7.42 12.36
C ASP F 118 -1.24 -8.76 12.87
N PRO F 119 -1.34 -9.00 14.18
CA PRO F 119 -0.93 -10.26 14.82
C PRO F 119 -1.51 -11.51 14.20
N GLN F 120 -2.78 -11.45 13.85
CA GLN F 120 -3.47 -12.59 13.25
C GLN F 120 -2.86 -12.91 11.86
N LEU F 121 -2.62 -11.90 11.02
CA LEU F 121 -2.01 -12.18 9.71
C LEU F 121 -0.56 -12.69 9.87
N PHE F 122 0.14 -12.14 10.86
CA PHE F 122 1.48 -12.57 11.20
C PHE F 122 1.46 -14.04 11.60
N ASP F 123 0.56 -14.39 12.52
CA ASP F 123 0.46 -15.77 12.99
C ASP F 123 0.09 -16.72 11.82
N ALA F 124 -0.75 -16.25 10.90
CA ALA F 124 -1.20 -17.10 9.77
C ALA F 124 -0.03 -17.39 8.82
N THR F 125 0.73 -16.33 8.50
CA THR F 125 1.90 -16.42 7.69
C THR F 125 2.94 -17.37 8.30
N ILE F 126 3.14 -17.28 9.61
CA ILE F 126 4.11 -18.16 10.28
C ILE F 126 3.64 -19.61 10.23
N ALA F 127 2.36 -19.82 10.48
CA ALA F 127 1.79 -21.18 10.42
C ALA F 127 2.00 -21.87 9.01
N VAL F 128 1.59 -21.18 7.94
CA VAL F 128 1.65 -21.73 6.59
C VAL F 128 3.10 -21.79 6.05
N ASN F 129 3.89 -20.74 6.30
CA ASN F 129 5.17 -20.58 5.62
C ASN F 129 6.36 -21.16 6.37
N LEU F 130 6.27 -21.24 7.69
CA LEU F 130 7.38 -21.71 8.50
C LEU F 130 7.04 -23.00 9.23
N ARG F 131 5.97 -22.95 10.01
CA ARG F 131 5.65 -23.99 10.95
C ARG F 131 5.28 -25.29 10.26
N ALA F 132 4.24 -25.29 9.42
CA ALA F 132 3.80 -26.55 8.79
C ALA F 132 4.94 -27.28 8.03
N PRO F 133 5.68 -26.54 7.19
CA PRO F 133 6.80 -27.14 6.45
C PRO F 133 7.95 -27.63 7.33
N ALA F 134 8.24 -26.94 8.41
CA ALA F 134 9.33 -27.34 9.24
C ALA F 134 9.00 -28.72 9.83
N LEU F 135 7.78 -28.82 10.37
CA LEU F 135 7.33 -30.07 11.00
C LEU F 135 7.12 -31.20 9.97
N LEU F 136 6.55 -30.87 8.81
CA LEU F 136 6.39 -31.86 7.77
C LEU F 136 7.75 -32.37 7.40
N ALA F 137 8.73 -31.47 7.33
CA ALA F 137 10.09 -31.88 6.98
C ALA F 137 10.70 -32.81 8.04
N SER F 138 10.44 -32.56 9.33
CA SER F 138 11.07 -33.37 10.37
C SER F 138 10.50 -34.80 10.39
N ALA F 139 9.20 -34.91 10.15
CA ALA F 139 8.55 -36.22 10.10
C ALA F 139 8.93 -37.00 8.84
N VAL F 140 8.97 -36.32 7.69
CA VAL F 140 9.44 -36.95 6.45
C VAL F 140 10.91 -37.42 6.57
N GLY F 141 11.77 -36.52 7.05
CA GLY F 141 13.15 -36.87 7.31
C GLY F 141 13.33 -38.00 8.32
N LYS F 142 12.50 -38.04 9.35
CA LYS F 142 12.55 -39.15 10.32
C LYS F 142 12.28 -40.46 9.60
N ALA F 143 11.29 -40.46 8.70
CA ALA F 143 10.97 -41.70 7.95
C ALA F 143 12.11 -42.04 6.97
N MET F 144 12.71 -41.00 6.39
CA MET F 144 13.86 -41.17 5.48
C MET F 144 15.07 -41.80 6.16
N VAL F 145 15.35 -41.38 7.40
CA VAL F 145 16.42 -41.97 8.17
C VAL F 145 16.12 -43.44 8.47
N ALA F 146 14.89 -43.74 8.91
CA ALA F 146 14.49 -45.13 9.25
C ALA F 146 14.58 -46.07 8.03
N ALA F 147 14.19 -45.57 6.85
CA ALA F 147 14.24 -46.37 5.63
C ALA F 147 15.66 -46.64 5.13
N GLY F 148 16.59 -45.73 5.44
CA GLY F 148 18.01 -45.88 5.09
C GLY F 148 18.39 -45.89 3.62
N GLU F 149 17.61 -45.18 2.80
CA GLU F 149 17.85 -45.06 1.34
C GLU F 149 18.17 -43.61 0.93
N GLY F 150 18.41 -42.75 1.90
CA GLY F 150 18.81 -41.41 1.63
C GLY F 150 17.58 -40.62 1.27
N GLY F 151 17.78 -39.51 0.55
CA GLY F 151 16.67 -38.67 0.15
C GLY F 151 17.09 -37.23 -0.09
N ALA F 152 16.16 -36.45 -0.60
CA ALA F 152 16.42 -35.05 -0.86
C ALA F 152 15.22 -34.28 -0.40
N ILE F 153 15.45 -33.24 0.41
CA ILE F 153 14.41 -32.27 0.76
C ILE F 153 14.75 -30.97 0.03
N ILE F 154 13.75 -30.32 -0.55
CA ILE F 154 14.00 -29.06 -1.26
C ILE F 154 12.95 -28.07 -0.82
N THR F 155 13.38 -27.03 -0.11
CA THR F 155 12.45 -26.00 0.37
C THR F 155 12.30 -24.96 -0.71
N VAL F 156 11.09 -24.70 -1.15
CA VAL F 156 10.82 -23.54 -1.99
C VAL F 156 10.61 -22.33 -1.11
N ALA F 157 11.66 -21.52 -0.99
CA ALA F 157 11.62 -20.33 -0.17
C ALA F 157 11.49 -19.09 -1.09
N SER F 158 12.45 -18.18 -1.04
CA SER F 158 12.28 -16.88 -1.65
C SER F 158 13.52 -16.01 -1.49
N ALA F 159 13.78 -15.17 -2.48
CA ALA F 159 14.76 -14.12 -2.31
C ALA F 159 14.51 -13.35 -1.00
N ALA F 160 13.23 -13.17 -0.65
CA ALA F 160 12.85 -12.51 0.60
C ALA F 160 13.28 -13.25 1.87
N ALA F 161 13.64 -14.53 1.74
CA ALA F 161 14.28 -15.25 2.87
C ALA F 161 15.66 -14.71 3.09
N LEU F 162 16.26 -14.14 2.04
CA LEU F 162 17.66 -13.73 2.08
C LEU F 162 17.86 -12.22 2.24
N ALA F 163 16.93 -11.44 1.69
CA ALA F 163 16.98 -9.97 1.76
C ALA F 163 15.63 -9.41 2.19
N PRO F 164 15.65 -8.45 3.10
CA PRO F 164 14.40 -7.87 3.59
C PRO F 164 13.68 -7.07 2.51
N LEU F 165 12.36 -7.15 2.56
CA LEU F 165 11.52 -6.48 1.58
C LEU F 165 10.43 -5.66 2.31
N PRO F 166 10.33 -4.37 1.98
CA PRO F 166 9.31 -3.57 2.60
C PRO F 166 7.92 -4.20 2.38
N ASP F 167 7.05 -4.02 3.37
CA ASP F 167 5.72 -4.62 3.45
C ASP F 167 5.70 -6.14 3.72
N HIS F 168 6.84 -6.80 3.83
CA HIS F 168 6.89 -8.28 3.95
C HIS F 168 7.47 -8.76 5.27
N TYR F 169 7.15 -8.05 6.36
CA TYR F 169 7.66 -8.38 7.70
C TYR F 169 7.53 -9.87 7.99
N ALA F 170 6.28 -10.30 8.03
CA ALA F 170 5.88 -11.69 8.31
C ALA F 170 6.42 -12.63 7.24
N TYR F 171 6.18 -12.27 5.98
CA TYR F 171 6.62 -13.11 4.85
C TYR F 171 8.13 -13.45 4.90
N CYS F 172 8.98 -12.41 4.95
CA CYS F 172 10.45 -12.53 5.07
C CYS F 172 10.86 -13.34 6.29
N THR F 173 10.23 -13.03 7.41
CA THR F 173 10.58 -13.61 8.70
C THR F 173 10.39 -15.10 8.65
N SER F 174 9.19 -15.51 8.25
CA SER F 174 8.84 -16.89 8.08
C SER F 174 9.81 -17.66 7.14
N LYS F 175 10.11 -17.06 6.00
CA LYS F 175 10.90 -17.75 4.99
C LYS F 175 12.39 -17.80 5.42
N ALA F 176 12.88 -16.74 6.07
CA ALA F 176 14.23 -16.72 6.63
C ALA F 176 14.37 -17.85 7.70
N GLY F 177 13.30 -18.04 8.49
CA GLY F 177 13.22 -19.13 9.43
C GLY F 177 13.30 -20.48 8.75
N LEU F 178 12.53 -20.69 7.69
CA LEU F 178 12.50 -21.98 7.02
C LEU F 178 13.85 -22.31 6.35
N VAL F 179 14.55 -21.33 5.79
CA VAL F 179 15.87 -21.63 5.23
C VAL F 179 16.86 -22.04 6.31
N MET F 180 16.73 -21.53 7.54
CA MET F 180 17.59 -22.00 8.63
C MET F 180 17.19 -23.44 9.04
N ALA F 181 15.89 -23.69 9.15
CA ALA F 181 15.37 -25.06 9.41
C ALA F 181 16.04 -26.04 8.43
N THR F 182 16.08 -25.66 7.17
CA THR F 182 16.65 -26.51 6.12
C THR F 182 18.11 -26.79 6.35
N LYS F 183 18.84 -25.81 6.87
CA LYS F 183 20.23 -26.05 7.22
C LYS F 183 20.38 -27.04 8.38
N VAL F 184 19.46 -27.01 9.32
CA VAL F 184 19.59 -27.89 10.46
C VAL F 184 19.34 -29.30 9.96
N LEU F 185 18.37 -29.44 9.06
CA LEU F 185 18.09 -30.70 8.40
C LEU F 185 19.33 -31.16 7.64
N ALA F 186 19.94 -30.24 6.94
CA ALA F 186 21.11 -30.54 6.16
C ALA F 186 22.25 -31.08 7.02
N ARG F 187 22.36 -30.50 8.22
CA ARG F 187 23.42 -30.83 9.13
C ARG F 187 23.24 -32.21 9.79
N GLU F 188 22.01 -32.45 10.26
CA GLU F 188 21.68 -33.64 11.04
C GLU F 188 21.43 -34.83 10.15
N LEU F 189 20.80 -34.59 9.00
CA LEU F 189 20.42 -35.69 8.08
C LEU F 189 21.42 -35.94 6.91
N GLY F 190 22.29 -34.96 6.62
CA GLY F 190 23.43 -35.20 5.73
C GLY F 190 24.16 -36.53 6.01
N PRO F 191 24.49 -36.79 7.27
CA PRO F 191 25.25 -38.05 7.51
C PRO F 191 24.52 -39.30 7.07
N HIS F 192 23.21 -39.19 6.95
CA HIS F 192 22.35 -40.29 6.57
C HIS F 192 21.99 -40.27 5.12
N GLY F 193 22.79 -39.58 4.33
CA GLY F 193 22.57 -39.49 2.89
C GLY F 193 21.35 -38.65 2.49
N ILE F 194 20.87 -37.82 3.39
CA ILE F 194 19.74 -36.97 3.09
C ILE F 194 20.31 -35.56 2.86
N ARG F 195 19.97 -34.98 1.71
CA ARG F 195 20.43 -33.66 1.32
C ARG F 195 19.27 -32.69 1.44
N ALA F 196 19.43 -31.62 2.21
CA ALA F 196 18.41 -30.59 2.33
C ALA F 196 18.99 -29.26 1.78
N ASN F 197 18.19 -28.62 0.92
CA ASN F 197 18.60 -27.38 0.22
C ASN F 197 17.37 -26.50 -0.05
N SER F 198 17.58 -25.22 -0.24
CA SER F 198 16.49 -24.32 -0.62
C SER F 198 16.72 -23.63 -1.95
N VAL F 199 15.64 -23.35 -2.67
CA VAL F 199 15.68 -22.46 -3.82
C VAL F 199 14.97 -21.18 -3.38
N CYS F 200 15.53 -20.01 -3.75
CA CYS F 200 15.01 -18.73 -3.28
C CYS F 200 14.73 -17.82 -4.45
N PRO F 201 13.56 -17.95 -5.05
CA PRO F 201 13.30 -17.17 -6.26
C PRO F 201 12.90 -15.74 -5.99
N THR F 202 13.19 -14.82 -6.94
CA THR F 202 12.57 -13.48 -6.92
C THR F 202 11.10 -13.68 -7.31
N VAL F 203 10.40 -12.62 -7.68
CA VAL F 203 9.05 -12.74 -8.15
C VAL F 203 9.01 -13.76 -9.28
N VAL F 204 8.12 -14.75 -9.18
CA VAL F 204 7.91 -15.69 -10.26
C VAL F 204 6.56 -15.45 -10.95
N LEU F 205 6.59 -15.30 -12.30
CA LEU F 205 5.39 -14.98 -13.09
C LEU F 205 4.45 -16.13 -13.34
N THR F 206 4.12 -16.87 -12.29
CA THR F 206 2.91 -17.70 -12.27
C THR F 206 1.73 -16.77 -12.54
N GLU F 207 0.55 -17.35 -12.72
CA GLU F 207 -0.65 -16.54 -12.99
C GLU F 207 -0.95 -15.56 -11.83
N MET F 208 -0.84 -16.02 -10.60
CA MET F 208 -1.02 -15.16 -9.41
C MET F 208 0.10 -14.10 -9.24
N GLY F 209 1.36 -14.54 -9.37
CA GLY F 209 2.50 -13.60 -9.38
C GLY F 209 2.33 -12.45 -10.39
N GLN F 210 1.70 -12.76 -11.53
CA GLN F 210 1.45 -11.79 -12.60
CA GLN F 210 1.48 -11.77 -12.59
C GLN F 210 0.44 -10.73 -12.15
N ARG F 211 -0.50 -11.17 -11.33
CA ARG F 211 -1.56 -10.29 -10.84
C ARG F 211 -0.98 -9.36 -9.74
N VAL F 212 -0.35 -10.00 -8.76
CA VAL F 212 0.20 -9.37 -7.57
C VAL F 212 1.30 -8.35 -7.85
N TRP F 213 2.10 -8.62 -8.87
CA TRP F 213 3.20 -7.75 -9.29
C TRP F 213 2.98 -7.13 -10.63
N GLY F 214 1.74 -7.18 -11.13
CA GLY F 214 1.41 -6.55 -12.42
C GLY F 214 1.49 -5.03 -12.50
N ASP F 215 1.20 -4.32 -11.41
CA ASP F 215 1.29 -2.85 -11.41
C ASP F 215 2.73 -2.42 -11.57
N GLU F 216 3.00 -1.67 -12.65
CA GLU F 216 4.36 -1.16 -12.93
C GLU F 216 4.92 -0.32 -11.76
N ALA F 217 4.05 0.34 -10.98
CA ALA F 217 4.53 1.10 -9.81
C ALA F 217 5.20 0.15 -8.82
N LYS F 218 4.74 -1.10 -8.79
CA LYS F 218 5.19 -2.10 -7.82
C LYS F 218 6.35 -2.97 -8.37
N SER F 219 6.36 -3.17 -9.68
CA SER F 219 7.39 -4.00 -10.32
C SER F 219 8.64 -3.20 -10.67
N ALA F 220 8.49 -1.97 -11.15
CA ALA F 220 9.67 -1.24 -11.67
C ALA F 220 10.82 -1.21 -10.66
N PRO F 221 10.54 -0.86 -9.39
CA PRO F 221 11.63 -0.86 -8.40
C PRO F 221 12.24 -2.28 -8.13
N MET F 222 11.50 -3.33 -8.34
CA MET F 222 12.08 -4.67 -8.17
C MET F 222 12.99 -5.03 -9.36
N ILE F 223 12.49 -4.77 -10.56
CA ILE F 223 13.24 -4.97 -11.80
C ILE F 223 14.53 -4.15 -11.81
N ALA F 224 14.48 -2.96 -11.26
CA ALA F 224 15.67 -2.10 -11.19
C ALA F 224 16.77 -2.79 -10.36
N ARG F 225 16.40 -3.63 -9.39
CA ARG F 225 17.37 -4.35 -8.57
C ARG F 225 17.77 -5.69 -9.15
N ILE F 226 17.28 -6.06 -10.34
CA ILE F 226 17.56 -7.39 -10.93
C ILE F 226 18.45 -7.22 -12.17
N PRO F 227 19.69 -7.66 -12.08
CA PRO F 227 20.57 -7.38 -13.22
C PRO F 227 20.09 -7.98 -14.57
N LEU F 228 19.56 -9.21 -14.58
CA LEU F 228 18.99 -9.74 -15.85
C LEU F 228 17.79 -8.93 -16.43
N GLY F 229 17.17 -8.07 -15.60
CA GLY F 229 16.13 -7.15 -16.06
C GLY F 229 14.73 -7.73 -16.26
N ARG F 230 14.41 -8.81 -15.54
CA ARG F 230 13.10 -9.45 -15.63
C ARG F 230 12.90 -10.36 -14.45
N PHE F 231 11.66 -10.74 -14.22
CA PHE F 231 11.38 -11.70 -13.17
C PHE F 231 11.54 -13.12 -13.73
N ALA F 232 11.48 -14.08 -12.83
CA ALA F 232 11.53 -15.51 -13.14
C ALA F 232 10.22 -16.01 -13.74
N VAL F 233 10.28 -17.04 -14.57
CA VAL F 233 9.08 -17.73 -15.00
C VAL F 233 9.08 -19.10 -14.30
N PRO F 234 7.90 -19.73 -14.24
CA PRO F 234 7.78 -20.88 -13.34
C PRO F 234 8.78 -22.00 -13.62
N HIS F 235 9.11 -22.29 -14.88
CA HIS F 235 9.99 -23.46 -15.15
C HIS F 235 11.44 -23.24 -14.73
N GLU F 236 11.81 -21.98 -14.59
CA GLU F 236 13.15 -21.63 -14.10
C GLU F 236 13.34 -22.07 -12.63
N VAL F 237 12.28 -21.95 -11.82
CA VAL F 237 12.26 -22.56 -10.48
C VAL F 237 12.28 -24.09 -10.56
N SER F 238 11.36 -24.66 -11.32
CA SER F 238 11.24 -26.10 -11.47
C SER F 238 12.58 -26.72 -11.90
N ASP F 239 13.22 -26.06 -12.87
CA ASP F 239 14.54 -26.47 -13.32
C ASP F 239 15.53 -26.67 -12.13
N ALA F 240 15.58 -25.68 -11.25
CA ALA F 240 16.46 -25.70 -10.14
C ALA F 240 16.11 -26.86 -9.21
N VAL F 241 14.82 -27.12 -9.05
CA VAL F 241 14.33 -28.15 -8.13
C VAL F 241 14.68 -29.50 -8.65
N VAL F 242 14.42 -29.71 -9.94
CA VAL F 242 14.77 -30.95 -10.61
C VAL F 242 16.29 -31.27 -10.43
N TRP F 243 17.13 -30.30 -10.78
CA TRP F 243 18.57 -30.41 -10.54
C TRP F 243 18.91 -30.80 -9.11
N LEU F 244 18.34 -30.10 -8.13
CA LEU F 244 18.68 -30.37 -6.73
C LEU F 244 18.24 -31.77 -6.28
N ALA F 245 17.20 -32.29 -6.92
CA ALA F 245 16.64 -33.61 -6.65
C ALA F 245 17.48 -34.71 -7.30
N SER F 246 18.13 -34.35 -8.41
CA SER F 246 18.93 -35.30 -9.25
C SER F 246 20.31 -35.61 -8.70
N ASP F 247 20.97 -36.60 -9.30
CA ASP F 247 22.33 -36.97 -8.92
C ASP F 247 23.38 -36.01 -9.47
N ALA F 248 22.97 -34.99 -10.23
CA ALA F 248 23.89 -33.92 -10.63
C ALA F 248 24.04 -32.88 -9.49
N ALA F 249 23.30 -33.10 -8.41
CA ALA F 249 23.46 -32.31 -7.16
C ALA F 249 23.87 -33.22 -6.00
N SER F 250 24.63 -34.27 -6.29
CA SER F 250 24.96 -35.30 -5.29
C SER F 250 25.77 -34.82 -4.07
N MET F 251 26.57 -33.76 -4.23
CA MET F 251 27.32 -33.13 -3.11
C MET F 251 26.69 -31.83 -2.61
N ILE F 252 25.52 -31.44 -3.15
CA ILE F 252 24.92 -30.18 -2.78
C ILE F 252 24.04 -30.37 -1.57
N ASN F 253 24.46 -29.77 -0.45
CA ASN F 253 23.75 -29.90 0.82
C ASN F 253 23.84 -28.57 1.62
N GLY F 254 22.75 -28.17 2.23
CA GLY F 254 22.75 -26.95 3.04
C GLY F 254 22.89 -25.65 2.26
N VAL F 255 22.60 -25.70 0.96
CA VAL F 255 22.70 -24.54 0.07
C VAL F 255 21.37 -23.80 -0.21
N ASP F 256 21.51 -22.50 -0.49
CA ASP F 256 20.46 -21.58 -0.95
C ASP F 256 20.76 -21.11 -2.38
N ILE F 257 19.90 -21.47 -3.34
CA ILE F 257 20.13 -21.12 -4.71
C ILE F 257 19.15 -20.02 -5.01
N PRO F 258 19.63 -18.78 -5.06
CA PRO F 258 18.77 -17.76 -5.60
C PRO F 258 18.43 -18.01 -7.08
N VAL F 259 17.15 -17.96 -7.39
CA VAL F 259 16.69 -17.88 -8.76
C VAL F 259 16.16 -16.44 -9.00
N ASP F 260 17.10 -15.50 -9.02
CA ASP F 260 16.78 -14.05 -8.93
C ASP F 260 17.52 -13.13 -9.88
N GLY F 261 18.26 -13.66 -10.84
CA GLY F 261 18.88 -12.76 -11.85
C GLY F 261 19.99 -11.83 -11.31
N GLY F 262 20.44 -12.06 -10.07
CA GLY F 262 21.44 -11.20 -9.45
C GLY F 262 20.95 -10.39 -8.25
N TYR F 263 19.63 -10.37 -8.01
CA TYR F 263 19.03 -9.46 -7.02
C TYR F 263 19.74 -9.52 -5.66
N THR F 264 19.93 -10.73 -5.12
CA THR F 264 20.43 -10.90 -3.75
C THR F 264 21.95 -10.68 -3.57
N MET F 265 22.65 -10.40 -4.65
CA MET F 265 24.00 -9.81 -4.55
C MET F 265 24.02 -8.49 -3.79
N GLY F 266 22.90 -7.83 -3.72
CA GLY F 266 22.87 -6.42 -3.32
C GLY F 266 23.59 -5.59 -4.34
N ASP G 10 25.88 -39.30 -13.52
CA ASP G 10 25.87 -37.83 -13.74
C ASP G 10 26.24 -37.39 -15.25
N ARG G 11 25.23 -37.43 -16.16
CA ARG G 11 25.34 -37.42 -17.66
C ARG G 11 24.26 -36.57 -18.48
N TYR G 12 24.65 -36.04 -19.63
CA TYR G 12 24.08 -34.80 -20.13
C TYR G 12 23.23 -34.91 -21.39
N ALA G 13 21.92 -34.78 -21.20
CA ALA G 13 20.93 -34.88 -22.27
C ALA G 13 19.84 -33.88 -22.03
N GLY G 14 18.99 -33.71 -23.03
CA GLY G 14 17.93 -32.74 -22.98
C GLY G 14 18.48 -31.34 -22.78
N VAL G 15 18.04 -30.70 -21.69
CA VAL G 15 18.33 -29.29 -21.45
C VAL G 15 19.80 -29.12 -21.07
N LEU G 16 20.42 -30.19 -20.54
CA LEU G 16 21.84 -30.20 -20.24
C LEU G 16 22.73 -30.47 -21.46
N ARG G 17 22.15 -30.67 -22.64
CA ARG G 17 22.95 -30.68 -23.86
C ARG G 17 23.49 -29.27 -24.03
N LEU G 18 24.71 -29.19 -24.53
CA LEU G 18 25.34 -27.94 -24.82
C LEU G 18 25.78 -27.97 -26.28
N ASP G 19 25.00 -28.69 -27.11
CA ASP G 19 25.28 -28.83 -28.54
C ASP G 19 25.48 -27.48 -29.21
N GLY G 20 26.60 -27.33 -29.91
CA GLY G 20 26.90 -26.08 -30.62
C GLY G 20 27.51 -24.94 -29.77
N LYS G 21 27.47 -25.06 -28.44
CA LYS G 21 27.99 -24.02 -27.57
C LYS G 21 29.52 -23.97 -27.60
N ARG G 22 30.05 -22.76 -27.60
CA ARG G 22 31.48 -22.56 -27.76
C ARG G 22 32.11 -22.17 -26.43
N ALA G 23 32.93 -23.05 -25.89
CA ALA G 23 33.39 -22.91 -24.52
C ALA G 23 34.90 -22.83 -24.45
N LEU G 24 35.39 -21.89 -23.66
CA LEU G 24 36.77 -21.79 -23.36
C LEU G 24 36.94 -22.40 -21.97
N ILE G 25 37.85 -23.36 -21.86
CA ILE G 25 38.15 -23.98 -20.58
C ILE G 25 39.66 -23.84 -20.37
N THR G 26 40.03 -23.10 -19.34
CA THR G 26 41.42 -22.99 -18.93
C THR G 26 41.87 -24.15 -18.03
N GLY G 27 43.18 -24.40 -18.00
CA GLY G 27 43.74 -25.41 -17.08
C GLY G 27 43.16 -26.74 -17.48
N ALA G 28 43.05 -26.96 -18.78
CA ALA G 28 42.22 -28.02 -19.29
C ALA G 28 42.90 -29.38 -19.43
N THR G 29 44.18 -29.48 -19.15
CA THR G 29 44.86 -30.75 -19.38
C THR G 29 45.06 -31.53 -18.09
N LYS G 30 44.92 -30.85 -16.96
CA LYS G 30 45.19 -31.43 -15.64
C LYS G 30 43.97 -31.21 -14.73
N GLY G 31 43.80 -32.13 -13.78
CA GLY G 31 42.83 -32.02 -12.71
C GLY G 31 41.42 -31.64 -13.13
N ILE G 32 40.83 -30.69 -12.43
CA ILE G 32 39.40 -30.47 -12.56
C ILE G 32 39.02 -29.93 -13.96
N GLY G 33 39.90 -29.14 -14.54
CA GLY G 33 39.64 -28.61 -15.89
C GLY G 33 39.49 -29.71 -16.92
N ALA G 34 40.29 -30.76 -16.77
CA ALA G 34 40.23 -31.95 -17.67
C ALA G 34 38.92 -32.68 -17.57
N ASP G 35 38.37 -32.75 -16.35
CA ASP G 35 37.08 -33.37 -16.14
C ASP G 35 35.95 -32.50 -16.71
N ILE G 36 36.04 -31.20 -16.53
CA ILE G 36 35.04 -30.29 -17.06
C ILE G 36 35.05 -30.39 -18.57
N ALA G 37 36.25 -30.37 -19.13
CA ALA G 37 36.44 -30.51 -20.57
C ALA G 37 35.79 -31.79 -21.10
N ARG G 38 36.08 -32.89 -20.43
CA ARG G 38 35.43 -34.16 -20.72
C ARG G 38 33.89 -34.06 -20.66
N ALA G 39 33.36 -33.45 -19.59
CA ALA G 39 31.90 -33.25 -19.43
C ALA G 39 31.30 -32.42 -20.57
N PHE G 40 31.90 -31.25 -20.84
CA PHE G 40 31.43 -30.39 -21.91
C PHE G 40 31.44 -31.12 -23.25
N ALA G 41 32.47 -31.94 -23.46
CA ALA G 41 32.58 -32.74 -24.67
C ALA G 41 31.46 -33.78 -24.77
N ALA G 42 31.15 -34.45 -23.67
CA ALA G 42 30.02 -35.37 -23.65
C ALA G 42 28.70 -34.62 -23.84
N ALA G 43 28.60 -33.38 -23.37
CA ALA G 43 27.40 -32.56 -23.58
C ALA G 43 27.28 -31.96 -24.99
N GLY G 44 28.28 -32.15 -25.84
CA GLY G 44 28.24 -31.69 -27.22
C GLY G 44 28.82 -30.31 -27.48
N ALA G 45 29.54 -29.76 -26.51
CA ALA G 45 30.19 -28.47 -26.67
C ALA G 45 31.28 -28.50 -27.76
N ARG G 46 31.55 -27.32 -28.33
CA ARG G 46 32.74 -27.07 -29.10
C ARG G 46 33.73 -26.38 -28.15
N LEU G 47 34.97 -26.89 -28.07
CA LEU G 47 35.92 -26.46 -27.04
C LEU G 47 37.12 -25.69 -27.60
N VAL G 48 37.40 -24.53 -27.00
CA VAL G 48 38.74 -23.95 -26.99
C VAL G 48 39.42 -24.29 -25.66
N LEU G 49 40.56 -24.96 -25.71
CA LEU G 49 41.24 -25.45 -24.50
C LEU G 49 42.60 -24.75 -24.34
N SER G 50 42.81 -24.04 -23.23
CA SER G 50 44.08 -23.38 -22.96
C SER G 50 44.91 -24.19 -21.97
N GLY G 51 46.21 -23.95 -21.96
CA GLY G 51 47.12 -24.68 -21.09
C GLY G 51 48.55 -24.35 -21.42
N ARG G 52 49.46 -24.98 -20.70
CA ARG G 52 50.85 -24.64 -20.76
C ARG G 52 51.63 -25.51 -21.71
N ASP G 53 51.29 -26.78 -21.74
CA ASP G 53 52.10 -27.78 -22.34
C ASP G 53 51.51 -28.26 -23.69
N VAL G 54 52.26 -28.03 -24.76
CA VAL G 54 51.82 -28.30 -26.10
C VAL G 54 51.41 -29.76 -26.26
N SER G 55 52.16 -30.66 -25.64
CA SER G 55 51.98 -32.06 -25.87
C SER G 55 50.68 -32.55 -25.21
N GLU G 56 50.38 -32.04 -24.03
CA GLU G 56 49.12 -32.39 -23.36
C GLU G 56 47.89 -31.83 -24.10
N LEU G 57 48.02 -30.64 -24.69
CA LEU G 57 46.96 -30.01 -25.45
C LEU G 57 46.60 -30.78 -26.71
N ASP G 58 47.62 -31.29 -27.41
CA ASP G 58 47.42 -32.18 -28.53
C ASP G 58 46.80 -33.50 -28.05
N ALA G 59 47.29 -34.04 -26.95
CA ALA G 59 46.78 -35.34 -26.47
C ALA G 59 45.30 -35.24 -26.09
N ALA G 60 44.92 -34.11 -25.52
CA ALA G 60 43.52 -33.79 -25.21
C ALA G 60 42.62 -33.62 -26.46
N ARG G 61 43.04 -32.79 -27.41
CA ARG G 61 42.35 -32.67 -28.70
C ARG G 61 42.13 -34.05 -29.34
N ARG G 62 43.15 -34.87 -29.28
CA ARG G 62 43.14 -36.22 -29.83
C ARG G 62 42.14 -37.05 -29.04
N ALA G 63 42.25 -37.04 -27.71
CA ALA G 63 41.39 -37.87 -26.84
C ALA G 63 39.91 -37.47 -26.93
N LEU G 64 39.61 -36.17 -26.88
CA LEU G 64 38.23 -35.72 -26.96
C LEU G 64 37.61 -36.01 -28.35
N GLY G 65 38.34 -35.71 -29.42
CA GLY G 65 37.93 -36.06 -30.78
C GLY G 65 37.53 -37.52 -30.96
N GLU G 66 38.34 -38.41 -30.40
CA GLU G 66 38.16 -39.87 -30.56
C GLU G 66 36.91 -40.34 -29.79
N GLN G 67 36.87 -39.99 -28.51
CA GLN G 67 35.81 -40.35 -27.56
C GLN G 67 34.41 -39.73 -27.92
N PHE G 68 34.36 -38.45 -28.26
CA PHE G 68 33.08 -37.69 -28.39
C PHE G 68 32.88 -36.97 -29.73
N GLY G 69 33.84 -37.08 -30.65
CA GLY G 69 33.76 -36.35 -31.93
C GLY G 69 33.80 -34.84 -31.76
N THR G 70 34.46 -34.34 -30.72
CA THR G 70 34.43 -32.93 -30.38
C THR G 70 35.38 -32.10 -31.24
N ASP G 71 34.96 -30.92 -31.68
CA ASP G 71 35.91 -30.00 -32.30
C ASP G 71 36.67 -29.28 -31.17
N VAL G 72 37.99 -29.36 -31.20
CA VAL G 72 38.84 -28.77 -30.18
C VAL G 72 39.84 -27.86 -30.87
N HIS G 73 39.99 -26.64 -30.37
CA HIS G 73 41.09 -25.78 -30.74
C HIS G 73 41.84 -25.63 -29.44
N THR G 74 43.16 -25.65 -29.55
CA THR G 74 44.02 -25.53 -28.38
C THR G 74 44.82 -24.25 -28.49
N VAL G 75 45.03 -23.62 -27.35
CA VAL G 75 45.94 -22.50 -27.23
C VAL G 75 46.98 -22.83 -26.15
N ALA G 76 48.24 -22.95 -26.52
CA ALA G 76 49.31 -23.09 -25.55
C ALA G 76 49.74 -21.67 -25.22
N ILE G 77 49.64 -21.32 -23.95
CA ILE G 77 49.96 -19.98 -23.49
C ILE G 77 50.15 -19.98 -21.98
N ASP G 78 51.09 -19.17 -21.52
CA ASP G 78 51.29 -18.93 -20.12
C ASP G 78 50.56 -17.62 -19.81
N LEU G 79 49.57 -17.70 -18.93
CA LEU G 79 48.72 -16.54 -18.64
C LEU G 79 49.46 -15.38 -17.97
N ALA G 80 50.53 -15.71 -17.25
CA ALA G 80 51.34 -14.68 -16.57
C ALA G 80 51.93 -13.62 -17.50
N GLU G 81 52.27 -14.01 -18.74
CA GLU G 81 52.93 -13.09 -19.71
C GLU G 81 52.11 -11.80 -20.00
N PRO G 82 52.75 -10.83 -20.68
CA PRO G 82 52.25 -9.47 -20.95
C PRO G 82 51.07 -9.47 -21.90
N ASP G 83 49.95 -8.88 -21.48
CA ASP G 83 48.68 -8.93 -22.27
C ASP G 83 48.23 -10.37 -22.68
N ALA G 84 48.69 -11.40 -21.96
CA ALA G 84 48.31 -12.78 -22.27
C ALA G 84 46.80 -13.11 -22.01
N PRO G 85 46.25 -12.66 -20.88
CA PRO G 85 44.82 -12.97 -20.70
C PRO G 85 43.94 -12.44 -21.85
N ALA G 86 44.25 -11.22 -22.32
CA ALA G 86 43.54 -10.62 -23.44
C ALA G 86 43.82 -11.37 -24.75
N GLU G 87 45.04 -11.87 -24.92
CA GLU G 87 45.37 -12.59 -26.11
C GLU G 87 44.64 -13.94 -26.13
N LEU G 88 44.55 -14.60 -24.97
CA LEU G 88 43.83 -15.87 -24.91
C LEU G 88 42.38 -15.66 -25.31
N ALA G 89 41.79 -14.60 -24.77
CA ALA G 89 40.40 -14.26 -25.03
C ALA G 89 40.19 -14.04 -26.52
N ARG G 90 41.11 -13.31 -27.15
CA ARG G 90 41.01 -13.00 -28.57
C ARG G 90 41.13 -14.29 -29.40
N ARG G 91 42.12 -15.09 -29.09
CA ARG G 91 42.39 -16.27 -29.88
C ARG G 91 41.27 -17.29 -29.65
N ALA G 92 40.85 -17.48 -28.40
CA ALA G 92 39.72 -18.39 -28.12
C ALA G 92 38.46 -18.00 -28.92
N ALA G 93 38.19 -16.69 -29.01
CA ALA G 93 37.01 -16.20 -29.75
C ALA G 93 37.14 -16.40 -31.27
N GLU G 94 38.35 -16.25 -31.80
CA GLU G 94 38.58 -16.46 -33.23
C GLU G 94 38.38 -17.92 -33.64
N ALA G 95 38.69 -18.88 -32.75
CA ALA G 95 38.48 -20.29 -33.01
C ALA G 95 37.16 -20.63 -33.74
N PHE G 96 36.03 -20.26 -33.13
CA PHE G 96 34.72 -20.58 -33.68
C PHE G 96 33.83 -19.33 -33.90
N GLY G 97 34.42 -18.15 -34.02
CA GLY G 97 33.64 -16.92 -34.27
C GLY G 97 32.90 -16.33 -33.05
N GLY G 98 33.38 -16.61 -31.83
CA GLY G 98 32.74 -16.14 -30.60
C GLY G 98 32.76 -17.21 -29.50
N LEU G 99 32.52 -16.78 -28.26
CA LEU G 99 32.44 -17.72 -27.13
C LEU G 99 31.07 -17.55 -26.54
N ASP G 100 30.49 -18.66 -26.10
CA ASP G 100 29.22 -18.63 -25.38
C ASP G 100 29.40 -18.91 -23.89
N VAL G 101 30.39 -19.76 -23.56
CA VAL G 101 30.74 -20.04 -22.21
C VAL G 101 32.20 -19.71 -21.95
N LEU G 102 32.53 -19.33 -20.70
CA LEU G 102 33.89 -19.36 -20.20
C LEU G 102 33.90 -20.15 -18.90
N VAL G 103 34.74 -21.15 -18.84
CA VAL G 103 35.01 -21.83 -17.61
C VAL G 103 36.36 -21.32 -17.09
N ASN G 104 36.28 -20.38 -16.16
CA ASN G 104 37.45 -19.72 -15.64
C ASN G 104 38.06 -20.59 -14.57
N ASN G 105 38.90 -21.51 -15.02
CA ASN G 105 39.49 -22.52 -14.16
C ASN G 105 40.97 -22.27 -13.93
N ALA G 106 41.36 -22.02 -12.69
CA ALA G 106 42.77 -21.94 -12.32
C ALA G 106 43.01 -22.35 -10.85
N GLY G 107 44.27 -22.62 -10.50
CA GLY G 107 44.51 -22.95 -9.12
C GLY G 107 45.89 -23.39 -8.70
N ILE G 108 46.52 -22.61 -7.81
CA ILE G 108 47.65 -23.08 -7.05
C ILE G 108 47.52 -22.71 -5.57
N SER G 109 48.25 -23.46 -4.76
CA SER G 109 48.11 -23.43 -3.35
C SER G 109 49.46 -23.66 -2.75
N HIS G 110 49.93 -22.68 -2.00
CA HIS G 110 51.18 -22.72 -1.30
C HIS G 110 50.88 -22.55 0.17
N PRO G 111 50.51 -23.64 0.86
CA PRO G 111 50.08 -23.51 2.27
C PRO G 111 51.19 -23.06 3.23
N GLN G 112 50.88 -22.10 4.08
CA GLN G 112 51.80 -21.58 5.11
C GLN G 112 51.00 -21.00 6.28
N PRO G 113 51.48 -21.16 7.52
CA PRO G 113 50.91 -20.40 8.63
C PRO G 113 50.91 -18.91 8.31
N VAL G 114 49.89 -18.18 8.79
CA VAL G 114 49.78 -16.77 8.41
C VAL G 114 51.01 -15.95 8.90
N VAL G 115 51.52 -16.29 10.08
CA VAL G 115 52.74 -15.65 10.61
C VAL G 115 54.00 -15.84 9.74
N ASP G 116 53.96 -16.77 8.80
CA ASP G 116 55.12 -17.10 7.95
C ASP G 116 54.92 -16.78 6.48
N THR G 117 53.88 -16.00 6.18
CA THR G 117 53.46 -15.77 4.80
C THR G 117 54.63 -15.18 4.02
N ASP G 118 54.99 -15.86 2.93
CA ASP G 118 56.06 -15.42 2.06
C ASP G 118 55.49 -14.48 0.97
N PRO G 119 56.05 -13.25 0.82
CA PRO G 119 55.60 -12.30 -0.20
C PRO G 119 55.58 -12.86 -1.61
N GLN G 120 56.59 -13.66 -1.96
CA GLN G 120 56.69 -14.27 -3.31
C GLN G 120 55.55 -15.28 -3.55
N LEU G 121 55.35 -16.18 -2.59
CA LEU G 121 54.29 -17.20 -2.68
C LEU G 121 52.89 -16.56 -2.67
N PHE G 122 52.72 -15.54 -1.83
CA PHE G 122 51.52 -14.75 -1.86
C PHE G 122 51.27 -14.11 -3.25
N ASP G 123 52.26 -13.40 -3.77
CA ASP G 123 52.12 -12.76 -5.07
C ASP G 123 51.85 -13.75 -6.19
N ALA G 124 52.49 -14.91 -6.14
CA ALA G 124 52.24 -15.93 -7.18
C ALA G 124 50.80 -16.43 -7.08
N THR G 125 50.31 -16.60 -5.84
CA THR G 125 48.94 -17.06 -5.60
C THR G 125 47.92 -16.04 -6.15
N ILE G 126 48.10 -14.75 -5.82
CA ILE G 126 47.22 -13.71 -6.41
C ILE G 126 47.29 -13.76 -7.95
N ALA G 127 48.48 -13.89 -8.49
CA ALA G 127 48.70 -13.79 -9.93
C ALA G 127 48.00 -14.90 -10.68
N VAL G 128 48.05 -16.12 -10.15
CA VAL G 128 47.47 -17.28 -10.84
C VAL G 128 45.96 -17.44 -10.54
N ASN G 129 45.60 -17.29 -9.27
CA ASN G 129 44.24 -17.54 -8.83
C ASN G 129 43.27 -16.36 -9.05
N LEU G 130 43.77 -15.13 -9.01
CA LEU G 130 42.89 -13.99 -9.09
C LEU G 130 43.17 -13.11 -10.31
N ARG G 131 44.43 -12.73 -10.51
CA ARG G 131 44.73 -11.73 -11.53
C ARG G 131 44.45 -12.19 -12.98
N ALA G 132 45.08 -13.30 -13.36
CA ALA G 132 44.94 -13.86 -14.70
C ALA G 132 43.47 -14.12 -15.05
N PRO G 133 42.79 -14.93 -14.22
CA PRO G 133 41.35 -15.19 -14.36
C PRO G 133 40.47 -13.93 -14.45
N ALA G 134 40.72 -12.94 -13.59
CA ALA G 134 39.93 -11.71 -13.56
C ALA G 134 40.02 -10.99 -14.90
N LEU G 135 41.23 -10.83 -15.39
CA LEU G 135 41.40 -10.08 -16.61
C LEU G 135 41.00 -10.87 -17.83
N LEU G 136 40.98 -12.20 -17.76
CA LEU G 136 40.46 -13.02 -18.86
C LEU G 136 38.94 -12.81 -19.00
N ALA G 137 38.22 -12.87 -17.87
CA ALA G 137 36.77 -12.70 -17.84
C ALA G 137 36.35 -11.30 -18.34
N SER G 138 37.13 -10.28 -18.01
CA SER G 138 36.77 -8.93 -18.48
C SER G 138 36.93 -8.83 -20.01
N ALA G 139 38.02 -9.38 -20.56
CA ALA G 139 38.21 -9.43 -22.02
C ALA G 139 37.16 -10.26 -22.72
N VAL G 140 36.83 -11.41 -22.14
CA VAL G 140 35.87 -12.30 -22.77
C VAL G 140 34.51 -11.64 -22.72
N GLY G 141 34.16 -11.21 -21.50
CA GLY G 141 33.01 -10.41 -21.24
C GLY G 141 32.86 -9.29 -22.24
N LYS G 142 33.93 -8.55 -22.48
CA LYS G 142 33.84 -7.45 -23.44
C LYS G 142 33.42 -7.97 -24.82
N ALA G 143 33.97 -9.12 -25.24
CA ALA G 143 33.64 -9.68 -26.57
C ALA G 143 32.21 -10.26 -26.61
N MET G 144 31.75 -10.76 -25.47
CA MET G 144 30.38 -11.29 -25.39
C MET G 144 29.37 -10.17 -25.51
N VAL G 145 29.66 -9.04 -24.89
CA VAL G 145 28.81 -7.86 -25.02
C VAL G 145 28.73 -7.50 -26.51
N ALA G 146 29.86 -7.25 -27.13
CA ALA G 146 29.93 -6.94 -28.57
C ALA G 146 29.16 -7.91 -29.49
N ALA G 147 29.25 -9.22 -29.22
CA ALA G 147 28.59 -10.22 -30.08
C ALA G 147 27.06 -10.20 -30.01
N GLY G 148 26.50 -9.79 -28.87
CA GLY G 148 25.05 -9.67 -28.70
C GLY G 148 24.25 -10.96 -28.52
N GLU G 149 24.94 -12.06 -28.26
CA GLU G 149 24.31 -13.35 -28.19
C GLU G 149 24.28 -13.88 -26.75
N GLY G 150 24.38 -12.96 -25.77
CA GLY G 150 24.47 -13.38 -24.38
C GLY G 150 25.76 -14.18 -24.09
N GLY G 151 25.74 -14.90 -22.96
CA GLY G 151 26.87 -15.72 -22.54
C GLY G 151 26.81 -16.26 -21.11
N ALA G 152 27.72 -17.15 -20.77
CA ALA G 152 27.81 -17.71 -19.44
C ALA G 152 29.28 -17.68 -19.03
N ILE G 153 29.60 -17.00 -17.94
CA ILE G 153 30.94 -17.09 -17.31
C ILE G 153 30.81 -17.93 -16.03
N ILE G 154 31.67 -18.90 -15.84
CA ILE G 154 31.59 -19.78 -14.64
C ILE G 154 32.97 -19.88 -13.97
N THR G 155 33.07 -19.33 -12.78
CA THR G 155 34.29 -19.31 -12.07
C THR G 155 34.49 -20.59 -11.25
N VAL G 156 35.62 -21.25 -11.40
CA VAL G 156 35.96 -22.39 -10.53
C VAL G 156 36.70 -21.79 -9.36
N ALA G 157 35.95 -21.38 -8.36
CA ALA G 157 36.46 -20.79 -7.15
C ALA G 157 36.65 -21.93 -6.09
N SER G 158 36.18 -21.77 -4.87
CA SER G 158 36.39 -22.83 -3.82
C SER G 158 35.64 -22.50 -2.55
N ALA G 159 35.33 -23.51 -1.74
CA ALA G 159 34.79 -23.31 -0.38
C ALA G 159 35.68 -22.33 0.39
N ALA G 160 36.98 -22.43 0.13
CA ALA G 160 37.95 -21.55 0.74
C ALA G 160 37.70 -20.07 0.40
N ALA G 161 36.98 -19.80 -0.69
CA ALA G 161 36.51 -18.43 -1.00
C ALA G 161 35.48 -17.90 -0.01
N LEU G 162 34.85 -18.81 0.73
CA LEU G 162 33.67 -18.49 1.52
C LEU G 162 33.89 -18.60 3.04
N ALA G 163 34.89 -19.37 3.46
CA ALA G 163 35.20 -19.58 4.86
C ALA G 163 36.68 -19.67 4.95
N PRO G 164 37.29 -19.03 5.98
CA PRO G 164 38.72 -19.00 6.11
C PRO G 164 39.21 -20.38 6.49
N LEU G 165 40.41 -20.72 6.06
CA LEU G 165 40.95 -22.04 6.33
C LEU G 165 42.39 -21.88 6.81
N PRO G 166 42.77 -22.54 7.92
CA PRO G 166 44.14 -22.33 8.43
C PRO G 166 45.19 -22.69 7.37
N ASP G 167 46.27 -21.92 7.35
CA ASP G 167 47.36 -22.03 6.38
C ASP G 167 47.03 -21.63 4.95
N HIS G 168 45.90 -20.96 4.71
CA HIS G 168 45.50 -20.65 3.35
C HIS G 168 45.25 -19.15 3.18
N TYR G 169 46.09 -18.32 3.83
CA TYR G 169 45.94 -16.85 3.78
C TYR G 169 45.77 -16.38 2.32
N ALA G 170 46.80 -16.66 1.52
CA ALA G 170 46.84 -16.36 0.10
C ALA G 170 45.74 -17.06 -0.70
N TYR G 171 45.61 -18.36 -0.52
CA TYR G 171 44.68 -19.17 -1.29
C TYR G 171 43.27 -18.66 -1.05
N CYS G 172 42.83 -18.59 0.22
CA CYS G 172 41.49 -18.04 0.58
C CYS G 172 41.31 -16.61 0.05
N THR G 173 42.34 -15.77 0.18
CA THR G 173 42.25 -14.35 -0.19
C THR G 173 41.96 -14.18 -1.68
N SER G 174 42.74 -14.88 -2.50
CA SER G 174 42.61 -14.88 -3.95
C SER G 174 41.24 -15.33 -4.44
N LYS G 175 40.76 -16.48 -3.93
CA LYS G 175 39.47 -17.06 -4.34
C LYS G 175 38.27 -16.21 -3.89
N ALA G 176 38.37 -15.63 -2.71
CA ALA G 176 37.41 -14.67 -2.25
C ALA G 176 37.43 -13.48 -3.20
N GLY G 177 38.61 -13.03 -3.60
CA GLY G 177 38.70 -11.91 -4.55
C GLY G 177 37.96 -12.21 -5.85
N LEU G 178 38.12 -13.45 -6.34
CA LEU G 178 37.66 -13.79 -7.66
C LEU G 178 36.14 -13.99 -7.65
N VAL G 179 35.62 -14.52 -6.51
CA VAL G 179 34.21 -14.66 -6.28
C VAL G 179 33.51 -13.28 -6.32
N MET G 180 34.13 -12.26 -5.75
CA MET G 180 33.60 -10.90 -5.89
C MET G 180 33.69 -10.37 -7.34
N ALA G 181 34.82 -10.58 -7.99
CA ALA G 181 35.01 -10.21 -9.38
C ALA G 181 33.84 -10.75 -10.23
N THR G 182 33.51 -12.00 -10.00
CA THR G 182 32.42 -12.62 -10.71
C THR G 182 31.08 -11.89 -10.48
N LYS G 183 30.80 -11.56 -9.22
CA LYS G 183 29.63 -10.75 -8.90
C LYS G 183 29.59 -9.41 -9.60
N VAL G 184 30.71 -8.70 -9.75
CA VAL G 184 30.70 -7.44 -10.54
C VAL G 184 30.36 -7.75 -12.01
N LEU G 185 30.87 -8.89 -12.51
CA LEU G 185 30.54 -9.35 -13.87
C LEU G 185 29.02 -9.57 -14.02
N ALA G 186 28.46 -10.29 -13.05
CA ALA G 186 27.02 -10.54 -12.96
C ALA G 186 26.17 -9.25 -12.95
N ARG G 187 26.64 -8.26 -12.20
CA ARG G 187 25.93 -6.96 -12.08
C ARG G 187 26.00 -6.11 -13.36
N GLU G 188 27.18 -6.03 -13.96
CA GLU G 188 27.38 -5.17 -15.12
C GLU G 188 26.96 -5.81 -16.44
N LEU G 189 27.11 -7.12 -16.51
CA LEU G 189 26.90 -7.85 -17.76
C LEU G 189 25.51 -8.51 -17.84
N GLY G 190 24.90 -8.75 -16.67
CA GLY G 190 23.54 -9.27 -16.61
C GLY G 190 22.58 -8.55 -17.54
N PRO G 191 22.62 -7.21 -17.56
CA PRO G 191 21.69 -6.52 -18.44
C PRO G 191 21.86 -6.90 -19.86
N HIS G 192 23.05 -7.31 -20.25
CA HIS G 192 23.29 -7.82 -21.62
C HIS G 192 23.05 -9.30 -21.78
N GLY G 193 22.38 -9.90 -20.81
CA GLY G 193 22.04 -11.31 -20.88
C GLY G 193 23.23 -12.21 -20.69
N ILE G 194 24.31 -11.71 -20.11
CA ILE G 194 25.45 -12.54 -19.73
C ILE G 194 25.30 -12.91 -18.23
N ARG G 195 25.46 -14.19 -17.92
CA ARG G 195 25.37 -14.70 -16.57
C ARG G 195 26.76 -15.12 -16.04
N ALA G 196 27.08 -14.63 -14.84
CA ALA G 196 28.32 -14.93 -14.11
C ALA G 196 27.99 -15.55 -12.76
N ASN G 197 28.59 -16.72 -12.50
CA ASN G 197 28.38 -17.48 -11.30
C ASN G 197 29.66 -18.23 -10.87
N SER G 198 29.77 -18.64 -9.60
CA SER G 198 30.92 -19.44 -9.13
C SER G 198 30.47 -20.79 -8.65
N VAL G 199 31.34 -21.79 -8.83
CA VAL G 199 31.20 -23.05 -8.14
C VAL G 199 32.31 -23.08 -7.10
N CYS G 200 31.99 -23.43 -5.87
CA CYS G 200 32.95 -23.33 -4.78
C CYS G 200 33.07 -24.70 -4.10
N PRO G 201 33.92 -25.55 -4.65
CA PRO G 201 34.04 -26.92 -4.07
C PRO G 201 34.91 -26.98 -2.82
N THR G 202 34.60 -27.94 -1.96
CA THR G 202 35.51 -28.40 -0.94
C THR G 202 36.65 -29.18 -1.63
N VAL G 203 37.40 -29.97 -0.82
CA VAL G 203 38.44 -30.82 -1.36
C VAL G 203 37.78 -31.69 -2.43
N VAL G 204 38.38 -31.68 -3.60
CA VAL G 204 37.95 -32.48 -4.75
C VAL G 204 38.96 -33.61 -5.01
N LEU G 205 38.45 -34.84 -5.15
CA LEU G 205 39.31 -36.03 -5.25
C LEU G 205 39.77 -36.30 -6.68
N THR G 206 40.64 -35.42 -7.18
CA THR G 206 41.30 -35.61 -8.46
C THR G 206 42.53 -36.52 -8.23
N GLU G 207 43.39 -36.66 -9.24
CA GLU G 207 44.66 -37.35 -9.03
C GLU G 207 45.38 -36.63 -7.88
N MET G 208 45.73 -35.36 -8.09
CA MET G 208 46.40 -34.55 -7.05
C MET G 208 45.59 -34.53 -5.73
N GLY G 209 44.28 -34.30 -5.85
CA GLY G 209 43.36 -34.40 -4.70
C GLY G 209 43.59 -35.62 -3.79
N GLN G 210 43.52 -36.83 -4.35
CA GLN G 210 43.62 -38.06 -3.53
C GLN G 210 44.98 -38.18 -2.85
N ARG G 211 46.05 -37.81 -3.57
CA ARG G 211 47.42 -37.93 -3.04
C ARG G 211 47.69 -36.95 -1.89
N VAL G 212 47.20 -35.71 -2.01
CA VAL G 212 47.35 -34.70 -0.93
C VAL G 212 46.51 -35.08 0.31
N TRP G 213 45.20 -35.21 0.11
CA TRP G 213 44.33 -35.65 1.19
C TRP G 213 44.25 -37.16 1.10
N GLU G 216 43.25 -40.53 5.79
CA GLU G 216 42.30 -40.86 6.85
C GLU G 216 42.55 -40.01 8.10
N ALA G 217 43.78 -40.05 8.62
CA ALA G 217 44.13 -39.27 9.80
C ALA G 217 44.20 -37.77 9.48
N LYS G 218 44.95 -37.40 8.44
CA LYS G 218 45.20 -35.99 8.10
C LYS G 218 44.01 -35.25 7.45
N SER G 219 42.94 -35.98 7.14
CA SER G 219 41.74 -35.42 6.51
C SER G 219 40.50 -35.40 7.44
N ALA G 220 40.50 -36.26 8.47
CA ALA G 220 39.34 -36.43 9.38
C ALA G 220 38.77 -35.14 9.99
N PRO G 221 39.63 -34.20 10.44
CA PRO G 221 39.06 -32.93 10.90
C PRO G 221 38.22 -32.25 9.82
N MET G 222 38.70 -32.28 8.58
CA MET G 222 37.94 -31.68 7.47
C MET G 222 36.66 -32.47 7.18
N ILE G 223 36.79 -33.80 7.06
CA ILE G 223 35.65 -34.69 6.87
C ILE G 223 34.61 -34.57 8.01
N ALA G 224 35.06 -34.37 9.24
CA ALA G 224 34.16 -34.11 10.34
C ALA G 224 33.27 -32.88 10.11
N ARG G 225 33.80 -31.84 9.48
CA ARG G 225 33.04 -30.64 9.22
C ARG G 225 32.12 -30.76 7.99
N ILE G 226 32.12 -31.90 7.30
CA ILE G 226 31.25 -32.08 6.12
C ILE G 226 30.07 -33.03 6.46
N PRO G 227 28.84 -32.49 6.55
CA PRO G 227 27.71 -33.36 6.94
C PRO G 227 27.54 -34.62 6.08
N LEU G 228 27.76 -34.49 4.78
CA LEU G 228 27.65 -35.67 3.89
C LEU G 228 28.75 -36.76 4.11
N GLY G 229 29.82 -36.45 4.83
CA GLY G 229 30.77 -37.48 5.30
C GLY G 229 31.90 -37.88 4.33
N ARG G 230 32.10 -37.08 3.28
CA ARG G 230 33.15 -37.31 2.28
C ARG G 230 33.55 -36.04 1.55
N PHE G 231 34.57 -36.14 0.72
CA PHE G 231 34.94 -35.06 -0.18
C PHE G 231 34.23 -35.20 -1.51
N ALA G 232 34.18 -34.09 -2.26
CA ALA G 232 33.63 -34.11 -3.60
C ALA G 232 34.54 -34.90 -4.59
N VAL G 233 33.92 -35.51 -5.60
CA VAL G 233 34.62 -36.11 -6.75
C VAL G 233 34.48 -35.18 -7.94
N PRO G 234 35.40 -35.26 -8.90
CA PRO G 234 35.45 -34.27 -9.99
C PRO G 234 34.13 -34.09 -10.78
N HIS G 235 33.40 -35.18 -11.04
CA HIS G 235 32.20 -35.09 -11.87
C HIS G 235 31.11 -34.27 -11.21
N GLU G 236 31.13 -34.23 -9.87
CA GLU G 236 30.19 -33.41 -9.11
C GLU G 236 30.42 -31.91 -9.31
N VAL G 237 31.68 -31.52 -9.51
CA VAL G 237 32.00 -30.14 -9.85
C VAL G 237 31.56 -29.89 -11.30
N SER G 238 31.94 -30.80 -12.19
CA SER G 238 31.53 -30.72 -13.59
C SER G 238 30.03 -30.64 -13.79
N ASP G 239 29.25 -31.47 -13.08
CA ASP G 239 27.78 -31.38 -13.11
C ASP G 239 27.27 -29.92 -12.87
N ALA G 240 27.80 -29.25 -11.84
CA ALA G 240 27.32 -27.92 -11.47
C ALA G 240 27.71 -26.90 -12.55
N VAL G 241 28.92 -27.04 -13.10
CA VAL G 241 29.36 -26.20 -14.20
C VAL G 241 28.47 -26.37 -15.43
N VAL G 242 28.23 -27.61 -15.83
CA VAL G 242 27.31 -27.88 -16.96
C VAL G 242 25.92 -27.28 -16.68
N TRP G 243 25.38 -27.53 -15.49
CA TRP G 243 24.06 -27.02 -15.15
C TRP G 243 24.05 -25.51 -15.34
N LEU G 244 25.07 -24.84 -14.80
CA LEU G 244 25.16 -23.36 -14.88
C LEU G 244 25.30 -22.86 -16.33
N ALA G 245 25.92 -23.67 -17.19
CA ALA G 245 26.15 -23.30 -18.55
C ALA G 245 24.85 -23.37 -19.36
N SER G 246 23.95 -24.26 -18.93
CA SER G 246 22.72 -24.61 -19.65
C SER G 246 21.56 -23.69 -19.42
N ASP G 247 20.48 -23.93 -20.13
CA ASP G 247 19.26 -23.12 -19.95
C ASP G 247 18.41 -23.51 -18.75
N ALA G 248 18.77 -24.60 -18.10
CA ALA G 248 18.22 -24.92 -16.79
C ALA G 248 18.69 -23.93 -15.68
N ALA G 249 19.59 -23.02 -16.04
CA ALA G 249 20.14 -22.01 -15.13
C ALA G 249 19.93 -20.58 -15.71
N SER G 250 18.90 -20.43 -16.53
CA SER G 250 18.71 -19.19 -17.26
C SER G 250 18.40 -17.98 -16.36
N MET G 251 17.85 -18.15 -15.15
CA MET G 251 17.77 -17.01 -14.18
C MET G 251 18.87 -16.96 -13.15
N ILE G 252 19.85 -17.83 -13.21
CA ILE G 252 20.87 -17.90 -12.16
C ILE G 252 22.01 -16.95 -12.50
N ASN G 253 22.29 -16.01 -11.61
CA ASN G 253 23.26 -14.92 -11.88
C ASN G 253 23.77 -14.34 -10.59
N GLY G 254 25.08 -14.34 -10.43
CA GLY G 254 25.69 -13.79 -9.23
C GLY G 254 25.65 -14.72 -8.04
N VAL G 255 25.63 -16.01 -8.31
CA VAL G 255 25.44 -16.98 -7.26
C VAL G 255 26.72 -17.79 -7.05
N ASP G 256 27.04 -18.05 -5.78
CA ASP G 256 28.08 -19.02 -5.42
C ASP G 256 27.42 -20.35 -5.15
N ILE G 257 27.82 -21.43 -5.83
CA ILE G 257 27.30 -22.74 -5.52
C ILE G 257 28.33 -23.55 -4.75
N PRO G 258 28.13 -23.72 -3.45
CA PRO G 258 29.09 -24.57 -2.78
C PRO G 258 28.86 -25.97 -3.17
N VAL G 259 29.95 -26.69 -3.42
CA VAL G 259 29.89 -28.09 -3.72
C VAL G 259 30.64 -28.75 -2.60
N ASP G 260 30.01 -28.80 -1.44
CA ASP G 260 30.75 -29.13 -0.21
C ASP G 260 30.04 -29.99 0.82
N GLY G 261 28.90 -30.58 0.47
CA GLY G 261 28.22 -31.47 1.40
C GLY G 261 27.71 -30.81 2.70
N GLY G 262 27.73 -29.48 2.72
CA GLY G 262 27.24 -28.69 3.85
C GLY G 262 28.28 -27.93 4.69
N TYR G 263 29.55 -28.02 4.32
CA TYR G 263 30.63 -27.43 5.11
C TYR G 263 30.44 -25.92 5.33
N THR G 264 30.13 -25.17 4.27
CA THR G 264 30.08 -23.72 4.39
C THR G 264 28.84 -23.18 5.12
N MET G 265 27.96 -24.06 5.57
CA MET G 265 26.94 -23.65 6.55
C MET G 265 27.55 -23.19 7.85
N GLY G 266 28.75 -23.65 8.16
CA GLY G 266 29.34 -23.42 9.47
C GLY G 266 28.62 -24.23 10.54
N ASP H 10 33.55 -3.50 29.48
CA ASP H 10 33.66 -2.82 30.81
C ASP H 10 32.62 -1.64 31.15
N ARG H 11 33.02 -0.32 31.23
CA ARG H 11 32.13 0.88 31.69
C ARG H 11 31.94 2.12 30.73
N TYR H 12 30.87 2.84 30.99
CA TYR H 12 30.19 3.58 29.97
C TYR H 12 30.28 5.06 30.23
N ALA H 13 30.99 5.76 29.35
CA ALA H 13 31.16 7.21 29.52
C ALA H 13 31.30 7.88 28.16
N GLY H 14 31.37 9.20 28.15
CA GLY H 14 31.50 9.94 26.92
C GLY H 14 30.32 9.62 26.03
N VAL H 15 30.62 9.15 24.81
CA VAL H 15 29.62 8.81 23.82
C VAL H 15 28.83 7.55 24.22
N LEU H 16 29.33 6.72 25.14
CA LEU H 16 28.59 5.54 25.59
C LEU H 16 27.72 5.80 26.81
N ARG H 17 27.62 7.08 27.26
CA ARG H 17 26.51 7.51 28.17
C ARG H 17 25.17 7.41 27.44
N LEU H 18 24.13 7.03 28.19
CA LEU H 18 22.76 6.94 27.72
C LEU H 18 21.81 7.76 28.64
N ASP H 19 22.34 8.87 29.17
CA ASP H 19 21.64 9.74 30.11
C ASP H 19 20.38 10.19 29.45
N GLY H 20 19.25 9.94 30.09
CA GLY H 20 17.95 10.35 29.53
C GLY H 20 17.34 9.43 28.46
N LYS H 21 18.09 8.54 27.87
CA LYS H 21 17.50 7.58 26.93
C LYS H 21 16.51 6.66 27.64
N ARG H 22 15.35 6.45 27.00
CA ARG H 22 14.26 5.72 27.57
C ARG H 22 14.28 4.35 26.93
N ALA H 23 14.54 3.32 27.72
CA ALA H 23 14.79 2.00 27.14
C ALA H 23 13.88 0.93 27.71
N LEU H 24 13.22 0.16 26.83
CA LEU H 24 12.56 -1.08 27.23
C LEU H 24 13.52 -2.25 27.08
N ILE H 25 13.76 -2.95 28.18
CA ILE H 25 14.56 -4.16 28.16
C ILE H 25 13.61 -5.27 28.60
N THR H 26 13.47 -6.31 27.80
CA THR H 26 12.61 -7.45 28.13
C THR H 26 13.44 -8.57 28.73
N GLY H 27 12.77 -9.50 29.38
CA GLY H 27 13.45 -10.56 30.10
C GLY H 27 14.50 -10.04 31.05
N ALA H 28 14.18 -8.92 31.71
CA ALA H 28 15.15 -8.14 32.50
C ALA H 28 15.56 -8.69 33.86
N THR H 29 14.94 -9.75 34.37
CA THR H 29 15.28 -10.20 35.73
C THR H 29 16.19 -11.43 35.79
N LYS H 30 16.54 -12.02 34.63
CA LYS H 30 17.48 -13.17 34.63
C LYS H 30 18.53 -13.04 33.52
N GLY H 31 19.64 -13.77 33.68
CA GLY H 31 20.72 -13.81 32.70
C GLY H 31 21.00 -12.53 31.93
N ILE H 32 21.07 -12.67 30.60
CA ILE H 32 21.51 -11.61 29.71
C ILE H 32 20.76 -10.32 29.95
N GLY H 33 19.46 -10.40 30.10
CA GLY H 33 18.63 -9.21 30.27
C GLY H 33 18.97 -8.41 31.53
N ALA H 34 19.20 -9.12 32.63
CA ALA H 34 19.60 -8.47 33.89
C ALA H 34 20.91 -7.71 33.67
N ASP H 35 21.87 -8.37 33.04
CA ASP H 35 23.17 -7.76 32.82
C ASP H 35 23.10 -6.53 31.91
N ILE H 36 22.25 -6.59 30.89
CA ILE H 36 22.02 -5.43 30.02
C ILE H 36 21.34 -4.29 30.81
N ALA H 37 20.46 -4.68 31.73
CA ALA H 37 19.75 -3.75 32.54
C ALA H 37 20.71 -2.95 33.44
N ARG H 38 21.66 -3.63 34.07
CA ARG H 38 22.69 -2.96 34.89
C ARG H 38 23.48 -2.01 34.05
N ALA H 39 23.93 -2.51 32.92
CA ALA H 39 24.77 -1.79 32.02
C ALA H 39 24.10 -0.47 31.65
N PHE H 40 22.86 -0.55 31.22
CA PHE H 40 22.11 0.65 30.87
C PHE H 40 21.92 1.57 32.08
N ALA H 41 21.66 0.98 33.24
CA ALA H 41 21.49 1.77 34.48
C ALA H 41 22.75 2.55 34.76
N ALA H 42 23.87 1.84 34.72
CA ALA H 42 25.20 2.42 34.97
C ALA H 42 25.54 3.49 33.94
N ALA H 43 24.99 3.33 32.73
CA ALA H 43 25.23 4.21 31.63
C ALA H 43 24.33 5.42 31.67
N GLY H 44 23.36 5.43 32.61
CA GLY H 44 22.49 6.61 32.89
C GLY H 44 21.12 6.60 32.25
N ALA H 45 20.70 5.45 31.72
CA ALA H 45 19.37 5.35 31.09
C ALA H 45 18.25 5.28 32.13
N ARG H 46 17.05 5.57 31.66
CA ARG H 46 15.83 5.46 32.42
C ARG H 46 15.25 4.22 31.86
N LEU H 47 14.78 3.31 32.71
CA LEU H 47 14.44 1.96 32.27
C LEU H 47 12.93 1.61 32.40
N VAL H 48 12.42 0.90 31.38
CA VAL H 48 11.19 0.14 31.50
C VAL H 48 11.60 -1.33 31.42
N LEU H 49 11.24 -2.11 32.42
CA LEU H 49 11.68 -3.49 32.54
C LEU H 49 10.48 -4.39 32.62
N SER H 50 10.44 -5.41 31.78
CA SER H 50 9.32 -6.32 31.73
C SER H 50 9.77 -7.72 32.09
N GLY H 51 8.86 -8.52 32.62
CA GLY H 51 9.15 -9.92 32.91
C GLY H 51 7.93 -10.66 33.43
N ARG H 52 8.15 -11.88 33.92
CA ARG H 52 7.09 -12.72 34.46
C ARG H 52 6.88 -12.59 36.01
N ASP H 53 7.96 -12.63 36.78
CA ASP H 53 7.86 -12.64 38.25
C ASP H 53 7.80 -11.21 38.83
N VAL H 54 6.73 -10.95 39.57
CA VAL H 54 6.45 -9.62 40.12
C VAL H 54 7.53 -9.19 41.14
N SER H 55 7.79 -10.08 42.10
CA SER H 55 8.82 -9.89 43.12
C SER H 55 10.18 -9.57 42.51
N GLU H 56 10.61 -10.38 41.55
CA GLU H 56 11.92 -10.14 40.93
C GLU H 56 12.02 -8.75 40.31
N LEU H 57 10.93 -8.31 39.66
CA LEU H 57 10.83 -6.96 39.06
C LEU H 57 10.86 -5.86 40.13
N ASP H 58 10.18 -6.11 41.24
CA ASP H 58 10.22 -5.17 42.37
C ASP H 58 11.64 -5.08 42.85
N ALA H 59 12.25 -6.25 43.07
CA ALA H 59 13.63 -6.35 43.54
C ALA H 59 14.57 -5.62 42.59
N ALA H 60 14.39 -5.83 41.29
CA ALA H 60 15.20 -5.16 40.30
C ALA H 60 14.97 -3.63 40.29
N ARG H 61 13.74 -3.17 40.48
CA ARG H 61 13.52 -1.73 40.64
C ARG H 61 14.30 -1.17 41.83
N ARG H 62 14.26 -1.89 42.95
CA ARG H 62 14.93 -1.42 44.16
C ARG H 62 16.44 -1.41 43.99
N ALA H 63 16.99 -2.52 43.51
CA ALA H 63 18.44 -2.66 43.38
C ALA H 63 19.02 -1.56 42.52
N LEU H 64 18.46 -1.37 41.33
CA LEU H 64 18.97 -0.38 40.34
C LEU H 64 18.82 1.09 40.79
N GLY H 65 17.71 1.41 41.46
CA GLY H 65 17.52 2.74 42.00
C GLY H 65 18.55 3.10 43.05
N GLU H 66 18.97 2.09 43.83
CA GLU H 66 19.90 2.33 44.95
C GLU H 66 21.34 2.45 44.47
N GLN H 67 21.76 1.59 43.55
CA GLN H 67 23.12 1.67 42.99
C GLN H 67 23.34 2.85 42.07
N PHE H 68 22.35 3.15 41.23
CA PHE H 68 22.56 4.06 40.11
C PHE H 68 21.61 5.24 40.08
N GLY H 69 20.61 5.26 40.96
CA GLY H 69 19.58 6.32 41.00
C GLY H 69 18.67 6.31 39.79
N THR H 70 18.46 5.12 39.22
CA THR H 70 17.72 4.93 37.98
C THR H 70 16.19 4.95 38.19
N ASP H 71 15.50 5.72 37.35
CA ASP H 71 14.03 5.67 37.30
C ASP H 71 13.68 4.40 36.52
N VAL H 72 12.88 3.52 37.13
CA VAL H 72 12.56 2.23 36.55
C VAL H 72 11.06 1.96 36.62
N HIS H 73 10.47 1.58 35.48
CA HIS H 73 9.05 1.20 35.44
C HIS H 73 8.96 -0.23 35.06
N THR H 74 8.33 -1.01 35.91
CA THR H 74 8.21 -2.43 35.66
C THR H 74 6.82 -2.75 35.06
N VAL H 75 6.81 -3.71 34.14
CA VAL H 75 5.59 -4.22 33.55
C VAL H 75 5.60 -5.75 33.69
N ALA H 76 4.86 -6.23 34.66
CA ALA H 76 4.69 -7.68 34.89
C ALA H 76 3.67 -8.22 33.93
N ILE H 77 4.11 -9.08 33.02
CA ILE H 77 3.22 -9.54 31.94
C ILE H 77 3.73 -10.84 31.28
N ASP H 78 2.78 -11.65 30.81
CA ASP H 78 3.12 -12.86 30.07
C ASP H 78 2.76 -12.59 28.61
N LEU H 79 3.76 -12.58 27.75
CA LEU H 79 3.58 -12.10 26.37
C LEU H 79 2.78 -13.05 25.46
N ALA H 80 2.56 -14.29 25.90
CA ALA H 80 1.71 -15.23 25.13
C ALA H 80 0.24 -14.81 25.19
N GLU H 81 -0.15 -14.10 26.25
CA GLU H 81 -1.54 -13.57 26.36
C GLU H 81 -1.98 -12.77 25.09
N PRO H 82 -3.30 -12.57 24.95
CA PRO H 82 -4.00 -11.95 23.81
C PRO H 82 -3.63 -10.47 23.61
N ASP H 83 -2.80 -10.18 22.61
CA ASP H 83 -2.39 -8.78 22.30
C ASP H 83 -1.42 -8.17 23.36
N ALA H 84 -0.74 -9.03 24.13
CA ALA H 84 0.22 -8.60 25.15
C ALA H 84 1.41 -7.80 24.58
N PRO H 85 1.96 -8.21 23.44
CA PRO H 85 3.06 -7.45 22.91
C PRO H 85 2.72 -6.00 22.65
N ALA H 86 1.56 -5.74 22.06
CA ALA H 86 1.12 -4.35 21.80
C ALA H 86 0.85 -3.63 23.10
N GLU H 87 0.40 -4.37 24.11
CA GLU H 87 0.10 -3.80 25.40
C GLU H 87 1.41 -3.38 26.08
N LEU H 88 2.43 -4.24 25.96
CA LEU H 88 3.72 -3.94 26.52
C LEU H 88 4.31 -2.73 25.83
N ALA H 89 4.25 -2.70 24.49
CA ALA H 89 4.71 -1.52 23.76
C ALA H 89 4.06 -0.23 24.29
N ARG H 90 2.74 -0.25 24.38
CA ARG H 90 1.96 0.87 24.85
C ARG H 90 2.40 1.31 26.24
N ARG H 91 2.46 0.37 27.17
CA ARG H 91 2.76 0.72 28.57
C ARG H 91 4.20 1.20 28.76
N ALA H 92 5.14 0.58 28.05
CA ALA H 92 6.54 0.97 28.06
C ALA H 92 6.75 2.39 27.51
N ALA H 93 6.07 2.73 26.41
CA ALA H 93 6.18 4.06 25.78
C ALA H 93 5.57 5.15 26.64
N GLU H 94 4.43 4.88 27.24
CA GLU H 94 3.78 5.86 28.11
C GLU H 94 4.52 6.15 29.39
N ALA H 95 5.32 5.17 29.84
CA ALA H 95 6.05 5.26 31.12
C ALA H 95 6.80 6.58 31.26
N PHE H 96 7.56 6.94 30.24
CA PHE H 96 8.24 8.24 30.21
C PHE H 96 8.00 9.05 28.92
N GLY H 97 6.81 8.95 28.32
CA GLY H 97 6.44 9.81 27.18
C GLY H 97 7.05 9.44 25.84
N GLY H 98 7.44 8.17 25.71
CA GLY H 98 8.07 7.65 24.50
C GLY H 98 9.26 6.77 24.79
N LEU H 99 9.64 5.96 23.79
CA LEU H 99 10.81 5.07 23.91
C LEU H 99 11.87 5.47 22.89
N ASP H 100 13.14 5.46 23.33
CA ASP H 100 14.31 5.72 22.47
C ASP H 100 15.02 4.42 22.06
N VAL H 101 14.93 3.39 22.92
CA VAL H 101 15.61 2.14 22.72
C VAL H 101 14.75 0.97 23.15
N LEU H 102 14.69 -0.05 22.30
CA LEU H 102 14.13 -1.34 22.67
C LEU H 102 15.27 -2.34 22.62
N VAL H 103 15.43 -3.07 23.72
CA VAL H 103 16.31 -4.20 23.77
C VAL H 103 15.43 -5.44 23.81
N ASN H 104 15.30 -6.06 22.65
CA ASN H 104 14.34 -7.14 22.43
C ASN H 104 14.96 -8.49 22.82
N ASN H 105 14.79 -8.84 24.08
CA ASN H 105 15.51 -9.94 24.72
C ASN H 105 14.56 -11.04 25.21
N ALA H 106 14.63 -12.17 24.52
CA ALA H 106 13.86 -13.35 24.90
C ALA H 106 14.70 -14.55 24.53
N GLY H 107 14.36 -15.69 25.12
CA GLY H 107 14.94 -16.97 24.71
C GLY H 107 14.52 -18.16 25.59
N ILE H 108 14.02 -19.23 24.95
CA ILE H 108 13.94 -20.55 25.59
C ILE H 108 14.49 -21.53 24.58
N SER H 109 14.92 -22.69 25.07
CA SER H 109 15.57 -23.69 24.21
C SER H 109 15.18 -25.08 24.69
N HIS H 110 14.66 -25.89 23.76
CA HIS H 110 14.25 -27.27 23.99
C HIS H 110 14.98 -28.17 23.03
N PRO H 111 16.24 -28.48 23.33
CA PRO H 111 17.06 -29.26 22.39
C PRO H 111 16.62 -30.69 22.21
N GLN H 112 16.64 -31.13 20.97
CA GLN H 112 16.33 -32.52 20.65
C GLN H 112 16.67 -32.73 19.17
N PRO H 113 17.03 -33.97 18.81
CA PRO H 113 17.27 -34.22 17.39
C PRO H 113 16.13 -33.79 16.48
N VAL H 114 16.46 -33.47 15.23
CA VAL H 114 15.48 -33.02 14.26
C VAL H 114 14.39 -34.10 14.03
N VAL H 115 14.79 -35.38 13.94
CA VAL H 115 13.80 -36.44 13.73
C VAL H 115 12.82 -36.56 14.93
N ASP H 116 13.24 -36.13 16.11
CA ASP H 116 12.38 -36.19 17.31
C ASP H 116 11.59 -34.92 17.63
N THR H 117 11.55 -33.99 16.69
CA THR H 117 10.99 -32.70 17.00
C THR H 117 9.57 -32.92 17.53
N ASP H 118 9.33 -32.44 18.76
CA ASP H 118 7.98 -32.45 19.32
C ASP H 118 7.30 -31.14 18.91
N PRO H 119 6.07 -31.21 18.35
CA PRO H 119 5.41 -29.98 17.88
C PRO H 119 5.04 -28.95 18.97
N GLN H 120 4.73 -29.41 20.17
CA GLN H 120 4.41 -28.47 21.26
C GLN H 120 5.67 -27.70 21.62
N LEU H 121 6.80 -28.40 21.69
CA LEU H 121 8.07 -27.75 22.04
C LEU H 121 8.53 -26.81 20.89
N PHE H 122 8.31 -27.22 19.65
CA PHE H 122 8.57 -26.38 18.49
C PHE H 122 7.75 -25.08 18.59
N ASP H 123 6.48 -25.20 18.95
CA ASP H 123 5.58 -24.06 18.95
C ASP H 123 5.93 -23.15 20.10
N ALA H 124 6.31 -23.74 21.24
CA ALA H 124 6.66 -22.91 22.39
C ALA H 124 7.88 -22.04 21.99
N THR H 125 8.94 -22.67 21.48
CA THR H 125 10.10 -21.97 20.98
C THR H 125 9.74 -20.81 20.01
N ILE H 126 9.01 -21.08 18.91
CA ILE H 126 8.65 -20.02 17.98
C ILE H 126 7.92 -18.90 18.70
N ALA H 127 7.11 -19.27 19.69
CA ALA H 127 6.23 -18.34 20.39
C ALA H 127 7.03 -17.36 21.22
N VAL H 128 8.00 -17.89 21.98
CA VAL H 128 8.82 -17.04 22.87
C VAL H 128 9.97 -16.33 22.13
N ASN H 129 10.66 -17.03 21.23
CA ASN H 129 11.89 -16.50 20.60
C ASN H 129 11.57 -15.61 19.39
N LEU H 130 10.48 -15.90 18.70
CA LEU H 130 10.15 -15.23 17.45
C LEU H 130 8.89 -14.37 17.49
N ARG H 131 7.76 -14.99 17.83
CA ARG H 131 6.48 -14.32 17.67
C ARG H 131 6.34 -13.09 18.57
N ALA H 132 6.51 -13.28 19.86
CA ALA H 132 6.31 -12.21 20.84
C ALA H 132 7.25 -10.99 20.58
N PRO H 133 8.53 -11.24 20.25
CA PRO H 133 9.48 -10.17 19.98
C PRO H 133 9.16 -9.46 18.68
N ALA H 134 8.82 -10.24 17.64
CA ALA H 134 8.49 -9.67 16.35
C ALA H 134 7.34 -8.67 16.52
N LEU H 135 6.31 -9.07 17.24
CA LEU H 135 5.13 -8.24 17.37
C LEU H 135 5.36 -7.10 18.35
N LEU H 136 6.18 -7.32 19.38
CA LEU H 136 6.58 -6.22 20.27
C LEU H 136 7.33 -5.11 19.52
N ALA H 137 8.28 -5.50 18.66
CA ALA H 137 9.12 -4.58 17.87
C ALA H 137 8.34 -3.78 16.82
N SER H 138 7.37 -4.40 16.18
CA SER H 138 6.57 -3.67 15.18
C SER H 138 5.75 -2.54 15.85
N ALA H 139 5.18 -2.88 17.01
CA ALA H 139 4.44 -1.94 17.84
C ALA H 139 5.32 -0.86 18.41
N VAL H 140 6.46 -1.27 18.97
CA VAL H 140 7.43 -0.26 19.44
C VAL H 140 7.79 0.67 18.25
N GLY H 141 8.06 0.06 17.08
CA GLY H 141 8.38 0.80 15.87
C GLY H 141 7.35 1.83 15.45
N LYS H 142 6.10 1.44 15.45
CA LYS H 142 5.00 2.37 15.15
C LYS H 142 5.06 3.59 16.08
N ALA H 143 5.15 3.32 17.37
CA ALA H 143 5.21 4.37 18.37
C ALA H 143 6.42 5.29 18.11
N MET H 144 7.56 4.69 17.77
CA MET H 144 8.77 5.45 17.43
C MET H 144 8.66 6.28 16.15
N VAL H 145 8.05 5.72 15.10
CA VAL H 145 7.76 6.49 13.89
C VAL H 145 6.84 7.67 14.20
N ALA H 146 5.77 7.46 14.97
CA ALA H 146 4.81 8.57 15.28
C ALA H 146 5.42 9.70 16.11
N ALA H 147 6.24 9.34 17.11
CA ALA H 147 6.86 10.35 17.99
C ALA H 147 7.87 11.17 17.22
N GLY H 148 8.51 10.59 16.19
CA GLY H 148 9.40 11.38 15.30
C GLY H 148 10.81 11.72 15.82
N GLU H 149 11.31 10.90 16.73
CA GLU H 149 12.59 11.22 17.36
C GLU H 149 13.63 10.15 17.13
N GLY H 150 13.43 9.36 16.07
CA GLY H 150 14.35 8.31 15.73
C GLY H 150 14.23 7.20 16.77
N GLY H 151 15.21 6.31 16.80
CA GLY H 151 15.18 5.24 17.78
C GLY H 151 16.09 4.11 17.42
N ALA H 152 16.35 3.27 18.42
CA ALA H 152 17.27 2.17 18.28
C ALA H 152 16.54 0.98 18.78
N ILE H 153 16.56 -0.07 17.96
CA ILE H 153 16.04 -1.37 18.31
C ILE H 153 17.20 -2.34 18.25
N ILE H 154 17.34 -3.15 19.30
CA ILE H 154 18.46 -4.06 19.38
C ILE H 154 17.96 -5.44 19.77
N THR H 155 18.13 -6.37 18.84
CA THR H 155 17.65 -7.69 19.02
C THR H 155 18.73 -8.56 19.63
N VAL H 156 18.39 -9.32 20.66
CA VAL H 156 19.34 -10.26 21.23
C VAL H 156 19.07 -11.60 20.59
N ALA H 157 19.84 -11.93 19.57
CA ALA H 157 19.64 -13.15 18.80
C ALA H 157 20.62 -14.22 19.30
N SER H 158 21.31 -14.88 18.38
CA SER H 158 22.26 -15.93 18.70
C SER H 158 23.14 -16.17 17.49
N ALA H 159 24.34 -16.68 17.74
CA ALA H 159 25.16 -17.28 16.68
C ALA H 159 24.33 -18.34 15.94
N ALA H 160 23.39 -18.94 16.66
CA ALA H 160 22.54 -20.03 16.16
C ALA H 160 21.49 -19.54 15.15
N ALA H 161 21.33 -18.21 15.08
CA ALA H 161 20.60 -17.54 14.04
C ALA H 161 21.40 -17.63 12.77
N LEU H 162 22.70 -17.67 12.92
CA LEU H 162 23.55 -17.54 11.78
C LEU H 162 24.04 -18.89 11.27
N ALA H 163 24.01 -19.92 12.11
CA ALA H 163 24.56 -21.19 11.70
C ALA H 163 23.81 -22.28 12.41
N PRO H 164 23.51 -23.35 11.70
CA PRO H 164 22.73 -24.42 12.28
C PRO H 164 23.55 -25.12 13.32
N LEU H 165 22.87 -25.61 14.35
CA LEU H 165 23.49 -26.32 15.46
C LEU H 165 22.71 -27.62 15.65
N PRO H 166 23.41 -28.77 15.76
CA PRO H 166 22.69 -29.99 16.07
C PRO H 166 21.82 -29.82 17.29
N ASP H 167 20.62 -30.43 17.24
CA ASP H 167 19.58 -30.39 18.32
C ASP H 167 18.84 -29.06 18.46
N HIS H 168 19.04 -28.13 17.54
CA HIS H 168 18.48 -26.81 17.71
C HIS H 168 17.61 -26.40 16.56
N TYR H 169 16.90 -27.37 15.99
CA TYR H 169 15.92 -27.12 14.93
C TYR H 169 15.06 -25.87 15.17
N ALA H 170 14.28 -25.86 16.25
CA ALA H 170 13.34 -24.80 16.53
C ALA H 170 14.05 -23.49 16.94
N TYR H 171 15.10 -23.65 17.77
CA TYR H 171 15.85 -22.53 18.28
C TYR H 171 16.49 -21.78 17.12
N CYS H 172 17.33 -22.50 16.35
CA CYS H 172 17.97 -21.88 15.20
C CYS H 172 16.93 -21.21 14.29
N THR H 173 15.85 -21.93 14.02
CA THR H 173 14.82 -21.40 13.16
C THR H 173 14.24 -20.10 13.72
N SER H 174 13.88 -20.13 15.00
CA SER H 174 13.22 -18.99 15.65
C SER H 174 14.09 -17.73 15.59
N LYS H 175 15.36 -17.92 15.93
CA LYS H 175 16.33 -16.87 15.98
C LYS H 175 16.70 -16.32 14.59
N ALA H 176 16.78 -17.21 13.60
CA ALA H 176 17.04 -16.81 12.23
C ALA H 176 15.86 -15.95 11.72
N GLY H 177 14.65 -16.36 12.08
CA GLY H 177 13.47 -15.57 11.79
C GLY H 177 13.53 -14.18 12.42
N LEU H 178 13.86 -14.10 13.70
CA LEU H 178 13.93 -12.80 14.39
C LEU H 178 14.99 -11.90 13.75
N VAL H 179 16.12 -12.48 13.37
CA VAL H 179 17.14 -11.74 12.67
C VAL H 179 16.68 -11.09 11.36
N MET H 180 15.85 -11.78 10.56
CA MET H 180 15.28 -11.16 9.37
C MET H 180 14.24 -10.10 9.73
N ALA H 181 13.43 -10.42 10.71
CA ALA H 181 12.42 -9.46 11.20
C ALA H 181 13.12 -8.12 11.49
N THR H 182 14.27 -8.20 12.15
CA THR H 182 15.06 -6.99 12.48
C THR H 182 15.52 -6.23 11.24
N LYS H 183 15.87 -6.95 10.17
CA LYS H 183 16.30 -6.29 8.95
C LYS H 183 15.18 -5.63 8.20
N VAL H 184 13.98 -6.22 8.23
CA VAL H 184 12.82 -5.57 7.65
C VAL H 184 12.57 -4.24 8.38
N LEU H 185 12.69 -4.25 9.71
CA LEU H 185 12.57 -3.02 10.51
C LEU H 185 13.59 -1.97 10.05
N ALA H 186 14.85 -2.45 9.86
CA ALA H 186 15.97 -1.61 9.43
C ALA H 186 15.71 -0.98 8.06
N ARG H 187 15.14 -1.76 7.15
CA ARG H 187 14.86 -1.29 5.80
C ARG H 187 13.71 -0.26 5.82
N GLU H 188 12.64 -0.59 6.52
CA GLU H 188 11.42 0.21 6.56
C GLU H 188 11.48 1.46 7.45
N LEU H 189 12.13 1.33 8.60
CA LEU H 189 12.13 2.36 9.62
C LEU H 189 13.42 3.15 9.62
N GLY H 190 14.44 2.71 8.89
CA GLY H 190 15.64 3.49 8.65
C GLY H 190 15.31 4.87 8.09
N PRO H 191 14.39 4.95 7.13
CA PRO H 191 14.16 6.31 6.59
C PRO H 191 13.67 7.27 7.67
N HIS H 192 13.21 6.71 8.81
CA HIS H 192 12.71 7.54 9.91
C HIS H 192 13.77 7.80 10.93
N GLY H 193 15.00 7.38 10.64
CA GLY H 193 16.10 7.55 11.57
C GLY H 193 16.06 6.52 12.68
N ILE H 194 15.28 5.45 12.50
CA ILE H 194 15.26 4.32 13.45
C ILE H 194 16.23 3.22 12.97
N ARG H 195 17.18 2.83 13.84
CA ARG H 195 18.14 1.77 13.48
C ARG H 195 17.79 0.48 14.23
N ALA H 196 17.86 -0.65 13.52
CA ALA H 196 17.55 -1.97 14.10
C ALA H 196 18.73 -2.84 13.78
N ASN H 197 19.28 -3.52 14.80
CA ASN H 197 20.42 -4.39 14.64
C ASN H 197 20.28 -5.57 15.61
N SER H 198 20.99 -6.67 15.33
CA SER H 198 21.07 -7.82 16.23
C SER H 198 22.45 -8.03 16.78
N VAL H 199 22.53 -8.40 18.06
CA VAL H 199 23.73 -9.06 18.56
C VAL H 199 23.46 -10.59 18.63
N CYS H 200 24.45 -11.37 18.18
CA CYS H 200 24.35 -12.79 17.97
C CYS H 200 25.43 -13.56 18.79
N PRO H 201 25.23 -13.67 20.08
CA PRO H 201 26.31 -14.29 20.85
C PRO H 201 26.39 -15.80 20.72
N THR H 202 27.58 -16.33 20.91
CA THR H 202 27.75 -17.77 21.21
C THR H 202 27.20 -18.06 22.63
N VAL H 203 27.46 -19.26 23.15
CA VAL H 203 27.10 -19.56 24.53
C VAL H 203 27.57 -18.43 25.42
N VAL H 204 26.67 -17.88 26.23
CA VAL H 204 27.06 -16.85 27.21
C VAL H 204 26.97 -17.43 28.62
N LEU H 205 28.04 -17.27 29.40
CA LEU H 205 28.12 -17.87 30.76
C LEU H 205 27.41 -16.99 31.80
N THR H 206 26.08 -16.93 31.69
CA THR H 206 25.18 -16.48 32.77
C THR H 206 25.14 -17.62 33.80
N GLU H 207 24.38 -17.48 34.88
CA GLU H 207 24.28 -18.59 35.84
C GLU H 207 23.76 -19.85 35.12
N MET H 208 22.72 -19.69 34.29
CA MET H 208 22.11 -20.82 33.59
C MET H 208 23.03 -21.37 32.48
N GLY H 209 23.80 -20.50 31.84
CA GLY H 209 24.75 -20.95 30.80
C GLY H 209 25.90 -21.75 31.38
N GLN H 210 26.29 -21.40 32.58
CA GLN H 210 27.34 -22.09 33.28
C GLN H 210 26.83 -23.49 33.74
N ARG H 211 25.52 -23.65 33.98
CA ARG H 211 24.99 -24.97 34.34
C ARG H 211 24.95 -25.86 33.10
N VAL H 212 24.26 -25.41 32.06
CA VAL H 212 24.10 -26.20 30.83
C VAL H 212 25.45 -26.63 30.18
N TRP H 213 26.34 -25.66 29.95
CA TRP H 213 27.58 -25.85 29.18
C TRP H 213 28.82 -25.96 30.01
N GLY H 214 28.66 -26.03 31.32
CA GLY H 214 29.81 -26.00 32.25
C GLY H 214 30.79 -27.14 32.13
N ASP H 215 30.31 -28.33 31.76
CA ASP H 215 31.17 -29.52 31.63
C ASP H 215 32.23 -29.34 30.51
N GLU H 216 33.50 -29.61 30.83
CA GLU H 216 34.61 -29.47 29.86
C GLU H 216 34.45 -30.43 28.68
N ALA H 217 34.04 -31.67 28.95
CA ALA H 217 33.86 -32.69 27.91
C ALA H 217 32.75 -32.31 26.94
N LYS H 218 31.58 -31.93 27.47
CA LYS H 218 30.42 -31.57 26.62
C LYS H 218 30.74 -30.40 25.69
N SER H 219 31.36 -29.36 26.23
CA SER H 219 31.52 -28.09 25.53
C SER H 219 32.85 -27.95 24.75
N ALA H 220 33.73 -28.93 24.91
CA ALA H 220 35.02 -28.97 24.20
C ALA H 220 34.87 -28.81 22.69
N PRO H 221 33.97 -29.58 22.05
CA PRO H 221 33.79 -29.47 20.59
C PRO H 221 33.32 -28.09 20.17
N MET H 222 32.42 -27.52 20.97
CA MET H 222 31.97 -26.14 20.74
C MET H 222 33.13 -25.14 20.89
N ILE H 223 33.93 -25.30 21.95
CA ILE H 223 35.07 -24.41 22.19
C ILE H 223 36.04 -24.44 21.02
N ALA H 224 36.33 -25.67 20.55
CA ALA H 224 37.18 -25.89 19.39
C ALA H 224 36.81 -25.04 18.18
N ARG H 225 35.53 -24.68 18.04
CA ARG H 225 35.04 -23.93 16.88
C ARG H 225 35.18 -22.41 17.07
N ILE H 226 35.60 -22.02 18.26
CA ILE H 226 35.79 -20.62 18.67
C ILE H 226 37.29 -20.28 18.77
N PRO H 227 37.82 -19.50 17.77
CA PRO H 227 39.25 -19.18 17.81
C PRO H 227 39.72 -18.54 19.12
N LEU H 228 38.91 -17.67 19.75
CA LEU H 228 39.34 -17.06 21.01
C LEU H 228 39.43 -18.10 22.15
N GLY H 229 38.82 -19.27 21.97
CA GLY H 229 39.02 -20.41 22.88
C GLY H 229 38.29 -20.31 24.20
N ARG H 230 37.12 -19.68 24.16
CA ARG H 230 36.25 -19.50 25.33
C ARG H 230 34.85 -19.02 24.89
N PHE H 231 33.88 -19.14 25.79
CA PHE H 231 32.55 -18.61 25.59
C PHE H 231 32.52 -17.12 25.94
N ALA H 232 31.39 -16.46 25.73
CA ALA H 232 31.28 -15.05 26.13
C ALA H 232 30.85 -14.98 27.59
N VAL H 233 31.23 -13.90 28.26
CA VAL H 233 30.64 -13.55 29.57
C VAL H 233 29.57 -12.47 29.29
N PRO H 234 28.61 -12.28 30.21
CA PRO H 234 27.47 -11.36 29.95
C PRO H 234 27.79 -9.90 29.60
N HIS H 235 28.80 -9.31 30.22
CA HIS H 235 29.05 -7.89 29.92
C HIS H 235 29.55 -7.69 28.49
N GLU H 236 30.00 -8.77 27.87
CA GLU H 236 30.49 -8.68 26.50
C GLU H 236 29.30 -8.49 25.51
N VAL H 237 28.18 -9.15 25.83
CA VAL H 237 26.92 -8.94 25.10
C VAL H 237 26.47 -7.52 25.46
N SER H 238 26.37 -7.22 26.76
CA SER H 238 25.92 -5.86 27.21
C SER H 238 26.70 -4.76 26.53
N ASP H 239 27.98 -4.99 26.35
CA ASP H 239 28.88 -3.99 25.75
C ASP H 239 28.44 -3.66 24.33
N ALA H 240 28.22 -4.72 23.55
CA ALA H 240 27.78 -4.58 22.15
C ALA H 240 26.45 -3.81 22.07
N VAL H 241 25.56 -4.14 23.00
CA VAL H 241 24.22 -3.54 23.07
C VAL H 241 24.30 -2.05 23.41
N VAL H 242 25.13 -1.71 24.41
CA VAL H 242 25.29 -0.30 24.74
C VAL H 242 25.85 0.45 23.54
N TRP H 243 26.82 -0.14 22.85
CA TRP H 243 27.41 0.52 21.69
C TRP H 243 26.35 0.77 20.58
N LEU H 244 25.58 -0.25 20.23
CA LEU H 244 24.49 -0.13 19.22
C LEU H 244 23.44 0.96 19.54
N ALA H 245 23.20 1.19 20.84
CA ALA H 245 22.22 2.16 21.31
C ALA H 245 22.79 3.56 21.34
N SER H 246 24.12 3.67 21.33
CA SER H 246 24.84 4.98 21.46
C SER H 246 25.00 5.74 20.14
N ASP H 247 25.42 6.99 20.21
CA ASP H 247 25.73 7.75 18.98
C ASP H 247 27.02 7.31 18.27
N ALA H 248 27.77 6.42 18.92
CA ALA H 248 28.93 5.76 18.32
C ALA H 248 28.56 4.70 17.26
N ALA H 249 27.26 4.38 17.13
CA ALA H 249 26.74 3.52 16.05
C ALA H 249 25.65 4.19 15.20
N SER H 250 25.74 5.51 15.06
CA SER H 250 24.71 6.33 14.42
C SER H 250 24.47 5.99 12.92
N MET H 251 25.44 5.34 12.29
CA MET H 251 25.28 4.86 10.93
C MET H 251 25.06 3.34 10.85
N ILE H 252 25.01 2.66 11.99
CA ILE H 252 24.87 1.18 11.97
C ILE H 252 23.41 0.72 11.91
N ASN H 253 23.04 0.04 10.84
CA ASN H 253 21.65 -0.35 10.61
C ASN H 253 21.57 -1.67 9.85
N GLY H 254 20.68 -2.54 10.28
CA GLY H 254 20.50 -3.81 9.63
C GLY H 254 21.68 -4.71 9.73
N VAL H 255 22.51 -4.53 10.75
CA VAL H 255 23.72 -5.33 10.92
C VAL H 255 23.52 -6.41 12.01
N ASP H 256 24.11 -7.57 11.80
CA ASP H 256 24.19 -8.64 12.81
C ASP H 256 25.61 -8.61 13.38
N ILE H 257 25.75 -8.37 14.70
CA ILE H 257 27.10 -8.41 15.37
C ILE H 257 27.28 -9.71 16.16
N PRO H 258 28.05 -10.65 15.62
CA PRO H 258 28.35 -11.86 16.40
C PRO H 258 29.27 -11.52 17.54
N VAL H 259 28.94 -12.07 18.71
CA VAL H 259 29.74 -11.95 19.90
C VAL H 259 30.14 -13.43 20.12
N ASP H 260 31.06 -13.88 19.26
CA ASP H 260 31.30 -15.31 19.17
C ASP H 260 32.77 -15.73 19.05
N GLY H 261 33.70 -14.78 19.16
CA GLY H 261 35.13 -15.07 19.13
C GLY H 261 35.66 -15.68 17.84
N GLY H 262 34.84 -15.62 16.78
CA GLY H 262 35.18 -16.13 15.46
C GLY H 262 34.35 -17.30 14.93
N TYR H 263 33.43 -17.83 15.74
CA TYR H 263 32.72 -19.06 15.41
C TYR H 263 32.07 -19.05 14.03
N THR H 264 31.24 -18.03 13.81
CA THR H 264 30.40 -17.96 12.63
C THR H 264 31.17 -17.59 11.39
N MET H 265 32.49 -17.47 11.47
CA MET H 265 33.32 -17.38 10.23
C MET H 265 33.20 -18.69 9.49
N GLY H 266 32.91 -19.75 10.25
CA GLY H 266 32.91 -21.08 9.70
C GLY H 266 34.33 -21.53 9.36
#